data_4Q63
# 
_entry.id   4Q63 
# 
_audit_conform.dict_name       mmcif_pdbx.dic 
_audit_conform.dict_version    5.397 
_audit_conform.dict_location   http://mmcif.pdb.org/dictionaries/ascii/mmcif_pdbx.dic 
# 
loop_
_database_2.database_id 
_database_2.database_code 
_database_2.pdbx_database_accession 
_database_2.pdbx_DOI 
PDB   4Q63         pdb_00004q63 10.2210/pdb4q63/pdb 
RCSB  RCSB085650   ?            ?                   
WWPDB D_1000085650 ?            ?                   
# 
loop_
_pdbx_audit_revision_history.ordinal 
_pdbx_audit_revision_history.data_content_type 
_pdbx_audit_revision_history.major_revision 
_pdbx_audit_revision_history.minor_revision 
_pdbx_audit_revision_history.revision_date 
1 'Structure model' 1 0 2014-05-07 
2 'Structure model' 1 1 2024-10-16 
# 
_pdbx_audit_revision_details.ordinal             1 
_pdbx_audit_revision_details.revision_ordinal    1 
_pdbx_audit_revision_details.data_content_type   'Structure model' 
_pdbx_audit_revision_details.provider            repository 
_pdbx_audit_revision_details.type                'Initial release' 
_pdbx_audit_revision_details.description         ? 
_pdbx_audit_revision_details.details             ? 
# 
loop_
_pdbx_audit_revision_group.ordinal 
_pdbx_audit_revision_group.revision_ordinal 
_pdbx_audit_revision_group.data_content_type 
_pdbx_audit_revision_group.group 
1 2 'Structure model' 'Data collection'      
2 2 'Structure model' 'Database references'  
3 2 'Structure model' 'Derived calculations' 
4 2 'Structure model' 'Structure summary'    
# 
loop_
_pdbx_audit_revision_category.ordinal 
_pdbx_audit_revision_category.revision_ordinal 
_pdbx_audit_revision_category.data_content_type 
_pdbx_audit_revision_category.category 
1 2 'Structure model' chem_comp_atom            
2 2 'Structure model' chem_comp_bond            
3 2 'Structure model' database_2                
4 2 'Structure model' pdbx_entry_details        
5 2 'Structure model' pdbx_modification_feature 
6 2 'Structure model' pdbx_struct_conn_angle    
7 2 'Structure model' struct_conn               
8 2 'Structure model' struct_ref_seq_dif        
9 2 'Structure model' struct_site               
# 
loop_
_pdbx_audit_revision_item.ordinal 
_pdbx_audit_revision_item.revision_ordinal 
_pdbx_audit_revision_item.data_content_type 
_pdbx_audit_revision_item.item 
1  2 'Structure model' '_database_2.pdbx_DOI'                        
2  2 'Structure model' '_database_2.pdbx_database_accession'         
3  2 'Structure model' '_pdbx_struct_conn_angle.ptnr1_auth_comp_id'  
4  2 'Structure model' '_pdbx_struct_conn_angle.ptnr1_auth_seq_id'   
5  2 'Structure model' '_pdbx_struct_conn_angle.ptnr1_label_asym_id' 
6  2 'Structure model' '_pdbx_struct_conn_angle.ptnr1_label_atom_id' 
7  2 'Structure model' '_pdbx_struct_conn_angle.ptnr1_label_comp_id' 
8  2 'Structure model' '_pdbx_struct_conn_angle.ptnr1_label_seq_id'  
9  2 'Structure model' '_pdbx_struct_conn_angle.ptnr2_auth_seq_id'   
10 2 'Structure model' '_pdbx_struct_conn_angle.ptnr2_label_asym_id' 
11 2 'Structure model' '_pdbx_struct_conn_angle.ptnr3_auth_comp_id'  
12 2 'Structure model' '_pdbx_struct_conn_angle.ptnr3_auth_seq_id'   
13 2 'Structure model' '_pdbx_struct_conn_angle.ptnr3_label_asym_id' 
14 2 'Structure model' '_pdbx_struct_conn_angle.ptnr3_label_atom_id' 
15 2 'Structure model' '_pdbx_struct_conn_angle.ptnr3_label_comp_id' 
16 2 'Structure model' '_pdbx_struct_conn_angle.ptnr3_label_seq_id'  
17 2 'Structure model' '_pdbx_struct_conn_angle.value'               
18 2 'Structure model' '_struct_conn.pdbx_dist_value'                
19 2 'Structure model' '_struct_conn.pdbx_leaving_atom_flag'         
20 2 'Structure model' '_struct_conn.ptnr1_auth_comp_id'             
21 2 'Structure model' '_struct_conn.ptnr1_auth_seq_id'              
22 2 'Structure model' '_struct_conn.ptnr1_label_asym_id'            
23 2 'Structure model' '_struct_conn.ptnr1_label_atom_id'            
24 2 'Structure model' '_struct_conn.ptnr1_label_comp_id'            
25 2 'Structure model' '_struct_conn.ptnr1_label_seq_id'             
26 2 'Structure model' '_struct_conn.ptnr2_auth_comp_id'             
27 2 'Structure model' '_struct_conn.ptnr2_auth_seq_id'              
28 2 'Structure model' '_struct_conn.ptnr2_label_asym_id'            
29 2 'Structure model' '_struct_conn.ptnr2_label_atom_id'            
30 2 'Structure model' '_struct_conn.ptnr2_label_comp_id'            
31 2 'Structure model' '_struct_ref_seq_dif.details'                 
32 2 'Structure model' '_struct_site.pdbx_auth_asym_id'              
33 2 'Structure model' '_struct_site.pdbx_auth_comp_id'              
34 2 'Structure model' '_struct_site.pdbx_auth_seq_id'               
# 
_pdbx_database_status.status_code                     REL 
_pdbx_database_status.entry_id                        4Q63 
_pdbx_database_status.recvd_initial_deposition_date   2014-04-21 
_pdbx_database_status.deposit_site                    RCSB 
_pdbx_database_status.process_site                    RCSB 
_pdbx_database_status.status_code_sf                  REL 
_pdbx_database_status.status_code_mr                  ? 
_pdbx_database_status.SG_entry                        Y 
_pdbx_database_status.status_code_cs                  ? 
_pdbx_database_status.methods_development_category    ? 
_pdbx_database_status.pdb_format_compatible           Y 
_pdbx_database_status.status_code_nmr_data            ? 
# 
_pdbx_database_related.db_name        TargetTrack 
_pdbx_database_related.db_id          MCSG-APC108035 
_pdbx_database_related.details        . 
_pdbx_database_related.content_type   unspecified 
# 
loop_
_audit_author.name 
_audit_author.pdbx_ordinal 
'Kim, Y.'                                       1 
'Evdokimova, E.'                                2 
'Savchenko, A.'                                 3 
'Joachimiak, A.'                                4 
'Midwest Center for Structural Genomics (MCSG)' 5 
# 
_citation.id                        primary 
_citation.title                     'Crystal Structure of Legionella Uncharacterized Protein Lpg0364' 
_citation.journal_abbrev            'To be Published' 
_citation.journal_volume            ? 
_citation.page_first                ? 
_citation.page_last                 ? 
_citation.year                      ? 
_citation.journal_id_ASTM           ? 
_citation.country                   ? 
_citation.journal_id_ISSN           ? 
_citation.journal_id_CSD            0353 
_citation.book_publisher            ? 
_citation.pdbx_database_id_PubMed   ? 
_citation.pdbx_database_id_DOI      ? 
# 
loop_
_citation_author.citation_id 
_citation_author.name 
_citation_author.ordinal 
_citation_author.identifier_ORCID 
primary 'Kim, Y.'                                       1 ? 
primary 'Evdokimova, E.'                                2 ? 
primary 'Savchenko, A.'                                 3 ? 
primary 'Joachimiak, A.'                                4 ? 
primary 'Midwest Center for Structural Genomics (MCSG)' 5 ? 
# 
loop_
_entity.id 
_entity.type 
_entity.src_method 
_entity.pdbx_description 
_entity.formula_weight 
_entity.pdbx_number_of_molecules 
_entity.pdbx_ec 
_entity.pdbx_mutation 
_entity.pdbx_fragment 
_entity.details 
1 polymer     man 'Uncharacterized protein Lpg0364' 12352.824 1  ? ? ? ? 
2 non-polymer syn 'CADMIUM ION'                     112.411   5  ? ? ? ? 
3 non-polymer syn 'FORMIC ACID'                     46.025    2  ? ? ? ? 
4 non-polymer syn 1,2-ETHANEDIOL                    62.068    1  ? ? ? ? 
5 non-polymer syn 'CHLORIDE ION'                    35.453    1  ? ? ? ? 
6 water       nat water                             18.015    49 ? ? ? ? 
# 
_entity_poly.entity_id                      1 
_entity_poly.type                           'polypeptide(L)' 
_entity_poly.nstd_linkage                   no 
_entity_poly.nstd_monomer                   yes 
_entity_poly.pdbx_seq_one_letter_code       
;GH(MSE)DERRKYFRLKNHGEINASLDNNSIEIVEISSNGAVVVKQKTDIPKEGVLKLQIHNFI(MSE)ELCYEVIRAED
NNIVLHFTKEDETNKLFLVLKRLRDERKNKTGS
;
_entity_poly.pdbx_seq_one_letter_code_can   
;GHMDERRKYFRLKNHGEINASLDNNSIEIVEISSNGAVVVKQKTDIPKEGVLKLQIHNFIMELCYEVIRAEDNNIVLHFT
KEDETNKLFLVLKRLRDERKNKTGS
;
_entity_poly.pdbx_strand_id                 A 
_entity_poly.pdbx_target_identifier         MCSG-APC108035 
# 
loop_
_pdbx_entity_nonpoly.entity_id 
_pdbx_entity_nonpoly.name 
_pdbx_entity_nonpoly.comp_id 
2 'CADMIUM ION'  CD  
3 'FORMIC ACID'  FMT 
4 1,2-ETHANEDIOL EDO 
5 'CHLORIDE ION' CL  
6 water          HOH 
# 
loop_
_entity_poly_seq.entity_id 
_entity_poly_seq.num 
_entity_poly_seq.mon_id 
_entity_poly_seq.hetero 
1 1   GLY n 
1 2   HIS n 
1 3   MSE n 
1 4   ASP n 
1 5   GLU n 
1 6   ARG n 
1 7   ARG n 
1 8   LYS n 
1 9   TYR n 
1 10  PHE n 
1 11  ARG n 
1 12  LEU n 
1 13  LYS n 
1 14  ASN n 
1 15  HIS n 
1 16  GLY n 
1 17  GLU n 
1 18  ILE n 
1 19  ASN n 
1 20  ALA n 
1 21  SER n 
1 22  LEU n 
1 23  ASP n 
1 24  ASN n 
1 25  ASN n 
1 26  SER n 
1 27  ILE n 
1 28  GLU n 
1 29  ILE n 
1 30  VAL n 
1 31  GLU n 
1 32  ILE n 
1 33  SER n 
1 34  SER n 
1 35  ASN n 
1 36  GLY n 
1 37  ALA n 
1 38  VAL n 
1 39  VAL n 
1 40  VAL n 
1 41  LYS n 
1 42  GLN n 
1 43  LYS n 
1 44  THR n 
1 45  ASP n 
1 46  ILE n 
1 47  PRO n 
1 48  LYS n 
1 49  GLU n 
1 50  GLY n 
1 51  VAL n 
1 52  LEU n 
1 53  LYS n 
1 54  LEU n 
1 55  GLN n 
1 56  ILE n 
1 57  HIS n 
1 58  ASN n 
1 59  PHE n 
1 60  ILE n 
1 61  MSE n 
1 62  GLU n 
1 63  LEU n 
1 64  CYS n 
1 65  TYR n 
1 66  GLU n 
1 67  VAL n 
1 68  ILE n 
1 69  ARG n 
1 70  ALA n 
1 71  GLU n 
1 72  ASP n 
1 73  ASN n 
1 74  ASN n 
1 75  ILE n 
1 76  VAL n 
1 77  LEU n 
1 78  HIS n 
1 79  PHE n 
1 80  THR n 
1 81  LYS n 
1 82  GLU n 
1 83  ASP n 
1 84  GLU n 
1 85  THR n 
1 86  ASN n 
1 87  LYS n 
1 88  LEU n 
1 89  PHE n 
1 90  LEU n 
1 91  VAL n 
1 92  LEU n 
1 93  LYS n 
1 94  ARG n 
1 95  LEU n 
1 96  ARG n 
1 97  ASP n 
1 98  GLU n 
1 99  ARG n 
1 100 LYS n 
1 101 ASN n 
1 102 LYS n 
1 103 THR n 
1 104 GLY n 
1 105 SER n 
# 
_entity_src_gen.entity_id                          1 
_entity_src_gen.pdbx_src_id                        1 
_entity_src_gen.pdbx_alt_source_flag               sample 
_entity_src_gen.pdbx_seq_type                      ? 
_entity_src_gen.pdbx_beg_seq_num                   ? 
_entity_src_gen.pdbx_end_seq_num                   ? 
_entity_src_gen.gene_src_common_name               ? 
_entity_src_gen.gene_src_genus                     ? 
_entity_src_gen.pdbx_gene_src_gene                 lpg0364 
_entity_src_gen.gene_src_species                   ? 
_entity_src_gen.gene_src_strain                    'Philadelphia 1' 
_entity_src_gen.gene_src_tissue                    ? 
_entity_src_gen.gene_src_tissue_fraction           ? 
_entity_src_gen.gene_src_details                   ? 
_entity_src_gen.pdbx_gene_src_fragment             ? 
_entity_src_gen.pdbx_gene_src_scientific_name      'Legionella pneumophila subsp. pneumophila' 
_entity_src_gen.pdbx_gene_src_ncbi_taxonomy_id     272624 
_entity_src_gen.pdbx_gene_src_variant              ? 
_entity_src_gen.pdbx_gene_src_cell_line            ? 
_entity_src_gen.pdbx_gene_src_atcc                 ? 
_entity_src_gen.pdbx_gene_src_organ                ? 
_entity_src_gen.pdbx_gene_src_organelle            ? 
_entity_src_gen.pdbx_gene_src_cell                 ? 
_entity_src_gen.pdbx_gene_src_cellular_location    ? 
_entity_src_gen.host_org_common_name               ? 
_entity_src_gen.pdbx_host_org_scientific_name      'Escherichia coli' 
_entity_src_gen.pdbx_host_org_ncbi_taxonomy_id     469008 
_entity_src_gen.host_org_genus                     ? 
_entity_src_gen.pdbx_host_org_gene                 ? 
_entity_src_gen.pdbx_host_org_organ                ? 
_entity_src_gen.host_org_species                   ? 
_entity_src_gen.pdbx_host_org_tissue               ? 
_entity_src_gen.pdbx_host_org_tissue_fraction      ? 
_entity_src_gen.pdbx_host_org_strain               'BL21(DE3) gold' 
_entity_src_gen.pdbx_host_org_variant              ? 
_entity_src_gen.pdbx_host_org_cell_line            ? 
_entity_src_gen.pdbx_host_org_atcc                 ? 
_entity_src_gen.pdbx_host_org_culture_collection   ? 
_entity_src_gen.pdbx_host_org_cell                 ? 
_entity_src_gen.pdbx_host_org_organelle            ? 
_entity_src_gen.pdbx_host_org_cellular_location    ? 
_entity_src_gen.pdbx_host_org_vector_type          plasmid 
_entity_src_gen.pdbx_host_org_vector               ? 
_entity_src_gen.host_org_details                   ? 
_entity_src_gen.expression_system_id               ? 
_entity_src_gen.plasmid_name                       'p15Tv lic' 
_entity_src_gen.plasmid_details                    ? 
_entity_src_gen.pdbx_description                   ? 
# 
loop_
_chem_comp.id 
_chem_comp.type 
_chem_comp.mon_nstd_flag 
_chem_comp.name 
_chem_comp.pdbx_synonyms 
_chem_comp.formula 
_chem_comp.formula_weight 
ALA 'L-peptide linking' y ALANINE          ?                 'C3 H7 N O2'     89.093  
ARG 'L-peptide linking' y ARGININE         ?                 'C6 H15 N4 O2 1' 175.209 
ASN 'L-peptide linking' y ASPARAGINE       ?                 'C4 H8 N2 O3'    132.118 
ASP 'L-peptide linking' y 'ASPARTIC ACID'  ?                 'C4 H7 N O4'     133.103 
CD  non-polymer         . 'CADMIUM ION'    ?                 'Cd 2'           112.411 
CL  non-polymer         . 'CHLORIDE ION'   ?                 'Cl -1'          35.453  
CYS 'L-peptide linking' y CYSTEINE         ?                 'C3 H7 N O2 S'   121.158 
EDO non-polymer         . 1,2-ETHANEDIOL   'ETHYLENE GLYCOL' 'C2 H6 O2'       62.068  
FMT non-polymer         . 'FORMIC ACID'    ?                 'C H2 O2'        46.025  
GLN 'L-peptide linking' y GLUTAMINE        ?                 'C5 H10 N2 O3'   146.144 
GLU 'L-peptide linking' y 'GLUTAMIC ACID'  ?                 'C5 H9 N O4'     147.129 
GLY 'peptide linking'   y GLYCINE          ?                 'C2 H5 N O2'     75.067  
HIS 'L-peptide linking' y HISTIDINE        ?                 'C6 H10 N3 O2 1' 156.162 
HOH non-polymer         . WATER            ?                 'H2 O'           18.015  
ILE 'L-peptide linking' y ISOLEUCINE       ?                 'C6 H13 N O2'    131.173 
LEU 'L-peptide linking' y LEUCINE          ?                 'C6 H13 N O2'    131.173 
LYS 'L-peptide linking' y LYSINE           ?                 'C6 H15 N2 O2 1' 147.195 
MSE 'L-peptide linking' n SELENOMETHIONINE ?                 'C5 H11 N O2 Se' 196.106 
PHE 'L-peptide linking' y PHENYLALANINE    ?                 'C9 H11 N O2'    165.189 
PRO 'L-peptide linking' y PROLINE          ?                 'C5 H9 N O2'     115.130 
SER 'L-peptide linking' y SERINE           ?                 'C3 H7 N O3'     105.093 
THR 'L-peptide linking' y THREONINE        ?                 'C4 H9 N O3'     119.119 
TYR 'L-peptide linking' y TYROSINE         ?                 'C9 H11 N O3'    181.189 
VAL 'L-peptide linking' y VALINE           ?                 'C5 H11 N O2'    117.146 
# 
loop_
_pdbx_poly_seq_scheme.asym_id 
_pdbx_poly_seq_scheme.entity_id 
_pdbx_poly_seq_scheme.seq_id 
_pdbx_poly_seq_scheme.mon_id 
_pdbx_poly_seq_scheme.ndb_seq_num 
_pdbx_poly_seq_scheme.pdb_seq_num 
_pdbx_poly_seq_scheme.auth_seq_num 
_pdbx_poly_seq_scheme.pdb_mon_id 
_pdbx_poly_seq_scheme.auth_mon_id 
_pdbx_poly_seq_scheme.pdb_strand_id 
_pdbx_poly_seq_scheme.pdb_ins_code 
_pdbx_poly_seq_scheme.hetero 
A 1 1   GLY 1   -1  ?  ?   ?   A . n 
A 1 2   HIS 2   0   ?  ?   ?   A . n 
A 1 3   MSE 3   1   ?  ?   ?   A . n 
A 1 4   ASP 4   2   ?  ?   ?   A . n 
A 1 5   GLU 5   3   ?  ?   ?   A . n 
A 1 6   ARG 6   4   ?  ?   ?   A . n 
A 1 7   ARG 7   5   ?  ?   ?   A . n 
A 1 8   LYS 8   6   ?  ?   ?   A . n 
A 1 9   TYR 9   7   7  TYR TYR A . n 
A 1 10  PHE 10  8   8  PHE PHE A . n 
A 1 11  ARG 11  9   9  ARG ARG A . n 
A 1 12  LEU 12  10  10 LEU LEU A . n 
A 1 13  LYS 13  11  11 LYS LYS A . n 
A 1 14  ASN 14  12  12 ASN ASN A . n 
A 1 15  HIS 15  13  13 HIS HIS A . n 
A 1 16  GLY 16  14  14 GLY GLY A . n 
A 1 17  GLU 17  15  15 GLU GLU A . n 
A 1 18  ILE 18  16  16 ILE ILE A . n 
A 1 19  ASN 19  17  17 ASN ASN A . n 
A 1 20  ALA 20  18  18 ALA ALA A . n 
A 1 21  SER 21  19  19 SER SER A . n 
A 1 22  LEU 22  20  20 LEU LEU A . n 
A 1 23  ASP 23  21  21 ASP ASP A . n 
A 1 24  ASN 24  22  22 ASN ASN A . n 
A 1 25  ASN 25  23  23 ASN ASN A . n 
A 1 26  SER 26  24  24 SER SER A . n 
A 1 27  ILE 27  25  25 ILE ILE A . n 
A 1 28  GLU 28  26  26 GLU GLU A . n 
A 1 29  ILE 29  27  27 ILE ILE A . n 
A 1 30  VAL 30  28  28 VAL VAL A . n 
A 1 31  GLU 31  29  29 GLU GLU A . n 
A 1 32  ILE 32  30  30 ILE ILE A . n 
A 1 33  SER 33  31  31 SER SER A . n 
A 1 34  SER 34  32  32 SER SER A . n 
A 1 35  ASN 35  33  33 ASN ASN A . n 
A 1 36  GLY 36  34  34 GLY GLY A . n 
A 1 37  ALA 37  35  35 ALA ALA A . n 
A 1 38  VAL 38  36  36 VAL VAL A . n 
A 1 39  VAL 39  37  37 VAL VAL A . n 
A 1 40  VAL 40  38  38 VAL VAL A . n 
A 1 41  LYS 41  39  39 LYS LYS A . n 
A 1 42  GLN 42  40  40 GLN GLN A . n 
A 1 43  LYS 43  41  41 LYS LYS A . n 
A 1 44  THR 44  42  42 THR THR A . n 
A 1 45  ASP 45  43  43 ASP ASP A . n 
A 1 46  ILE 46  44  44 ILE ILE A . n 
A 1 47  PRO 47  45  45 PRO PRO A . n 
A 1 48  LYS 48  46  46 LYS LYS A . n 
A 1 49  GLU 49  47  47 GLU GLU A . n 
A 1 50  GLY 50  48  48 GLY GLY A . n 
A 1 51  VAL 51  49  49 VAL VAL A . n 
A 1 52  LEU 52  50  50 LEU LEU A . n 
A 1 53  LYS 53  51  51 LYS LYS A . n 
A 1 54  LEU 54  52  52 LEU LEU A . n 
A 1 55  GLN 55  53  53 GLN GLN A . n 
A 1 56  ILE 56  54  54 ILE ILE A . n 
A 1 57  HIS 57  55  55 HIS HIS A . n 
A 1 58  ASN 58  56  56 ASN ASN A . n 
A 1 59  PHE 59  57  57 PHE PHE A . n 
A 1 60  ILE 60  58  58 ILE ILE A . n 
A 1 61  MSE 61  59  59 MSE MSE A . n 
A 1 62  GLU 62  60  60 GLU GLU A . n 
A 1 63  LEU 63  61  61 LEU LEU A . n 
A 1 64  CYS 64  62  62 CYS CYS A . n 
A 1 65  TYR 65  63  63 TYR TYR A . n 
A 1 66  GLU 66  64  64 GLU GLU A . n 
A 1 67  VAL 67  65  65 VAL VAL A . n 
A 1 68  ILE 68  66  66 ILE ILE A . n 
A 1 69  ARG 69  67  67 ARG ARG A . n 
A 1 70  ALA 70  68  68 ALA ALA A . n 
A 1 71  GLU 71  69  69 GLU GLU A . n 
A 1 72  ASP 72  70  70 ASP ASP A . n 
A 1 73  ASN 73  71  71 ASN ASN A . n 
A 1 74  ASN 74  72  72 ASN ASN A . n 
A 1 75  ILE 75  73  73 ILE ILE A . n 
A 1 76  VAL 76  74  74 VAL VAL A . n 
A 1 77  LEU 77  75  75 LEU LEU A . n 
A 1 78  HIS 78  76  76 HIS HIS A . n 
A 1 79  PHE 79  77  77 PHE PHE A . n 
A 1 80  THR 80  78  78 THR THR A . n 
A 1 81  LYS 81  79  79 LYS LYS A . n 
A 1 82  GLU 82  80  80 GLU GLU A . n 
A 1 83  ASP 83  81  81 ASP ASP A . n 
A 1 84  GLU 84  82  82 GLU GLU A . n 
A 1 85  THR 85  83  83 THR THR A . n 
A 1 86  ASN 86  84  84 ASN ASN A . n 
A 1 87  LYS 87  85  85 LYS LYS A . n 
A 1 88  LEU 88  86  86 LEU LEU A . n 
A 1 89  PHE 89  87  87 PHE PHE A . n 
A 1 90  LEU 90  88  88 LEU LEU A . n 
A 1 91  VAL 91  89  89 VAL VAL A . n 
A 1 92  LEU 92  90  90 LEU LEU A . n 
A 1 93  LYS 93  91  91 LYS LYS A . n 
A 1 94  ARG 94  92  92 ARG ARG A . n 
A 1 95  LEU 95  93  93 LEU LEU A . n 
A 1 96  ARG 96  94  94 ARG ARG A . n 
A 1 97  ASP 97  95  95 ASP ASP A . n 
A 1 98  GLU 98  96  96 GLU GLU A . n 
A 1 99  ARG 99  97  97 ARG ARG A . n 
A 1 100 LYS 100 98  98 LYS LYS A . n 
A 1 101 ASN 101 99  99 ASN ASN A . n 
A 1 102 LYS 102 100 ?  ?   ?   A . n 
A 1 103 THR 103 101 ?  ?   ?   A . n 
A 1 104 GLY 104 102 ?  ?   ?   A . n 
A 1 105 SER 105 103 ?  ?   ?   A . n 
# 
loop_
_pdbx_nonpoly_scheme.asym_id 
_pdbx_nonpoly_scheme.entity_id 
_pdbx_nonpoly_scheme.mon_id 
_pdbx_nonpoly_scheme.ndb_seq_num 
_pdbx_nonpoly_scheme.pdb_seq_num 
_pdbx_nonpoly_scheme.auth_seq_num 
_pdbx_nonpoly_scheme.pdb_mon_id 
_pdbx_nonpoly_scheme.auth_mon_id 
_pdbx_nonpoly_scheme.pdb_strand_id 
_pdbx_nonpoly_scheme.pdb_ins_code 
B 2 CD  1  201 121 CD  ZCD A . 
C 2 CD  1  202 122 CD  ZCD A . 
D 2 CD  1  203 123 CD  ZCD A . 
E 2 CD  1  204 124 CD  ZCD A . 
F 2 CD  1  205 125 CD  ZCD A . 
G 3 FMT 1  206 126 FMT FMT A . 
H 3 FMT 1  207 127 FMT FMT A . 
I 4 EDO 1  208 128 EDO EDO A . 
J 5 CL  1  209 129 CL  CL  A . 
K 6 HOH 1  301 1   HOH HOH A . 
K 6 HOH 2  302 2   HOH HOH A . 
K 6 HOH 3  303 3   HOH HOH A . 
K 6 HOH 4  304 4   HOH HOH A . 
K 6 HOH 5  305 5   HOH HOH A . 
K 6 HOH 6  306 6   HOH HOH A . 
K 6 HOH 7  307 7   HOH HOH A . 
K 6 HOH 8  308 8   HOH HOH A . 
K 6 HOH 9  309 9   HOH HOH A . 
K 6 HOH 10 310 10  HOH HOH A . 
K 6 HOH 11 311 11  HOH HOH A . 
K 6 HOH 12 312 12  HOH HOH A . 
K 6 HOH 13 313 13  HOH HOH A . 
K 6 HOH 14 314 14  HOH HOH A . 
K 6 HOH 15 315 15  HOH HOH A . 
K 6 HOH 16 316 16  HOH HOH A . 
K 6 HOH 17 317 17  HOH HOH A . 
K 6 HOH 18 318 18  HOH HOH A . 
K 6 HOH 19 319 19  HOH HOH A . 
K 6 HOH 20 320 20  HOH HOH A . 
K 6 HOH 21 321 21  HOH HOH A . 
K 6 HOH 22 322 22  HOH HOH A . 
K 6 HOH 23 323 23  HOH HOH A . 
K 6 HOH 24 324 24  HOH HOH A . 
K 6 HOH 25 325 25  HOH HOH A . 
K 6 HOH 26 326 26  HOH HOH A . 
K 6 HOH 27 327 27  HOH HOH A . 
K 6 HOH 28 328 28  HOH HOH A . 
K 6 HOH 29 329 29  HOH HOH A . 
K 6 HOH 30 330 30  HOH HOH A . 
K 6 HOH 31 331 31  HOH HOH A . 
K 6 HOH 32 332 32  HOH HOH A . 
K 6 HOH 33 333 33  HOH HOH A . 
K 6 HOH 34 334 34  HOH HOH A . 
K 6 HOH 35 335 35  HOH HOH A . 
K 6 HOH 36 336 36  HOH HOH A . 
K 6 HOH 37 337 37  HOH HOH A . 
K 6 HOH 38 338 38  HOH HOH A . 
K 6 HOH 39 339 39  HOH HOH A . 
K 6 HOH 40 340 40  HOH HOH A . 
K 6 HOH 41 341 41  HOH HOH A . 
K 6 HOH 42 342 42  HOH HOH A . 
K 6 HOH 43 343 43  HOH HOH A . 
K 6 HOH 44 344 44  HOH HOH A . 
K 6 HOH 45 345 45  HOH HOH A . 
K 6 HOH 46 346 46  HOH HOH A . 
K 6 HOH 47 347 47  HOH HOH A . 
K 6 HOH 48 348 48  HOH HOH A . 
K 6 HOH 49 349 49  HOH HOH A . 
# 
loop_
_software.name 
_software.classification 
_software.version 
_software.citation_id 
_software.pdbx_ordinal 
SBC-Collect 'data collection' .                             ? 1  
HKL-3000    'data collection' .                             ? 2  
HKL-3000    phasing           .                             ? 3  
SHELXD      phasing           .                             ? 4  
MLPHARE     phasing           .                             ? 5  
DM          'model building'  .                             ? 6  
RESOLVE     'model building'  .                             ? 7  
Coot        'model building'  .                             ? 8  
PHENIX      refinement        '(phenix.refine: 1.8.1_1161)' ? 9  
HKL-3000    'data reduction'  .                             ? 10 
HKL-3000    'data scaling'    .                             ? 11 
DM          phasing           .                             ? 12 
RESOLVE     phasing           .                             ? 13 
# 
_cell.entry_id           4Q63 
_cell.length_a           82.117 
_cell.length_b           82.117 
_cell.length_c           38.689 
_cell.angle_alpha        90.00 
_cell.angle_beta         90.00 
_cell.angle_gamma        120.00 
_cell.Z_PDB              6 
_cell.pdbx_unique_axis   ? 
_cell.length_a_esd       ? 
_cell.length_b_esd       ? 
_cell.length_c_esd       ? 
_cell.angle_alpha_esd    ? 
_cell.angle_beta_esd     ? 
_cell.angle_gamma_esd    ? 
# 
_symmetry.entry_id                         4Q63 
_symmetry.space_group_name_H-M             'P 65' 
_symmetry.pdbx_full_space_group_name_H-M   ? 
_symmetry.cell_setting                     ? 
_symmetry.Int_Tables_number                170 
_symmetry.space_group_name_Hall            ? 
# 
_exptl.entry_id          4Q63 
_exptl.method            'X-RAY DIFFRACTION' 
_exptl.crystals_number   1 
# 
_exptl_crystal.id                    1 
_exptl_crystal.density_meas          ? 
_exptl_crystal.density_Matthews      3.05 
_exptl_crystal.density_percent_sol   59.65 
_exptl_crystal.description           ? 
_exptl_crystal.F_000                 ? 
_exptl_crystal.preparation           ? 
# 
_exptl_crystal_grow.crystal_id      1 
_exptl_crystal_grow.method          'VAPOR DIFFUSION, HANGING DROP' 
_exptl_crystal_grow.temp            289 
_exptl_crystal_grow.temp_details    ? 
_exptl_crystal_grow.pH              7.5 
_exptl_crystal_grow.pdbx_details    
'0.05M Cd Chloride, 0.1M HEPES pH7.5, 15%PEG400, 11%Etylen Glycol, VAPOR DIFFUSION, HANGING DROP, temperature 289K' 
_exptl_crystal_grow.pdbx_pH_range   ? 
# 
_diffrn.id                     1 
_diffrn.ambient_temp           100 
_diffrn.ambient_temp_details   ? 
_diffrn.crystal_id             1 
# 
_diffrn_detector.diffrn_id              1 
_diffrn_detector.detector               CCD 
_diffrn_detector.type                   'ADSC QUANTUM 315r' 
_diffrn_detector.pdbx_collection_date   2012-07-14 
_diffrn_detector.details                mirrors 
# 
_diffrn_radiation.diffrn_id                        1 
_diffrn_radiation.wavelength_id                    1 
_diffrn_radiation.pdbx_monochromatic_or_laue_m_l   M 
_diffrn_radiation.monochromator                    'double crystal monochromator' 
_diffrn_radiation.pdbx_diffrn_protocol             'SINGLE WAVELENGTH' 
_diffrn_radiation.pdbx_scattering_type             x-ray 
# 
_diffrn_radiation_wavelength.id           1 
_diffrn_radiation_wavelength.wavelength   0.97931 
_diffrn_radiation_wavelength.wt           1.0 
# 
_diffrn_source.diffrn_id                   1 
_diffrn_source.source                      SYNCHROTRON 
_diffrn_source.type                        'APS BEAMLINE 19-ID' 
_diffrn_source.pdbx_synchrotron_site       APS 
_diffrn_source.pdbx_synchrotron_beamline   19-ID 
_diffrn_source.pdbx_wavelength             ? 
_diffrn_source.pdbx_wavelength_list        0.97931 
# 
_reflns.entry_id                     4Q63 
_reflns.observed_criterion_sigma_I   0.0 
_reflns.observed_criterion_sigma_F   0.0 
_reflns.d_resolution_low             50 
_reflns.d_resolution_high            1.95 
_reflns.number_obs                   10988 
_reflns.number_all                   10988 
_reflns.percent_possible_obs         99.8 
_reflns.pdbx_Rmerge_I_obs            ? 
_reflns.pdbx_Rsym_value              0.098 
_reflns.pdbx_netI_over_sigmaI        11.5 
_reflns.B_iso_Wilson_estimate        36.2 
_reflns.pdbx_redundancy              11.0 
_reflns.R_free_details               ? 
_reflns.limit_h_max                  ? 
_reflns.limit_h_min                  ? 
_reflns.limit_k_max                  ? 
_reflns.limit_k_min                  ? 
_reflns.limit_l_max                  ? 
_reflns.limit_l_min                  ? 
_reflns.observed_criterion_F_max     ? 
_reflns.observed_criterion_F_min     ? 
_reflns.pdbx_chi_squared             ? 
_reflns.pdbx_scaling_rejects         ? 
_reflns.pdbx_ordinal                 1 
_reflns.pdbx_diffrn_id               1 
# 
_reflns_shell.d_res_high             1.95 
_reflns_shell.d_res_low              1.98 
_reflns_shell.percent_possible_all   99.8 
_reflns_shell.Rmerge_I_obs           ? 
_reflns_shell.pdbx_Rsym_value        0.857 
_reflns_shell.meanI_over_sigI_obs    2.2 
_reflns_shell.pdbx_redundancy        6.3 
_reflns_shell.percent_possible_obs   ? 
_reflns_shell.number_unique_all      524 
_reflns_shell.number_measured_all    ? 
_reflns_shell.number_measured_obs    ? 
_reflns_shell.number_unique_obs      ? 
_reflns_shell.pdbx_chi_squared       ? 
_reflns_shell.pdbx_ordinal           1 
_reflns_shell.pdbx_diffrn_id         1 
# 
_refine.entry_id                                 4Q63 
_refine.ls_number_reflns_obs                     20849 
_refine.ls_number_reflns_all                     20849 
_refine.pdbx_ls_sigma_I                          ? 
_refine.pdbx_ls_sigma_F                          0.0 
_refine.pdbx_data_cutoff_high_absF               ? 
_refine.pdbx_data_cutoff_low_absF                ? 
_refine.pdbx_data_cutoff_high_rms_absF           ? 
_refine.ls_d_res_low                             28.158 
_refine.ls_d_res_high                            1.953 
_refine.ls_percent_reflns_obs                    98.47 
_refine.ls_R_factor_obs                          0.1850 
_refine.ls_R_factor_all                          ? 
_refine.ls_R_factor_R_work                       0.183 
_refine.ls_R_factor_R_free                       0.221 
_refine.ls_R_factor_R_free_error                 ? 
_refine.ls_R_factor_R_free_error_details         ? 
_refine.ls_percent_reflns_R_free                 4.82 
_refine.ls_number_reflns_R_free                  1004 
_refine.ls_number_parameters                     ? 
_refine.ls_number_restraints                     ? 
_refine.occupancy_min                            ? 
_refine.occupancy_max                            ? 
_refine.correlation_coeff_Fo_to_Fc               ? 
_refine.correlation_coeff_Fo_to_Fc_free          ? 
_refine.B_iso_mean                               54.2 
_refine.aniso_B[1][1]                            ? 
_refine.aniso_B[2][2]                            ? 
_refine.aniso_B[3][3]                            ? 
_refine.aniso_B[1][2]                            ? 
_refine.aniso_B[1][3]                            ? 
_refine.aniso_B[2][3]                            ? 
_refine.solvent_model_details                    'FLAT BULK SOLVENT MODEL' 
_refine.solvent_model_param_ksol                 ? 
_refine.solvent_model_param_bsol                 ? 
_refine.pdbx_solvent_vdw_probe_radii             1.11 
_refine.pdbx_solvent_ion_probe_radii             ? 
_refine.pdbx_solvent_shrinkage_radii             0.90 
_refine.pdbx_ls_cross_valid_method               THROUGHOUT 
_refine.details                                  'number of reflections include Friedel pairs' 
_refine.pdbx_starting_model                      ? 
_refine.pdbx_method_to_determine_struct          SAD 
_refine.pdbx_isotropic_thermal_model             mixed 
_refine.pdbx_stereochemistry_target_values       ML 
_refine.pdbx_stereochem_target_val_spec_case     ? 
_refine.pdbx_R_Free_selection_details            random 
_refine.pdbx_overall_ESU_R                       ? 
_refine.pdbx_overall_ESU_R_Free                  ? 
_refine.overall_SU_ML                            0.17 
_refine.pdbx_overall_phase_error                 23.92 
_refine.overall_SU_B                             ? 
_refine.overall_SU_R_Cruickshank_DPI             ? 
_refine.ls_redundancy_reflns_obs                 ? 
_refine.B_iso_min                                ? 
_refine.B_iso_max                                ? 
_refine.overall_SU_R_free                        ? 
_refine.ls_wR_factor_R_free                      ? 
_refine.ls_wR_factor_R_work                      ? 
_refine.overall_FOM_free_R_set                   ? 
_refine.overall_FOM_work_R_set                   ? 
_refine.pdbx_diffrn_id                           1 
_refine.pdbx_refine_id                           'X-RAY DIFFRACTION' 
_refine.pdbx_TLS_residual_ADP_flag               ? 
_refine.pdbx_overall_SU_R_free_Cruickshank_DPI   ? 
_refine.pdbx_overall_SU_R_Blow_DPI               ? 
_refine.pdbx_overall_SU_R_free_Blow_DPI          ? 
# 
_refine_hist.pdbx_refine_id                   'X-RAY DIFFRACTION' 
_refine_hist.cycle_id                         LAST 
_refine_hist.pdbx_number_atoms_protein        763 
_refine_hist.pdbx_number_atoms_nucleic_acid   0 
_refine_hist.pdbx_number_atoms_ligand         16 
_refine_hist.number_atoms_solvent             49 
_refine_hist.number_atoms_total               828 
_refine_hist.d_res_high                       1.953 
_refine_hist.d_res_low                        28.158 
# 
loop_
_refine_ls_restr.type 
_refine_ls_restr.dev_ideal 
_refine_ls_restr.dev_ideal_target 
_refine_ls_restr.weight 
_refine_ls_restr.number 
_refine_ls_restr.pdbx_restraint_function 
_refine_ls_restr.pdbx_refine_id 
f_bond_d           0.007  ? ? 817  ? 'X-RAY DIFFRACTION' 
f_angle_d          1.016  ? ? 1097 ? 'X-RAY DIFFRACTION' 
f_dihedral_angle_d 15.951 ? ? 315  ? 'X-RAY DIFFRACTION' 
f_chiral_restr     0.081  ? ? 126  ? 'X-RAY DIFFRACTION' 
f_plane_restr      0.004  ? ? 142  ? 'X-RAY DIFFRACTION' 
# 
loop_
_refine_ls_shell.pdbx_total_number_of_bins_used 
_refine_ls_shell.d_res_high 
_refine_ls_shell.d_res_low 
_refine_ls_shell.number_reflns_R_work 
_refine_ls_shell.R_factor_R_work 
_refine_ls_shell.percent_reflns_obs 
_refine_ls_shell.R_factor_R_free 
_refine_ls_shell.R_factor_R_free_error 
_refine_ls_shell.percent_reflns_R_free 
_refine_ls_shell.number_reflns_R_free 
_refine_ls_shell.number_reflns_all 
_refine_ls_shell.R_factor_all 
_refine_ls_shell.number_reflns_obs 
_refine_ls_shell.redundancy_reflns_obs 
_refine_ls_shell.pdbx_refine_id 
. 1.9525 2.0555  2753 0.2757 96.00  0.2302 . . 149 . . 2912 . 'X-RAY DIFFRACTION' 
. 2.0555 2.1842  2786 0.2386 97.00  0.3029 . . 149 . . 2935 . 'X-RAY DIFFRACTION' 
. 2.1842 2.3528  2844 0.2033 98.00  0.2620 . . 124 . . 2968 . 'X-RAY DIFFRACTION' 
. 2.3528 2.5894  2864 0.1895 99.00  0.2143 . . 160 . . 3024 . 'X-RAY DIFFRACTION' 
. 2.5894 2.9637  2849 0.1878 100.00 0.2178 . . 152 . . 3001 . 'X-RAY DIFFRACTION' 
. 2.9637 3.7326  2893 0.1789 100.00 0.2047 . . 130 . . 3020 . 'X-RAY DIFFRACTION' 
. 3.7326 28.1606 2856 0.1639 99.00  0.2151 . . 140 . . 2996 . 'X-RAY DIFFRACTION' 
# 
_struct.entry_id                  4Q63 
_struct.title                     'Crystal Structure of Legionella Uncharacterized Protein Lpg0364' 
_struct.pdbx_model_details        ? 
_struct.pdbx_CASP_flag            ? 
_struct.pdbx_model_type_details   ? 
# 
_struct_keywords.entry_id        4Q63 
_struct_keywords.pdbx_keywords   'UNKNOWN FUNCTION' 
_struct_keywords.text            
'Structural Genomics, PSI-Biology, Midwest Center for Structural Genomics, MCSG, alpha-beta, beta-barrel, UNKNOWN FUNCTION' 
# 
loop_
_struct_asym.id 
_struct_asym.pdbx_blank_PDB_chainid_flag 
_struct_asym.pdbx_modified 
_struct_asym.entity_id 
_struct_asym.details 
A N N 1 ? 
B N N 2 ? 
C N N 2 ? 
D N N 2 ? 
E N N 2 ? 
F N N 2 ? 
G N N 3 ? 
H N N 3 ? 
I N N 4 ? 
J N N 5 ? 
K N N 6 ? 
# 
_struct_ref.id                         1 
_struct_ref.db_name                    UNP 
_struct_ref.db_code                    Q5ZYK8_LEGPH 
_struct_ref.pdbx_db_accession          Q5ZYK8 
_struct_ref.entity_id                  1 
_struct_ref.pdbx_seq_one_letter_code   
;MDERRKYFRLKNHGEINASLDNNSIEIVEISSNGAVVVKQKTDIPKEGVLKLQIHNFIMELCYEVIRAEDNNIVLHFTKE
DETNKLFLVLKRLRDERKNKT
;
_struct_ref.pdbx_align_begin           1 
_struct_ref.pdbx_db_isoform            ? 
# 
_struct_ref_seq.align_id                      1 
_struct_ref_seq.ref_id                        1 
_struct_ref_seq.pdbx_PDB_id_code              4Q63 
_struct_ref_seq.pdbx_strand_id                A 
_struct_ref_seq.seq_align_beg                 3 
_struct_ref_seq.pdbx_seq_align_beg_ins_code   ? 
_struct_ref_seq.seq_align_end                 103 
_struct_ref_seq.pdbx_seq_align_end_ins_code   ? 
_struct_ref_seq.pdbx_db_accession             Q5ZYK8 
_struct_ref_seq.db_align_beg                  1 
_struct_ref_seq.pdbx_db_align_beg_ins_code    ? 
_struct_ref_seq.db_align_end                  101 
_struct_ref_seq.pdbx_db_align_end_ins_code    ? 
_struct_ref_seq.pdbx_auth_seq_align_beg       1 
_struct_ref_seq.pdbx_auth_seq_align_end       101 
# 
loop_
_struct_ref_seq_dif.align_id 
_struct_ref_seq_dif.pdbx_pdb_id_code 
_struct_ref_seq_dif.mon_id 
_struct_ref_seq_dif.pdbx_pdb_strand_id 
_struct_ref_seq_dif.seq_num 
_struct_ref_seq_dif.pdbx_pdb_ins_code 
_struct_ref_seq_dif.pdbx_seq_db_name 
_struct_ref_seq_dif.pdbx_seq_db_accession_code 
_struct_ref_seq_dif.db_mon_id 
_struct_ref_seq_dif.pdbx_seq_db_seq_num 
_struct_ref_seq_dif.details 
_struct_ref_seq_dif.pdbx_auth_seq_num 
_struct_ref_seq_dif.pdbx_ordinal 
1 4Q63 GLY A 1   ? UNP Q5ZYK8 ? ? 'expression tag' -1  1 
1 4Q63 HIS A 2   ? UNP Q5ZYK8 ? ? 'expression tag' 0   2 
1 4Q63 GLY A 104 ? UNP Q5ZYK8 ? ? 'expression tag' 102 3 
1 4Q63 SER A 105 ? UNP Q5ZYK8 ? ? 'expression tag' 103 4 
# 
_pdbx_struct_assembly.id                   1 
_pdbx_struct_assembly.details              author_and_software_defined_assembly 
_pdbx_struct_assembly.method_details       PISA 
_pdbx_struct_assembly.oligomeric_details   monomeric 
_pdbx_struct_assembly.oligomeric_count     1 
# 
_pdbx_struct_assembly_gen.assembly_id       1 
_pdbx_struct_assembly_gen.oper_expression   1 
_pdbx_struct_assembly_gen.asym_id_list      A,B,C,D,E,F,G,H,I,J,K 
# 
_pdbx_struct_oper_list.id                   1 
_pdbx_struct_oper_list.type                 'identity operation' 
_pdbx_struct_oper_list.name                 1_555 
_pdbx_struct_oper_list.symmetry_operation   x,y,z 
_pdbx_struct_oper_list.matrix[1][1]         1.0000000000 
_pdbx_struct_oper_list.matrix[1][2]         0.0000000000 
_pdbx_struct_oper_list.matrix[1][3]         0.0000000000 
_pdbx_struct_oper_list.vector[1]            0.0000000000 
_pdbx_struct_oper_list.matrix[2][1]         0.0000000000 
_pdbx_struct_oper_list.matrix[2][2]         1.0000000000 
_pdbx_struct_oper_list.matrix[2][3]         0.0000000000 
_pdbx_struct_oper_list.vector[2]            0.0000000000 
_pdbx_struct_oper_list.matrix[3][1]         0.0000000000 
_pdbx_struct_oper_list.matrix[3][2]         0.0000000000 
_pdbx_struct_oper_list.matrix[3][3]         1.0000000000 
_pdbx_struct_oper_list.vector[3]            0.0000000000 
# 
_struct_biol.id        1 
_struct_biol.details   ? 
# 
_struct_conf.conf_type_id            HELX_P 
_struct_conf.id                      HELX_P1 
_struct_conf.pdbx_PDB_helix_id       1 
_struct_conf.beg_label_comp_id       LYS 
_struct_conf.beg_label_asym_id       A 
_struct_conf.beg_label_seq_id        81 
_struct_conf.pdbx_beg_PDB_ins_code   ? 
_struct_conf.end_label_comp_id       ASN 
_struct_conf.end_label_asym_id       A 
_struct_conf.end_label_seq_id        101 
_struct_conf.pdbx_end_PDB_ins_code   ? 
_struct_conf.beg_auth_comp_id        LYS 
_struct_conf.beg_auth_asym_id        A 
_struct_conf.beg_auth_seq_id         79 
_struct_conf.end_auth_comp_id        ASN 
_struct_conf.end_auth_asym_id        A 
_struct_conf.end_auth_seq_id         99 
_struct_conf.pdbx_PDB_helix_class    1 
_struct_conf.details                 ? 
_struct_conf.pdbx_PDB_helix_length   21 
# 
_struct_conf_type.id          HELX_P 
_struct_conf_type.criteria    ? 
_struct_conf_type.reference   ? 
# 
loop_
_struct_conn.id 
_struct_conn.conn_type_id 
_struct_conn.pdbx_leaving_atom_flag 
_struct_conn.pdbx_PDB_id 
_struct_conn.ptnr1_label_asym_id 
_struct_conn.ptnr1_label_comp_id 
_struct_conn.ptnr1_label_seq_id 
_struct_conn.ptnr1_label_atom_id 
_struct_conn.pdbx_ptnr1_label_alt_id 
_struct_conn.pdbx_ptnr1_PDB_ins_code 
_struct_conn.pdbx_ptnr1_standard_comp_id 
_struct_conn.ptnr1_symmetry 
_struct_conn.ptnr2_label_asym_id 
_struct_conn.ptnr2_label_comp_id 
_struct_conn.ptnr2_label_seq_id 
_struct_conn.ptnr2_label_atom_id 
_struct_conn.pdbx_ptnr2_label_alt_id 
_struct_conn.pdbx_ptnr2_PDB_ins_code 
_struct_conn.ptnr1_auth_asym_id 
_struct_conn.ptnr1_auth_comp_id 
_struct_conn.ptnr1_auth_seq_id 
_struct_conn.ptnr2_auth_asym_id 
_struct_conn.ptnr2_auth_comp_id 
_struct_conn.ptnr2_auth_seq_id 
_struct_conn.ptnr2_symmetry 
_struct_conn.pdbx_ptnr3_label_atom_id 
_struct_conn.pdbx_ptnr3_label_seq_id 
_struct_conn.pdbx_ptnr3_label_comp_id 
_struct_conn.pdbx_ptnr3_label_asym_id 
_struct_conn.pdbx_ptnr3_label_alt_id 
_struct_conn.pdbx_ptnr3_PDB_ins_code 
_struct_conn.details 
_struct_conn.pdbx_dist_value 
_struct_conn.pdbx_value_order 
_struct_conn.pdbx_role 
covale1  covale both ? A ILE 60 C   ? ? ? 1_555 A MSE 61 N  A ? A ILE 58  A MSE 59  1_555 ? ? ? ? ? ? ? 1.323 ? ? 
covale2  covale both ? A ILE 60 C   ? ? ? 1_555 A MSE 61 N  B ? A ILE 58  A MSE 59  1_555 ? ? ? ? ? ? ? 1.331 ? ? 
covale3  covale both ? A MSE 61 C   A ? ? 1_555 A GLU 62 N  ? ? A MSE 59  A GLU 60  1_555 ? ? ? ? ? ? ? 1.328 ? ? 
covale4  covale both ? A MSE 61 C   B ? ? 1_555 A GLU 62 N  ? ? A MSE 59  A GLU 60  1_555 ? ? ? ? ? ? ? 1.330 ? ? 
metalc1  metalc ?    ? A GLU 49 OE1 ? ? ? 1_555 F CD  .  CD ? ? A GLU 47  A CD  205 1_555 ? ? ? ? ? ? ? 2.660 ? ? 
metalc2  metalc ?    ? A HIS 57 ND1 ? ? ? 1_555 D CD  .  CD ? ? A HIS 55  A CD  203 1_555 ? ? ? ? ? ? ? 2.388 ? ? 
metalc3  metalc ?    ? A GLU 62 OE1 ? ? ? 1_555 B CD  .  CD ? ? A GLU 60  A CD  201 1_555 ? ? ? ? ? ? ? 2.528 ? ? 
metalc4  metalc ?    ? A GLU 62 OE2 ? ? ? 1_555 B CD  .  CD ? ? A GLU 60  A CD  201 1_555 ? ? ? ? ? ? ? 2.555 ? ? 
metalc5  metalc ?    ? A GLU 66 OE2 ? ? ? 1_555 C CD  .  CD ? ? A GLU 64  A CD  202 1_555 ? ? ? ? ? ? ? 2.552 ? ? 
metalc6  metalc ?    ? A GLU 66 OE1 ? ? ? 1_555 C CD  .  CD ? ? A GLU 64  A CD  202 1_555 ? ? ? ? ? ? ? 2.594 ? ? 
metalc7  metalc ?    ? A ASP 72 OD1 ? ? ? 1_555 E CD  .  CD ? ? A ASP 70  A CD  204 1_555 ? ? ? ? ? ? ? 2.617 ? ? 
metalc8  metalc ?    ? A GLU 98 OE2 ? ? ? 1_555 D CD  .  CD ? ? A GLU 96  A CD  203 1_555 ? ? ? ? ? ? ? 2.561 ? ? 
metalc9  metalc ?    ? A GLU 98 OE1 ? ? ? 1_555 D CD  .  CD ? ? A GLU 96  A CD  203 1_555 ? ? ? ? ? ? ? 2.651 ? ? 
metalc10 metalc ?    ? B CD  .  CD  ? ? ? 1_555 K HOH .  O  ? ? A CD  201 A HOH 329 1_555 ? ? ? ? ? ? ? 2.546 ? ? 
metalc11 metalc ?    ? C CD  .  CD  ? ? ? 1_555 K HOH .  O  ? ? A CD  202 A HOH 325 1_555 ? ? ? ? ? ? ? 2.383 ? ? 
metalc12 metalc ?    ? D CD  .  CD  ? ? ? 1_555 G FMT .  O1 ? ? A CD  203 A FMT 206 1_555 ? ? ? ? ? ? ? 2.579 ? ? 
metalc13 metalc ?    ? D CD  .  CD  ? ? ? 1_555 G FMT .  O2 ? ? A CD  203 A FMT 206 1_555 ? ? ? ? ? ? ? 2.649 ? ? 
metalc14 metalc ?    ? E CD  .  CD  ? ? ? 1_555 H FMT .  O2 ? ? A CD  204 A FMT 207 1_555 ? ? ? ? ? ? ? 2.686 ? ? 
metalc15 metalc ?    ? E CD  .  CD  ? ? ? 1_555 K HOH .  O  ? ? A CD  204 A HOH 324 1_555 ? ? ? ? ? ? ? 2.577 ? ? 
metalc16 metalc ?    ? E CD  .  CD  ? ? ? 1_555 K HOH .  O  ? ? A CD  204 A HOH 344 1_555 ? ? ? ? ? ? ? 2.599 ? ? 
# 
loop_
_struct_conn_type.id 
_struct_conn_type.criteria 
_struct_conn_type.reference 
covale ? ? 
metalc ? ? 
# 
loop_
_pdbx_struct_conn_angle.id 
_pdbx_struct_conn_angle.ptnr1_label_atom_id 
_pdbx_struct_conn_angle.ptnr1_label_alt_id 
_pdbx_struct_conn_angle.ptnr1_label_asym_id 
_pdbx_struct_conn_angle.ptnr1_label_comp_id 
_pdbx_struct_conn_angle.ptnr1_label_seq_id 
_pdbx_struct_conn_angle.ptnr1_auth_atom_id 
_pdbx_struct_conn_angle.ptnr1_auth_asym_id 
_pdbx_struct_conn_angle.ptnr1_auth_comp_id 
_pdbx_struct_conn_angle.ptnr1_auth_seq_id 
_pdbx_struct_conn_angle.ptnr1_PDB_ins_code 
_pdbx_struct_conn_angle.ptnr1_symmetry 
_pdbx_struct_conn_angle.ptnr2_label_atom_id 
_pdbx_struct_conn_angle.ptnr2_label_alt_id 
_pdbx_struct_conn_angle.ptnr2_label_asym_id 
_pdbx_struct_conn_angle.ptnr2_label_comp_id 
_pdbx_struct_conn_angle.ptnr2_label_seq_id 
_pdbx_struct_conn_angle.ptnr2_auth_atom_id 
_pdbx_struct_conn_angle.ptnr2_auth_asym_id 
_pdbx_struct_conn_angle.ptnr2_auth_comp_id 
_pdbx_struct_conn_angle.ptnr2_auth_seq_id 
_pdbx_struct_conn_angle.ptnr2_PDB_ins_code 
_pdbx_struct_conn_angle.ptnr2_symmetry 
_pdbx_struct_conn_angle.ptnr3_label_atom_id 
_pdbx_struct_conn_angle.ptnr3_label_alt_id 
_pdbx_struct_conn_angle.ptnr3_label_asym_id 
_pdbx_struct_conn_angle.ptnr3_label_comp_id 
_pdbx_struct_conn_angle.ptnr3_label_seq_id 
_pdbx_struct_conn_angle.ptnr3_auth_atom_id 
_pdbx_struct_conn_angle.ptnr3_auth_asym_id 
_pdbx_struct_conn_angle.ptnr3_auth_comp_id 
_pdbx_struct_conn_angle.ptnr3_auth_seq_id 
_pdbx_struct_conn_angle.ptnr3_PDB_ins_code 
_pdbx_struct_conn_angle.ptnr3_symmetry 
_pdbx_struct_conn_angle.value 
_pdbx_struct_conn_angle.value_esd 
1  ND1 ? A HIS 57 ? A HIS 55  ? 1_555 CD ? D CD . ? A CD 203 ? 1_555 OE2 ? A GLU 98 ? A GLU 96  ? 1_555 98.3  ? 
2  ND1 ? A HIS 57 ? A HIS 55  ? 1_555 CD ? D CD . ? A CD 203 ? 1_555 OE1 ? A GLU 98 ? A GLU 96  ? 1_555 146.1 ? 
3  OE2 ? A GLU 98 ? A GLU 96  ? 1_555 CD ? D CD . ? A CD 203 ? 1_555 OE1 ? A GLU 98 ? A GLU 96  ? 1_555 50.0  ? 
4  ND1 ? A HIS 57 ? A HIS 55  ? 1_555 CD ? D CD . ? A CD 203 ? 1_555 O1  ? G FMT .  ? A FMT 206 ? 1_555 102.8 ? 
5  OE2 ? A GLU 98 ? A GLU 96  ? 1_555 CD ? D CD . ? A CD 203 ? 1_555 O1  ? G FMT .  ? A FMT 206 ? 1_555 87.7  ? 
6  OE1 ? A GLU 98 ? A GLU 96  ? 1_555 CD ? D CD . ? A CD 203 ? 1_555 O1  ? G FMT .  ? A FMT 206 ? 1_555 89.2  ? 
7  ND1 ? A HIS 57 ? A HIS 55  ? 1_555 CD ? D CD . ? A CD 203 ? 1_555 O2  ? G FMT .  ? A FMT 206 ? 1_555 106.6 ? 
8  OE2 ? A GLU 98 ? A GLU 96  ? 1_555 CD ? D CD . ? A CD 203 ? 1_555 O2  ? G FMT .  ? A FMT 206 ? 1_555 133.2 ? 
9  OE1 ? A GLU 98 ? A GLU 96  ? 1_555 CD ? D CD . ? A CD 203 ? 1_555 O2  ? G FMT .  ? A FMT 206 ? 1_555 105.0 ? 
10 O1  ? G FMT .  ? A FMT 206 ? 1_555 CD ? D CD . ? A CD 203 ? 1_555 O2  ? G FMT .  ? A FMT 206 ? 1_555 48.8  ? 
11 OE1 ? A GLU 62 ? A GLU 60  ? 1_555 CD ? B CD . ? A CD 201 ? 1_555 OE2 ? A GLU 62 ? A GLU 60  ? 1_555 51.3  ? 
12 OE1 ? A GLU 62 ? A GLU 60  ? 1_555 CD ? B CD . ? A CD 201 ? 1_555 O   ? K HOH .  ? A HOH 329 ? 1_555 169.2 ? 
13 OE2 ? A GLU 62 ? A GLU 60  ? 1_555 CD ? B CD . ? A CD 201 ? 1_555 O   ? K HOH .  ? A HOH 329 ? 1_555 119.8 ? 
14 OE2 ? A GLU 66 ? A GLU 64  ? 1_555 CD ? C CD . ? A CD 202 ? 1_555 OE1 ? A GLU 66 ? A GLU 64  ? 1_555 50.6  ? 
15 OE2 ? A GLU 66 ? A GLU 64  ? 1_555 CD ? C CD . ? A CD 202 ? 1_555 O   ? K HOH .  ? A HOH 325 ? 1_555 80.7  ? 
16 OE1 ? A GLU 66 ? A GLU 64  ? 1_555 CD ? C CD . ? A CD 202 ? 1_555 O   ? K HOH .  ? A HOH 325 ? 1_555 118.5 ? 
17 OD1 ? A ASP 72 ? A ASP 70  ? 1_555 CD ? E CD . ? A CD 204 ? 1_555 O2  ? H FMT .  ? A FMT 207 ? 1_555 87.0  ? 
18 OD1 ? A ASP 72 ? A ASP 70  ? 1_555 CD ? E CD . ? A CD 204 ? 1_555 O   ? K HOH .  ? A HOH 324 ? 1_555 109.9 ? 
19 O2  ? H FMT .  ? A FMT 207 ? 1_555 CD ? E CD . ? A CD 204 ? 1_555 O   ? K HOH .  ? A HOH 324 ? 1_555 83.0  ? 
20 OD1 ? A ASP 72 ? A ASP 70  ? 1_555 CD ? E CD . ? A CD 204 ? 1_555 O   ? K HOH .  ? A HOH 344 ? 1_555 86.6  ? 
21 O2  ? H FMT .  ? A FMT 207 ? 1_555 CD ? E CD . ? A CD 204 ? 1_555 O   ? K HOH .  ? A HOH 344 ? 1_555 169.8 ? 
22 O   ? K HOH .  ? A HOH 324 ? 1_555 CD ? E CD . ? A CD 204 ? 1_555 O   ? K HOH .  ? A HOH 344 ? 1_555 91.8  ? 
# 
loop_
_pdbx_modification_feature.ordinal 
_pdbx_modification_feature.label_comp_id 
_pdbx_modification_feature.label_asym_id 
_pdbx_modification_feature.label_seq_id 
_pdbx_modification_feature.label_alt_id 
_pdbx_modification_feature.modified_residue_label_comp_id 
_pdbx_modification_feature.modified_residue_label_asym_id 
_pdbx_modification_feature.modified_residue_label_seq_id 
_pdbx_modification_feature.modified_residue_label_alt_id 
_pdbx_modification_feature.auth_comp_id 
_pdbx_modification_feature.auth_asym_id 
_pdbx_modification_feature.auth_seq_id 
_pdbx_modification_feature.PDB_ins_code 
_pdbx_modification_feature.symmetry 
_pdbx_modification_feature.modified_residue_auth_comp_id 
_pdbx_modification_feature.modified_residue_auth_asym_id 
_pdbx_modification_feature.modified_residue_auth_seq_id 
_pdbx_modification_feature.modified_residue_PDB_ins_code 
_pdbx_modification_feature.modified_residue_symmetry 
_pdbx_modification_feature.comp_id_linking_atom 
_pdbx_modification_feature.modified_residue_id_linking_atom 
_pdbx_modification_feature.modified_residue_id 
_pdbx_modification_feature.ref_pcm_id 
_pdbx_modification_feature.ref_comp_id 
_pdbx_modification_feature.type 
_pdbx_modification_feature.category 
1 MSE A 61 A . . . . MSE A 59 ? 1_555 . . . . . . . MET 1 MSE Selenomethionine 'Named protein modification' 
2 MSE A 61 B . . . . MSE A 59 ? 1_555 . . . . . . . MET 1 MSE Selenomethionine 'Named protein modification' 
# 
_struct_sheet.id               A 
_struct_sheet.type             ? 
_struct_sheet.number_strands   8 
_struct_sheet.details          ? 
# 
loop_
_struct_sheet_order.sheet_id 
_struct_sheet_order.range_id_1 
_struct_sheet_order.range_id_2 
_struct_sheet_order.offset 
_struct_sheet_order.sense 
A 1 2 ? anti-parallel 
A 2 3 ? anti-parallel 
A 3 4 ? anti-parallel 
A 4 5 ? anti-parallel 
A 5 6 ? anti-parallel 
A 6 7 ? anti-parallel 
A 7 8 ? anti-parallel 
# 
loop_
_struct_sheet_range.sheet_id 
_struct_sheet_range.id 
_struct_sheet_range.beg_label_comp_id 
_struct_sheet_range.beg_label_asym_id 
_struct_sheet_range.beg_label_seq_id 
_struct_sheet_range.pdbx_beg_PDB_ins_code 
_struct_sheet_range.end_label_comp_id 
_struct_sheet_range.end_label_asym_id 
_struct_sheet_range.end_label_seq_id 
_struct_sheet_range.pdbx_end_PDB_ins_code 
_struct_sheet_range.beg_auth_comp_id 
_struct_sheet_range.beg_auth_asym_id 
_struct_sheet_range.beg_auth_seq_id 
_struct_sheet_range.end_auth_comp_id 
_struct_sheet_range.end_auth_asym_id 
_struct_sheet_range.end_auth_seq_id 
A 1 LEU A 12 ? LYS A 13 ? LEU A 10 LYS A 11 
A 2 ILE A 29 ? SER A 33 ? ILE A 27 SER A 31 
A 3 GLY A 36 ? VAL A 40 ? GLY A 34 VAL A 38 
A 4 ASN A 74 ? PHE A 79 ? ASN A 72 PHE A 77 
A 5 PHE A 59 ? GLU A 71 ? PHE A 57 GLU A 69 
A 6 GLU A 49 ? ILE A 56 ? GLU A 47 ILE A 54 
A 7 ILE A 18 ? LEU A 22 ? ILE A 16 LEU A 20 
A 8 ASN A 25 ? ILE A 27 ? ASN A 23 ILE A 25 
# 
loop_
_pdbx_struct_sheet_hbond.sheet_id 
_pdbx_struct_sheet_hbond.range_id_1 
_pdbx_struct_sheet_hbond.range_id_2 
_pdbx_struct_sheet_hbond.range_1_label_atom_id 
_pdbx_struct_sheet_hbond.range_1_label_comp_id 
_pdbx_struct_sheet_hbond.range_1_label_asym_id 
_pdbx_struct_sheet_hbond.range_1_label_seq_id 
_pdbx_struct_sheet_hbond.range_1_PDB_ins_code 
_pdbx_struct_sheet_hbond.range_1_auth_atom_id 
_pdbx_struct_sheet_hbond.range_1_auth_comp_id 
_pdbx_struct_sheet_hbond.range_1_auth_asym_id 
_pdbx_struct_sheet_hbond.range_1_auth_seq_id 
_pdbx_struct_sheet_hbond.range_2_label_atom_id 
_pdbx_struct_sheet_hbond.range_2_label_comp_id 
_pdbx_struct_sheet_hbond.range_2_label_asym_id 
_pdbx_struct_sheet_hbond.range_2_label_seq_id 
_pdbx_struct_sheet_hbond.range_2_PDB_ins_code 
_pdbx_struct_sheet_hbond.range_2_auth_atom_id 
_pdbx_struct_sheet_hbond.range_2_auth_comp_id 
_pdbx_struct_sheet_hbond.range_2_auth_asym_id 
_pdbx_struct_sheet_hbond.range_2_auth_seq_id 
A 1 2 N LEU A 12 ? N LEU A 10 O ILE A 32 ? O ILE A 30 
A 2 3 N SER A 33 ? N SER A 31 O GLY A 36 ? O GLY A 34 
A 3 4 N ALA A 37 ? N ALA A 35 O LEU A 77 ? O LEU A 75 
A 4 5 O VAL A 76 ? O VAL A 74 N ARG A 69 ? N ARG A 67 
A 5 6 O LEU A 63 ? O LEU A 61 N LEU A 52 ? N LEU A 50 
A 6 7 O GLN A 55 ? O GLN A 53 N ASN A 19 ? N ASN A 17 
A 7 8 N LEU A 22 ? N LEU A 20 O ASN A 25 ? O ASN A 23 
# 
loop_
_struct_site.id 
_struct_site.pdbx_evidence_code 
_struct_site.pdbx_auth_asym_id 
_struct_site.pdbx_auth_comp_id 
_struct_site.pdbx_auth_seq_id 
_struct_site.pdbx_auth_ins_code 
_struct_site.pdbx_num_residues 
_struct_site.details 
AC1 Software A CD  201 ? 5 'BINDING SITE FOR RESIDUE CD A 201'  
AC2 Software A CD  202 ? 4 'BINDING SITE FOR RESIDUE CD A 202'  
AC3 Software A CD  203 ? 4 'BINDING SITE FOR RESIDUE CD A 203'  
AC4 Software A CD  204 ? 6 'BINDING SITE FOR RESIDUE CD A 204'  
AC5 Software A CD  205 ? 3 'BINDING SITE FOR RESIDUE CD A 205'  
AC6 Software A FMT 206 ? 6 'BINDING SITE FOR RESIDUE FMT A 206' 
AC7 Software A FMT 207 ? 4 'BINDING SITE FOR RESIDUE FMT A 207' 
AC8 Software A EDO 208 ? 5 'BINDING SITE FOR RESIDUE EDO A 208' 
AC9 Software A CL  209 ? 3 'BINDING SITE FOR RESIDUE CL A 209'  
# 
loop_
_struct_site_gen.id 
_struct_site_gen.site_id 
_struct_site_gen.pdbx_num_res 
_struct_site_gen.label_comp_id 
_struct_site_gen.label_asym_id 
_struct_site_gen.label_seq_id 
_struct_site_gen.pdbx_auth_ins_code 
_struct_site_gen.auth_comp_id 
_struct_site_gen.auth_asym_id 
_struct_site_gen.auth_seq_id 
_struct_site_gen.label_atom_id 
_struct_site_gen.label_alt_id 
_struct_site_gen.symmetry 
_struct_site_gen.details 
1  AC1 5 GLU A 62 ? GLU A 60  . ? 1_555 ? 
2  AC1 5 HIS A 78 ? HIS A 76  . ? 2_664 ? 
3  AC1 5 CL  J .  ? CL  A 209 . ? 1_555 ? 
4  AC1 5 HOH K .  ? HOH A 327 . ? 1_555 ? 
5  AC1 5 HOH K .  ? HOH A 329 . ? 1_555 ? 
6  AC2 4 CYS A 64 ? CYS A 62  . ? 3_565 ? 
7  AC2 4 GLU A 66 ? GLU A 64  . ? 1_555 ? 
8  AC2 4 GLU A 84 ? GLU A 82  . ? 3_565 ? 
9  AC2 4 HOH K .  ? HOH A 325 . ? 1_555 ? 
10 AC3 4 GLU A 28 ? GLU A 26  . ? 4_564 ? 
11 AC3 4 HIS A 57 ? HIS A 55  . ? 1_555 ? 
12 AC3 4 GLU A 98 ? GLU A 96  . ? 1_555 ? 
13 AC3 4 FMT G .  ? FMT A 206 . ? 1_555 ? 
14 AC4 6 HIS A 15 ? HIS A 13  . ? 4_565 ? 
15 AC4 6 ASP A 72 ? ASP A 70  . ? 1_555 ? 
16 AC4 6 ASN A 73 ? ASN A 71  . ? 1_555 ? 
17 AC4 6 FMT H .  ? FMT A 207 . ? 1_555 ? 
18 AC4 6 HOH K .  ? HOH A 324 . ? 1_555 ? 
19 AC4 6 HOH K .  ? HOH A 344 . ? 1_555 ? 
20 AC5 3 GLU A 49 ? GLU A 47  . ? 1_555 ? 
21 AC5 3 ASP A 83 ? ASP A 81  . ? 3_565 ? 
22 AC5 3 HOH K .  ? HOH A 340 . ? 1_555 ? 
23 AC6 6 GLU A 28 ? GLU A 26  . ? 4_564 ? 
24 AC6 6 PHE A 59 ? PHE A 57  . ? 1_555 ? 
25 AC6 6 ARG A 94 ? ARG A 92  . ? 1_555 ? 
26 AC6 6 GLU A 98 ? GLU A 96  . ? 1_555 ? 
27 AC6 6 CD  D .  ? CD  A 203 . ? 1_555 ? 
28 AC6 6 HOH K .  ? HOH A 330 . ? 1_555 ? 
29 AC7 4 HIS A 15 ? HIS A 13  . ? 4_565 ? 
30 AC7 4 ASP A 72 ? ASP A 70  . ? 1_555 ? 
31 AC7 4 CD  E .  ? CD  A 204 . ? 1_555 ? 
32 AC7 4 HOH K .  ? HOH A 343 . ? 1_555 ? 
33 AC8 5 ASN A 19 ? ASN A 17  . ? 1_555 ? 
34 AC8 5 ALA A 20 ? ALA A 18  . ? 1_555 ? 
35 AC8 5 SER A 21 ? SER A 19  . ? 1_555 ? 
36 AC8 5 LYS A 53 ? LYS A 51  . ? 1_555 ? 
37 AC8 5 HOH K .  ? HOH A 321 . ? 1_555 ? 
38 AC9 3 ASN A 35 ? ASN A 33  . ? 2_664 ? 
39 AC9 3 GLU A 62 ? GLU A 60  . ? 1_555 ? 
40 AC9 3 CD  B .  ? CD  A 201 . ? 1_555 ? 
# 
_pdbx_entry_details.entry_id                   4Q63 
_pdbx_entry_details.compound_details           ? 
_pdbx_entry_details.source_details             ? 
_pdbx_entry_details.nonpolymer_details         ? 
_pdbx_entry_details.sequence_details           ? 
_pdbx_entry_details.has_ligand_of_interest     ? 
_pdbx_entry_details.has_protein_modification   Y 
# 
loop_
_pdbx_validate_torsion.id 
_pdbx_validate_torsion.PDB_model_num 
_pdbx_validate_torsion.auth_comp_id 
_pdbx_validate_torsion.auth_asym_id 
_pdbx_validate_torsion.auth_seq_id 
_pdbx_validate_torsion.PDB_ins_code 
_pdbx_validate_torsion.label_alt_id 
_pdbx_validate_torsion.phi 
_pdbx_validate_torsion.psi 
1 1 HIS A 55 ? ? 52.78 -118.80 
2 1 ASP A 70 ? ? 41.39 -110.95 
# 
_pdbx_SG_project.id                    1 
_pdbx_SG_project.project_name          PSI:Biology 
_pdbx_SG_project.full_name_of_center   'Midwest Center for Structural Genomics' 
_pdbx_SG_project.initial_of_center     MCSG 
# 
_pdbx_struct_mod_residue.id               1 
_pdbx_struct_mod_residue.label_asym_id    A 
_pdbx_struct_mod_residue.label_comp_id    MSE 
_pdbx_struct_mod_residue.label_seq_id     61 
_pdbx_struct_mod_residue.auth_asym_id     A 
_pdbx_struct_mod_residue.auth_comp_id     MSE 
_pdbx_struct_mod_residue.auth_seq_id      59 
_pdbx_struct_mod_residue.PDB_ins_code     ? 
_pdbx_struct_mod_residue.parent_comp_id   MET 
_pdbx_struct_mod_residue.details          SELENOMETHIONINE 
# 
loop_
_pdbx_refine_tls.pdbx_refine_id 
_pdbx_refine_tls.id 
_pdbx_refine_tls.details 
_pdbx_refine_tls.method 
_pdbx_refine_tls.origin_x 
_pdbx_refine_tls.origin_y 
_pdbx_refine_tls.origin_z 
_pdbx_refine_tls.T[1][1] 
_pdbx_refine_tls.T[2][2] 
_pdbx_refine_tls.T[3][3] 
_pdbx_refine_tls.T[1][2] 
_pdbx_refine_tls.T[1][3] 
_pdbx_refine_tls.T[2][3] 
_pdbx_refine_tls.L[1][1] 
_pdbx_refine_tls.L[2][2] 
_pdbx_refine_tls.L[3][3] 
_pdbx_refine_tls.L[1][2] 
_pdbx_refine_tls.L[1][3] 
_pdbx_refine_tls.L[2][3] 
_pdbx_refine_tls.S[1][1] 
_pdbx_refine_tls.S[1][2] 
_pdbx_refine_tls.S[1][3] 
_pdbx_refine_tls.S[2][1] 
_pdbx_refine_tls.S[2][2] 
_pdbx_refine_tls.S[2][3] 
_pdbx_refine_tls.S[3][1] 
_pdbx_refine_tls.S[3][2] 
_pdbx_refine_tls.S[3][3] 
'X-RAY DIFFRACTION' 1 ? refined 3.3881  -4.7778 1.5510   0.2628 0.3565 0.7356 0.0033  -0.0717 -0.0564 5.2060 6.0338  7.7960 -0.3929 -0.3835 -1.3400 0.0694  -0.5829 -0.1115 0.2739  -0.2034 -1.5079 0.8174  0.6940  0.2672  
'X-RAY DIFFRACTION' 2 ? refined 1.9391  0.2106  -3.6195  0.2951 0.2874 0.4257 0.0470  0.0261  -0.0890 5.6532 6.1393  4.2395 2.4259  -4.6102 -2.9601 -0.1515 0.6492  -0.3370 -0.5267 -0.1945 -0.6610 0.3695  -0.1910 0.3393  
'X-RAY DIFFRACTION' 3 ? refined 1.4120  8.2707  -12.5515 1.0247 0.7675 0.5274 0.1380  0.2026  0.0418  4.9897 0.8205  2.7602 -2.0770 -3.6752 1.5385  0.7880  1.9279  0.1455  -2.9221 -1.2474 -1.0525 -0.8249 -0.2723 0.2590  
'X-RAY DIFFRACTION' 4 ? refined -3.8978 1.3068  -0.1631  0.1739 0.2427 0.4058 0.0186  0.0131  0.0131  2.2126 10.6363 3.7977 1.6171  0.0026  -0.6396 -0.1321 0.1157  -0.5941 -0.1458 0.3185  0.2079  0.2841  -0.0591 -0.1987 
'X-RAY DIFFRACTION' 5 ? refined 0.2360  -1.8466 6.3485   0.2743 0.2437 0.3002 -0.0605 -0.0573 -0.0119 6.6130 10.5510 6.4841 -0.1458 -1.6553 0.3907  0.1718  -0.4473 -0.6795 0.7148  -0.0956 -0.3571 0.5686  0.1089  -0.0455  
# 
loop_
_pdbx_refine_tls_group.pdbx_refine_id 
_pdbx_refine_tls_group.id 
_pdbx_refine_tls_group.refine_tls_id 
_pdbx_refine_tls_group.beg_auth_asym_id 
_pdbx_refine_tls_group.beg_auth_seq_id 
_pdbx_refine_tls_group.beg_label_asym_id 
_pdbx_refine_tls_group.beg_label_seq_id 
_pdbx_refine_tls_group.end_auth_asym_id 
_pdbx_refine_tls_group.end_auth_seq_id 
_pdbx_refine_tls_group.end_label_asym_id 
_pdbx_refine_tls_group.end_label_seq_id 
_pdbx_refine_tls_group.selection 
_pdbx_refine_tls_group.selection_details 
'X-RAY DIFFRACTION' 1 1 ? ? ? ? ? ? ? ? ? 
;chain 'A' and (resid 7 through 20 )
;
'X-RAY DIFFRACTION' 2 2 ? ? ? ? ? ? ? ? ? 
;chain 'A' and (resid 21 through 38 )
;
'X-RAY DIFFRACTION' 3 3 ? ? ? ? ? ? ? ? ? 
;chain 'A' and (resid 39 through 46 )
;
'X-RAY DIFFRACTION' 4 4 ? ? ? ? ? ? ? ? ? 
;chain 'A' and (resid 47 through 69 )
;
'X-RAY DIFFRACTION' 5 5 ? ? ? ? ? ? ? ? ? 
;chain 'A' and (resid 70 through 99 )
;
# 
loop_
_pdbx_unobs_or_zero_occ_residues.id 
_pdbx_unobs_or_zero_occ_residues.PDB_model_num 
_pdbx_unobs_or_zero_occ_residues.polymer_flag 
_pdbx_unobs_or_zero_occ_residues.occupancy_flag 
_pdbx_unobs_or_zero_occ_residues.auth_asym_id 
_pdbx_unobs_or_zero_occ_residues.auth_comp_id 
_pdbx_unobs_or_zero_occ_residues.auth_seq_id 
_pdbx_unobs_or_zero_occ_residues.PDB_ins_code 
_pdbx_unobs_or_zero_occ_residues.label_asym_id 
_pdbx_unobs_or_zero_occ_residues.label_comp_id 
_pdbx_unobs_or_zero_occ_residues.label_seq_id 
1  1 Y 1 A GLY -1  ? A GLY 1   
2  1 Y 1 A HIS 0   ? A HIS 2   
3  1 Y 1 A MSE 1   ? A MSE 3   
4  1 Y 1 A ASP 2   ? A ASP 4   
5  1 Y 1 A GLU 3   ? A GLU 5   
6  1 Y 1 A ARG 4   ? A ARG 6   
7  1 Y 1 A ARG 5   ? A ARG 7   
8  1 Y 1 A LYS 6   ? A LYS 8   
9  1 Y 1 A LYS 100 ? A LYS 102 
10 1 Y 1 A THR 101 ? A THR 103 
11 1 Y 1 A GLY 102 ? A GLY 104 
12 1 Y 1 A SER 103 ? A SER 105 
# 
loop_
_chem_comp_atom.comp_id 
_chem_comp_atom.atom_id 
_chem_comp_atom.type_symbol 
_chem_comp_atom.pdbx_aromatic_flag 
_chem_comp_atom.pdbx_stereo_config 
_chem_comp_atom.pdbx_ordinal 
ALA N    N  N N 1   
ALA CA   C  N S 2   
ALA C    C  N N 3   
ALA O    O  N N 4   
ALA CB   C  N N 5   
ALA OXT  O  N N 6   
ALA H    H  N N 7   
ALA H2   H  N N 8   
ALA HA   H  N N 9   
ALA HB1  H  N N 10  
ALA HB2  H  N N 11  
ALA HB3  H  N N 12  
ALA HXT  H  N N 13  
ARG N    N  N N 14  
ARG CA   C  N S 15  
ARG C    C  N N 16  
ARG O    O  N N 17  
ARG CB   C  N N 18  
ARG CG   C  N N 19  
ARG CD   C  N N 20  
ARG NE   N  N N 21  
ARG CZ   C  N N 22  
ARG NH1  N  N N 23  
ARG NH2  N  N N 24  
ARG OXT  O  N N 25  
ARG H    H  N N 26  
ARG H2   H  N N 27  
ARG HA   H  N N 28  
ARG HB2  H  N N 29  
ARG HB3  H  N N 30  
ARG HG2  H  N N 31  
ARG HG3  H  N N 32  
ARG HD2  H  N N 33  
ARG HD3  H  N N 34  
ARG HE   H  N N 35  
ARG HH11 H  N N 36  
ARG HH12 H  N N 37  
ARG HH21 H  N N 38  
ARG HH22 H  N N 39  
ARG HXT  H  N N 40  
ASN N    N  N N 41  
ASN CA   C  N S 42  
ASN C    C  N N 43  
ASN O    O  N N 44  
ASN CB   C  N N 45  
ASN CG   C  N N 46  
ASN OD1  O  N N 47  
ASN ND2  N  N N 48  
ASN OXT  O  N N 49  
ASN H    H  N N 50  
ASN H2   H  N N 51  
ASN HA   H  N N 52  
ASN HB2  H  N N 53  
ASN HB3  H  N N 54  
ASN HD21 H  N N 55  
ASN HD22 H  N N 56  
ASN HXT  H  N N 57  
ASP N    N  N N 58  
ASP CA   C  N S 59  
ASP C    C  N N 60  
ASP O    O  N N 61  
ASP CB   C  N N 62  
ASP CG   C  N N 63  
ASP OD1  O  N N 64  
ASP OD2  O  N N 65  
ASP OXT  O  N N 66  
ASP H    H  N N 67  
ASP H2   H  N N 68  
ASP HA   H  N N 69  
ASP HB2  H  N N 70  
ASP HB3  H  N N 71  
ASP HD2  H  N N 72  
ASP HXT  H  N N 73  
CD  CD   CD N N 74  
CL  CL   CL N N 75  
CYS N    N  N N 76  
CYS CA   C  N R 77  
CYS C    C  N N 78  
CYS O    O  N N 79  
CYS CB   C  N N 80  
CYS SG   S  N N 81  
CYS OXT  O  N N 82  
CYS H    H  N N 83  
CYS H2   H  N N 84  
CYS HA   H  N N 85  
CYS HB2  H  N N 86  
CYS HB3  H  N N 87  
CYS HG   H  N N 88  
CYS HXT  H  N N 89  
EDO C1   C  N N 90  
EDO O1   O  N N 91  
EDO C2   C  N N 92  
EDO O2   O  N N 93  
EDO H11  H  N N 94  
EDO H12  H  N N 95  
EDO HO1  H  N N 96  
EDO H21  H  N N 97  
EDO H22  H  N N 98  
EDO HO2  H  N N 99  
FMT C    C  N N 100 
FMT O1   O  N N 101 
FMT O2   O  N N 102 
FMT H    H  N N 103 
FMT HO2  H  N N 104 
GLN N    N  N N 105 
GLN CA   C  N S 106 
GLN C    C  N N 107 
GLN O    O  N N 108 
GLN CB   C  N N 109 
GLN CG   C  N N 110 
GLN CD   C  N N 111 
GLN OE1  O  N N 112 
GLN NE2  N  N N 113 
GLN OXT  O  N N 114 
GLN H    H  N N 115 
GLN H2   H  N N 116 
GLN HA   H  N N 117 
GLN HB2  H  N N 118 
GLN HB3  H  N N 119 
GLN HG2  H  N N 120 
GLN HG3  H  N N 121 
GLN HE21 H  N N 122 
GLN HE22 H  N N 123 
GLN HXT  H  N N 124 
GLU N    N  N N 125 
GLU CA   C  N S 126 
GLU C    C  N N 127 
GLU O    O  N N 128 
GLU CB   C  N N 129 
GLU CG   C  N N 130 
GLU CD   C  N N 131 
GLU OE1  O  N N 132 
GLU OE2  O  N N 133 
GLU OXT  O  N N 134 
GLU H    H  N N 135 
GLU H2   H  N N 136 
GLU HA   H  N N 137 
GLU HB2  H  N N 138 
GLU HB3  H  N N 139 
GLU HG2  H  N N 140 
GLU HG3  H  N N 141 
GLU HE2  H  N N 142 
GLU HXT  H  N N 143 
GLY N    N  N N 144 
GLY CA   C  N N 145 
GLY C    C  N N 146 
GLY O    O  N N 147 
GLY OXT  O  N N 148 
GLY H    H  N N 149 
GLY H2   H  N N 150 
GLY HA2  H  N N 151 
GLY HA3  H  N N 152 
GLY HXT  H  N N 153 
HIS N    N  N N 154 
HIS CA   C  N S 155 
HIS C    C  N N 156 
HIS O    O  N N 157 
HIS CB   C  N N 158 
HIS CG   C  Y N 159 
HIS ND1  N  Y N 160 
HIS CD2  C  Y N 161 
HIS CE1  C  Y N 162 
HIS NE2  N  Y N 163 
HIS OXT  O  N N 164 
HIS H    H  N N 165 
HIS H2   H  N N 166 
HIS HA   H  N N 167 
HIS HB2  H  N N 168 
HIS HB3  H  N N 169 
HIS HD1  H  N N 170 
HIS HD2  H  N N 171 
HIS HE1  H  N N 172 
HIS HE2  H  N N 173 
HIS HXT  H  N N 174 
HOH O    O  N N 175 
HOH H1   H  N N 176 
HOH H2   H  N N 177 
ILE N    N  N N 178 
ILE CA   C  N S 179 
ILE C    C  N N 180 
ILE O    O  N N 181 
ILE CB   C  N S 182 
ILE CG1  C  N N 183 
ILE CG2  C  N N 184 
ILE CD1  C  N N 185 
ILE OXT  O  N N 186 
ILE H    H  N N 187 
ILE H2   H  N N 188 
ILE HA   H  N N 189 
ILE HB   H  N N 190 
ILE HG12 H  N N 191 
ILE HG13 H  N N 192 
ILE HG21 H  N N 193 
ILE HG22 H  N N 194 
ILE HG23 H  N N 195 
ILE HD11 H  N N 196 
ILE HD12 H  N N 197 
ILE HD13 H  N N 198 
ILE HXT  H  N N 199 
LEU N    N  N N 200 
LEU CA   C  N S 201 
LEU C    C  N N 202 
LEU O    O  N N 203 
LEU CB   C  N N 204 
LEU CG   C  N N 205 
LEU CD1  C  N N 206 
LEU CD2  C  N N 207 
LEU OXT  O  N N 208 
LEU H    H  N N 209 
LEU H2   H  N N 210 
LEU HA   H  N N 211 
LEU HB2  H  N N 212 
LEU HB3  H  N N 213 
LEU HG   H  N N 214 
LEU HD11 H  N N 215 
LEU HD12 H  N N 216 
LEU HD13 H  N N 217 
LEU HD21 H  N N 218 
LEU HD22 H  N N 219 
LEU HD23 H  N N 220 
LEU HXT  H  N N 221 
LYS N    N  N N 222 
LYS CA   C  N S 223 
LYS C    C  N N 224 
LYS O    O  N N 225 
LYS CB   C  N N 226 
LYS CG   C  N N 227 
LYS CD   C  N N 228 
LYS CE   C  N N 229 
LYS NZ   N  N N 230 
LYS OXT  O  N N 231 
LYS H    H  N N 232 
LYS H2   H  N N 233 
LYS HA   H  N N 234 
LYS HB2  H  N N 235 
LYS HB3  H  N N 236 
LYS HG2  H  N N 237 
LYS HG3  H  N N 238 
LYS HD2  H  N N 239 
LYS HD3  H  N N 240 
LYS HE2  H  N N 241 
LYS HE3  H  N N 242 
LYS HZ1  H  N N 243 
LYS HZ2  H  N N 244 
LYS HZ3  H  N N 245 
LYS HXT  H  N N 246 
MSE N    N  N N 247 
MSE CA   C  N S 248 
MSE C    C  N N 249 
MSE O    O  N N 250 
MSE OXT  O  N N 251 
MSE CB   C  N N 252 
MSE CG   C  N N 253 
MSE SE   SE N N 254 
MSE CE   C  N N 255 
MSE H    H  N N 256 
MSE H2   H  N N 257 
MSE HA   H  N N 258 
MSE HXT  H  N N 259 
MSE HB2  H  N N 260 
MSE HB3  H  N N 261 
MSE HG2  H  N N 262 
MSE HG3  H  N N 263 
MSE HE1  H  N N 264 
MSE HE2  H  N N 265 
MSE HE3  H  N N 266 
PHE N    N  N N 267 
PHE CA   C  N S 268 
PHE C    C  N N 269 
PHE O    O  N N 270 
PHE CB   C  N N 271 
PHE CG   C  Y N 272 
PHE CD1  C  Y N 273 
PHE CD2  C  Y N 274 
PHE CE1  C  Y N 275 
PHE CE2  C  Y N 276 
PHE CZ   C  Y N 277 
PHE OXT  O  N N 278 
PHE H    H  N N 279 
PHE H2   H  N N 280 
PHE HA   H  N N 281 
PHE HB2  H  N N 282 
PHE HB3  H  N N 283 
PHE HD1  H  N N 284 
PHE HD2  H  N N 285 
PHE HE1  H  N N 286 
PHE HE2  H  N N 287 
PHE HZ   H  N N 288 
PHE HXT  H  N N 289 
PRO N    N  N N 290 
PRO CA   C  N S 291 
PRO C    C  N N 292 
PRO O    O  N N 293 
PRO CB   C  N N 294 
PRO CG   C  N N 295 
PRO CD   C  N N 296 
PRO OXT  O  N N 297 
PRO H    H  N N 298 
PRO HA   H  N N 299 
PRO HB2  H  N N 300 
PRO HB3  H  N N 301 
PRO HG2  H  N N 302 
PRO HG3  H  N N 303 
PRO HD2  H  N N 304 
PRO HD3  H  N N 305 
PRO HXT  H  N N 306 
SER N    N  N N 307 
SER CA   C  N S 308 
SER C    C  N N 309 
SER O    O  N N 310 
SER CB   C  N N 311 
SER OG   O  N N 312 
SER OXT  O  N N 313 
SER H    H  N N 314 
SER H2   H  N N 315 
SER HA   H  N N 316 
SER HB2  H  N N 317 
SER HB3  H  N N 318 
SER HG   H  N N 319 
SER HXT  H  N N 320 
THR N    N  N N 321 
THR CA   C  N S 322 
THR C    C  N N 323 
THR O    O  N N 324 
THR CB   C  N R 325 
THR OG1  O  N N 326 
THR CG2  C  N N 327 
THR OXT  O  N N 328 
THR H    H  N N 329 
THR H2   H  N N 330 
THR HA   H  N N 331 
THR HB   H  N N 332 
THR HG1  H  N N 333 
THR HG21 H  N N 334 
THR HG22 H  N N 335 
THR HG23 H  N N 336 
THR HXT  H  N N 337 
TYR N    N  N N 338 
TYR CA   C  N S 339 
TYR C    C  N N 340 
TYR O    O  N N 341 
TYR CB   C  N N 342 
TYR CG   C  Y N 343 
TYR CD1  C  Y N 344 
TYR CD2  C  Y N 345 
TYR CE1  C  Y N 346 
TYR CE2  C  Y N 347 
TYR CZ   C  Y N 348 
TYR OH   O  N N 349 
TYR OXT  O  N N 350 
TYR H    H  N N 351 
TYR H2   H  N N 352 
TYR HA   H  N N 353 
TYR HB2  H  N N 354 
TYR HB3  H  N N 355 
TYR HD1  H  N N 356 
TYR HD2  H  N N 357 
TYR HE1  H  N N 358 
TYR HE2  H  N N 359 
TYR HH   H  N N 360 
TYR HXT  H  N N 361 
VAL N    N  N N 362 
VAL CA   C  N S 363 
VAL C    C  N N 364 
VAL O    O  N N 365 
VAL CB   C  N N 366 
VAL CG1  C  N N 367 
VAL CG2  C  N N 368 
VAL OXT  O  N N 369 
VAL H    H  N N 370 
VAL H2   H  N N 371 
VAL HA   H  N N 372 
VAL HB   H  N N 373 
VAL HG11 H  N N 374 
VAL HG12 H  N N 375 
VAL HG13 H  N N 376 
VAL HG21 H  N N 377 
VAL HG22 H  N N 378 
VAL HG23 H  N N 379 
VAL HXT  H  N N 380 
# 
loop_
_chem_comp_bond.comp_id 
_chem_comp_bond.atom_id_1 
_chem_comp_bond.atom_id_2 
_chem_comp_bond.value_order 
_chem_comp_bond.pdbx_aromatic_flag 
_chem_comp_bond.pdbx_stereo_config 
_chem_comp_bond.pdbx_ordinal 
ALA N   CA   sing N N 1   
ALA N   H    sing N N 2   
ALA N   H2   sing N N 3   
ALA CA  C    sing N N 4   
ALA CA  CB   sing N N 5   
ALA CA  HA   sing N N 6   
ALA C   O    doub N N 7   
ALA C   OXT  sing N N 8   
ALA CB  HB1  sing N N 9   
ALA CB  HB2  sing N N 10  
ALA CB  HB3  sing N N 11  
ALA OXT HXT  sing N N 12  
ARG N   CA   sing N N 13  
ARG N   H    sing N N 14  
ARG N   H2   sing N N 15  
ARG CA  C    sing N N 16  
ARG CA  CB   sing N N 17  
ARG CA  HA   sing N N 18  
ARG C   O    doub N N 19  
ARG C   OXT  sing N N 20  
ARG CB  CG   sing N N 21  
ARG CB  HB2  sing N N 22  
ARG CB  HB3  sing N N 23  
ARG CG  CD   sing N N 24  
ARG CG  HG2  sing N N 25  
ARG CG  HG3  sing N N 26  
ARG CD  NE   sing N N 27  
ARG CD  HD2  sing N N 28  
ARG CD  HD3  sing N N 29  
ARG NE  CZ   sing N N 30  
ARG NE  HE   sing N N 31  
ARG CZ  NH1  sing N N 32  
ARG CZ  NH2  doub N N 33  
ARG NH1 HH11 sing N N 34  
ARG NH1 HH12 sing N N 35  
ARG NH2 HH21 sing N N 36  
ARG NH2 HH22 sing N N 37  
ARG OXT HXT  sing N N 38  
ASN N   CA   sing N N 39  
ASN N   H    sing N N 40  
ASN N   H2   sing N N 41  
ASN CA  C    sing N N 42  
ASN CA  CB   sing N N 43  
ASN CA  HA   sing N N 44  
ASN C   O    doub N N 45  
ASN C   OXT  sing N N 46  
ASN CB  CG   sing N N 47  
ASN CB  HB2  sing N N 48  
ASN CB  HB3  sing N N 49  
ASN CG  OD1  doub N N 50  
ASN CG  ND2  sing N N 51  
ASN ND2 HD21 sing N N 52  
ASN ND2 HD22 sing N N 53  
ASN OXT HXT  sing N N 54  
ASP N   CA   sing N N 55  
ASP N   H    sing N N 56  
ASP N   H2   sing N N 57  
ASP CA  C    sing N N 58  
ASP CA  CB   sing N N 59  
ASP CA  HA   sing N N 60  
ASP C   O    doub N N 61  
ASP C   OXT  sing N N 62  
ASP CB  CG   sing N N 63  
ASP CB  HB2  sing N N 64  
ASP CB  HB3  sing N N 65  
ASP CG  OD1  doub N N 66  
ASP CG  OD2  sing N N 67  
ASP OD2 HD2  sing N N 68  
ASP OXT HXT  sing N N 69  
CYS N   CA   sing N N 70  
CYS N   H    sing N N 71  
CYS N   H2   sing N N 72  
CYS CA  C    sing N N 73  
CYS CA  CB   sing N N 74  
CYS CA  HA   sing N N 75  
CYS C   O    doub N N 76  
CYS C   OXT  sing N N 77  
CYS CB  SG   sing N N 78  
CYS CB  HB2  sing N N 79  
CYS CB  HB3  sing N N 80  
CYS SG  HG   sing N N 81  
CYS OXT HXT  sing N N 82  
EDO C1  O1   sing N N 83  
EDO C1  C2   sing N N 84  
EDO C1  H11  sing N N 85  
EDO C1  H12  sing N N 86  
EDO O1  HO1  sing N N 87  
EDO C2  O2   sing N N 88  
EDO C2  H21  sing N N 89  
EDO C2  H22  sing N N 90  
EDO O2  HO2  sing N N 91  
FMT C   O1   doub N N 92  
FMT C   O2   sing N N 93  
FMT C   H    sing N N 94  
FMT O2  HO2  sing N N 95  
GLN N   CA   sing N N 96  
GLN N   H    sing N N 97  
GLN N   H2   sing N N 98  
GLN CA  C    sing N N 99  
GLN CA  CB   sing N N 100 
GLN CA  HA   sing N N 101 
GLN C   O    doub N N 102 
GLN C   OXT  sing N N 103 
GLN CB  CG   sing N N 104 
GLN CB  HB2  sing N N 105 
GLN CB  HB3  sing N N 106 
GLN CG  CD   sing N N 107 
GLN CG  HG2  sing N N 108 
GLN CG  HG3  sing N N 109 
GLN CD  OE1  doub N N 110 
GLN CD  NE2  sing N N 111 
GLN NE2 HE21 sing N N 112 
GLN NE2 HE22 sing N N 113 
GLN OXT HXT  sing N N 114 
GLU N   CA   sing N N 115 
GLU N   H    sing N N 116 
GLU N   H2   sing N N 117 
GLU CA  C    sing N N 118 
GLU CA  CB   sing N N 119 
GLU CA  HA   sing N N 120 
GLU C   O    doub N N 121 
GLU C   OXT  sing N N 122 
GLU CB  CG   sing N N 123 
GLU CB  HB2  sing N N 124 
GLU CB  HB3  sing N N 125 
GLU CG  CD   sing N N 126 
GLU CG  HG2  sing N N 127 
GLU CG  HG3  sing N N 128 
GLU CD  OE1  doub N N 129 
GLU CD  OE2  sing N N 130 
GLU OE2 HE2  sing N N 131 
GLU OXT HXT  sing N N 132 
GLY N   CA   sing N N 133 
GLY N   H    sing N N 134 
GLY N   H2   sing N N 135 
GLY CA  C    sing N N 136 
GLY CA  HA2  sing N N 137 
GLY CA  HA3  sing N N 138 
GLY C   O    doub N N 139 
GLY C   OXT  sing N N 140 
GLY OXT HXT  sing N N 141 
HIS N   CA   sing N N 142 
HIS N   H    sing N N 143 
HIS N   H2   sing N N 144 
HIS CA  C    sing N N 145 
HIS CA  CB   sing N N 146 
HIS CA  HA   sing N N 147 
HIS C   O    doub N N 148 
HIS C   OXT  sing N N 149 
HIS CB  CG   sing N N 150 
HIS CB  HB2  sing N N 151 
HIS CB  HB3  sing N N 152 
HIS CG  ND1  sing Y N 153 
HIS CG  CD2  doub Y N 154 
HIS ND1 CE1  doub Y N 155 
HIS ND1 HD1  sing N N 156 
HIS CD2 NE2  sing Y N 157 
HIS CD2 HD2  sing N N 158 
HIS CE1 NE2  sing Y N 159 
HIS CE1 HE1  sing N N 160 
HIS NE2 HE2  sing N N 161 
HIS OXT HXT  sing N N 162 
HOH O   H1   sing N N 163 
HOH O   H2   sing N N 164 
ILE N   CA   sing N N 165 
ILE N   H    sing N N 166 
ILE N   H2   sing N N 167 
ILE CA  C    sing N N 168 
ILE CA  CB   sing N N 169 
ILE CA  HA   sing N N 170 
ILE C   O    doub N N 171 
ILE C   OXT  sing N N 172 
ILE CB  CG1  sing N N 173 
ILE CB  CG2  sing N N 174 
ILE CB  HB   sing N N 175 
ILE CG1 CD1  sing N N 176 
ILE CG1 HG12 sing N N 177 
ILE CG1 HG13 sing N N 178 
ILE CG2 HG21 sing N N 179 
ILE CG2 HG22 sing N N 180 
ILE CG2 HG23 sing N N 181 
ILE CD1 HD11 sing N N 182 
ILE CD1 HD12 sing N N 183 
ILE CD1 HD13 sing N N 184 
ILE OXT HXT  sing N N 185 
LEU N   CA   sing N N 186 
LEU N   H    sing N N 187 
LEU N   H2   sing N N 188 
LEU CA  C    sing N N 189 
LEU CA  CB   sing N N 190 
LEU CA  HA   sing N N 191 
LEU C   O    doub N N 192 
LEU C   OXT  sing N N 193 
LEU CB  CG   sing N N 194 
LEU CB  HB2  sing N N 195 
LEU CB  HB3  sing N N 196 
LEU CG  CD1  sing N N 197 
LEU CG  CD2  sing N N 198 
LEU CG  HG   sing N N 199 
LEU CD1 HD11 sing N N 200 
LEU CD1 HD12 sing N N 201 
LEU CD1 HD13 sing N N 202 
LEU CD2 HD21 sing N N 203 
LEU CD2 HD22 sing N N 204 
LEU CD2 HD23 sing N N 205 
LEU OXT HXT  sing N N 206 
LYS N   CA   sing N N 207 
LYS N   H    sing N N 208 
LYS N   H2   sing N N 209 
LYS CA  C    sing N N 210 
LYS CA  CB   sing N N 211 
LYS CA  HA   sing N N 212 
LYS C   O    doub N N 213 
LYS C   OXT  sing N N 214 
LYS CB  CG   sing N N 215 
LYS CB  HB2  sing N N 216 
LYS CB  HB3  sing N N 217 
LYS CG  CD   sing N N 218 
LYS CG  HG2  sing N N 219 
LYS CG  HG3  sing N N 220 
LYS CD  CE   sing N N 221 
LYS CD  HD2  sing N N 222 
LYS CD  HD3  sing N N 223 
LYS CE  NZ   sing N N 224 
LYS CE  HE2  sing N N 225 
LYS CE  HE3  sing N N 226 
LYS NZ  HZ1  sing N N 227 
LYS NZ  HZ2  sing N N 228 
LYS NZ  HZ3  sing N N 229 
LYS OXT HXT  sing N N 230 
MSE N   CA   sing N N 231 
MSE N   H    sing N N 232 
MSE N   H2   sing N N 233 
MSE CA  C    sing N N 234 
MSE CA  CB   sing N N 235 
MSE CA  HA   sing N N 236 
MSE C   O    doub N N 237 
MSE C   OXT  sing N N 238 
MSE OXT HXT  sing N N 239 
MSE CB  CG   sing N N 240 
MSE CB  HB2  sing N N 241 
MSE CB  HB3  sing N N 242 
MSE CG  SE   sing N N 243 
MSE CG  HG2  sing N N 244 
MSE CG  HG3  sing N N 245 
MSE SE  CE   sing N N 246 
MSE CE  HE1  sing N N 247 
MSE CE  HE2  sing N N 248 
MSE CE  HE3  sing N N 249 
PHE N   CA   sing N N 250 
PHE N   H    sing N N 251 
PHE N   H2   sing N N 252 
PHE CA  C    sing N N 253 
PHE CA  CB   sing N N 254 
PHE CA  HA   sing N N 255 
PHE C   O    doub N N 256 
PHE C   OXT  sing N N 257 
PHE CB  CG   sing N N 258 
PHE CB  HB2  sing N N 259 
PHE CB  HB3  sing N N 260 
PHE CG  CD1  doub Y N 261 
PHE CG  CD2  sing Y N 262 
PHE CD1 CE1  sing Y N 263 
PHE CD1 HD1  sing N N 264 
PHE CD2 CE2  doub Y N 265 
PHE CD2 HD2  sing N N 266 
PHE CE1 CZ   doub Y N 267 
PHE CE1 HE1  sing N N 268 
PHE CE2 CZ   sing Y N 269 
PHE CE2 HE2  sing N N 270 
PHE CZ  HZ   sing N N 271 
PHE OXT HXT  sing N N 272 
PRO N   CA   sing N N 273 
PRO N   CD   sing N N 274 
PRO N   H    sing N N 275 
PRO CA  C    sing N N 276 
PRO CA  CB   sing N N 277 
PRO CA  HA   sing N N 278 
PRO C   O    doub N N 279 
PRO C   OXT  sing N N 280 
PRO CB  CG   sing N N 281 
PRO CB  HB2  sing N N 282 
PRO CB  HB3  sing N N 283 
PRO CG  CD   sing N N 284 
PRO CG  HG2  sing N N 285 
PRO CG  HG3  sing N N 286 
PRO CD  HD2  sing N N 287 
PRO CD  HD3  sing N N 288 
PRO OXT HXT  sing N N 289 
SER N   CA   sing N N 290 
SER N   H    sing N N 291 
SER N   H2   sing N N 292 
SER CA  C    sing N N 293 
SER CA  CB   sing N N 294 
SER CA  HA   sing N N 295 
SER C   O    doub N N 296 
SER C   OXT  sing N N 297 
SER CB  OG   sing N N 298 
SER CB  HB2  sing N N 299 
SER CB  HB3  sing N N 300 
SER OG  HG   sing N N 301 
SER OXT HXT  sing N N 302 
THR N   CA   sing N N 303 
THR N   H    sing N N 304 
THR N   H2   sing N N 305 
THR CA  C    sing N N 306 
THR CA  CB   sing N N 307 
THR CA  HA   sing N N 308 
THR C   O    doub N N 309 
THR C   OXT  sing N N 310 
THR CB  OG1  sing N N 311 
THR CB  CG2  sing N N 312 
THR CB  HB   sing N N 313 
THR OG1 HG1  sing N N 314 
THR CG2 HG21 sing N N 315 
THR CG2 HG22 sing N N 316 
THR CG2 HG23 sing N N 317 
THR OXT HXT  sing N N 318 
TYR N   CA   sing N N 319 
TYR N   H    sing N N 320 
TYR N   H2   sing N N 321 
TYR CA  C    sing N N 322 
TYR CA  CB   sing N N 323 
TYR CA  HA   sing N N 324 
TYR C   O    doub N N 325 
TYR C   OXT  sing N N 326 
TYR CB  CG   sing N N 327 
TYR CB  HB2  sing N N 328 
TYR CB  HB3  sing N N 329 
TYR CG  CD1  doub Y N 330 
TYR CG  CD2  sing Y N 331 
TYR CD1 CE1  sing Y N 332 
TYR CD1 HD1  sing N N 333 
TYR CD2 CE2  doub Y N 334 
TYR CD2 HD2  sing N N 335 
TYR CE1 CZ   doub Y N 336 
TYR CE1 HE1  sing N N 337 
TYR CE2 CZ   sing Y N 338 
TYR CE2 HE2  sing N N 339 
TYR CZ  OH   sing N N 340 
TYR OH  HH   sing N N 341 
TYR OXT HXT  sing N N 342 
VAL N   CA   sing N N 343 
VAL N   H    sing N N 344 
VAL N   H2   sing N N 345 
VAL CA  C    sing N N 346 
VAL CA  CB   sing N N 347 
VAL CA  HA   sing N N 348 
VAL C   O    doub N N 349 
VAL C   OXT  sing N N 350 
VAL CB  CG1  sing N N 351 
VAL CB  CG2  sing N N 352 
VAL CB  HB   sing N N 353 
VAL CG1 HG11 sing N N 354 
VAL CG1 HG12 sing N N 355 
VAL CG1 HG13 sing N N 356 
VAL CG2 HG21 sing N N 357 
VAL CG2 HG22 sing N N 358 
VAL CG2 HG23 sing N N 359 
VAL OXT HXT  sing N N 360 
# 
_atom_sites.entry_id                    4Q63 
_atom_sites.fract_transf_matrix[1][1]   -0.00511184 
_atom_sites.fract_transf_matrix[1][2]   0.01276427 
_atom_sites.fract_transf_matrix[1][3]   0.00294638 
_atom_sites.fract_transf_matrix[2][1]   0.00136096 
_atom_sites.fract_transf_matrix[2][2]   0.00530085 
_atom_sites.fract_transf_matrix[2][3]   0.01295333 
_atom_sites.fract_transf_matrix[3][1]   0.02259805 
_atom_sites.fract_transf_matrix[3][2]   0.01059938 
_atom_sites.fract_transf_matrix[3][3]   -0.00671184 
_atom_sites.fract_transf_vector[1]      0.138738 
_atom_sites.fract_transf_vector[2]      0.584685 
_atom_sites.fract_transf_vector[3]      -0.045128 
# 
loop_
_atom_type.symbol 
C  
CD 
CL 
N  
O  
S  
SE 
# 
loop_
_atom_site.group_PDB 
_atom_site.id 
_atom_site.type_symbol 
_atom_site.label_atom_id 
_atom_site.label_alt_id 
_atom_site.label_comp_id 
_atom_site.label_asym_id 
_atom_site.label_entity_id 
_atom_site.label_seq_id 
_atom_site.pdbx_PDB_ins_code 
_atom_site.Cartn_x 
_atom_site.Cartn_y 
_atom_site.Cartn_z 
_atom_site.occupancy 
_atom_site.B_iso_or_equiv 
_atom_site.pdbx_formal_charge 
_atom_site.auth_seq_id 
_atom_site.auth_comp_id 
_atom_site.auth_asym_id 
_atom_site.auth_atom_id 
_atom_site.pdbx_PDB_model_num 
ATOM   1   N  N   . TYR A 1 9   ? 6.864   1.234   14.649  1.00 110.30 ? 7   TYR A N   1 
ATOM   2   C  CA  . TYR A 1 9   ? 6.162   0.432   13.652  1.00 104.40 ? 7   TYR A CA  1 
ATOM   3   C  C   . TYR A 1 9   ? 7.109   -0.417  12.814  1.00 100.71 ? 7   TYR A C   1 
ATOM   4   O  O   . TYR A 1 9   ? 8.253   -0.655  13.201  1.00 105.50 ? 7   TYR A O   1 
ATOM   5   C  CB  . TYR A 1 9   ? 5.310   1.318   12.741  1.00 102.69 ? 7   TYR A CB  1 
ATOM   6   C  CG  . TYR A 1 9   ? 3.944   1.622   13.302  1.00 105.12 ? 7   TYR A CG  1 
ATOM   7   C  CD1 . TYR A 1 9   ? 3.493   0.994   14.458  1.00 109.25 ? 7   TYR A CD1 1 
ATOM   8   C  CD2 . TYR A 1 9   ? 3.097   2.528   12.674  1.00 103.26 ? 7   TYR A CD2 1 
ATOM   9   C  CE1 . TYR A 1 9   ? 2.239   1.265   14.977  1.00 110.49 ? 7   TYR A CE1 1 
ATOM   10  C  CE2 . TYR A 1 9   ? 1.841   2.805   13.185  1.00 104.02 ? 7   TYR A CE2 1 
ATOM   11  C  CZ  . TYR A 1 9   ? 1.416   2.170   14.335  1.00 107.68 ? 7   TYR A CZ  1 
ATOM   12  O  OH  . TYR A 1 9   ? 0.166   2.442   14.848  1.00 107.82 ? 7   TYR A OH  1 
ATOM   13  N  N   . PHE A 1 10  ? 6.624   -0.870  11.662  1.00 90.96  ? 8   PHE A N   1 
ATOM   14  C  CA  . PHE A 1 10  ? 7.412   -1.741  10.800  1.00 86.83  ? 8   PHE A CA  1 
ATOM   15  C  C   . PHE A 1 10  ? 6.961   -1.672  9.345   1.00 78.14  ? 8   PHE A C   1 
ATOM   16  O  O   . PHE A 1 10  ? 5.798   -1.398  9.056   1.00 77.16  ? 8   PHE A O   1 
ATOM   17  C  CB  . PHE A 1 10  ? 7.354   -3.189  11.302  1.00 88.43  ? 8   PHE A CB  1 
ATOM   18  C  CG  . PHE A 1 10  ? 6.029   -3.864  11.071  1.00 85.75  ? 8   PHE A CG  1 
ATOM   19  C  CD1 . PHE A 1 10  ? 5.895   -4.840  10.097  1.00 83.28  ? 8   PHE A CD1 1 
ATOM   20  C  CD2 . PHE A 1 10  ? 4.917   -3.522  11.825  1.00 84.44  ? 8   PHE A CD2 1 
ATOM   21  C  CE1 . PHE A 1 10  ? 4.679   -5.460  9.886   1.00 79.74  ? 8   PHE A CE1 1 
ATOM   22  C  CE2 . PHE A 1 10  ? 3.700   -4.140  11.614  1.00 80.04  ? 8   PHE A CE2 1 
ATOM   23  C  CZ  . PHE A 1 10  ? 3.582   -5.108  10.644  1.00 78.76  ? 8   PHE A CZ  1 
ATOM   24  N  N   . ARG A 1 11  ? 7.894   -1.922  8.435   1.00 74.97  ? 9   ARG A N   1 
ATOM   25  C  CA  . ARG A 1 11  ? 7.584   -1.995  7.018   1.00 69.47  ? 9   ARG A CA  1 
ATOM   26  C  C   . ARG A 1 11  ? 7.699   -3.442  6.574   1.00 68.13  ? 9   ARG A C   1 
ATOM   27  O  O   . ARG A 1 11  ? 8.474   -4.217  7.140   1.00 71.52  ? 9   ARG A O   1 
ATOM   28  C  CB  . ARG A 1 11  ? 8.558   -1.142  6.216   1.00 75.01  ? 9   ARG A CB  1 
ATOM   29  C  CG  . ARG A 1 11  ? 9.456   -0.290  7.079   1.00 82.80  ? 9   ARG A CG  1 
ATOM   30  C  CD  . ARG A 1 11  ? 10.577  0.345   6.283   1.00 88.07  ? 9   ARG A CD  1 
ATOM   31  N  NE  . ARG A 1 11  ? 11.239  1.385   7.063   1.00 92.98  ? 9   ARG A NE  1 
ATOM   32  C  CZ  . ARG A 1 11  ? 12.159  1.152   7.993   1.00 100.09 ? 9   ARG A CZ  1 
ATOM   33  N  NH1 . ARG A 1 11  ? 12.700  2.164   8.654   1.00 104.22 ? 9   ARG A NH1 1 
ATOM   34  N  NH2 . ARG A 1 11  ? 12.539  -0.090  8.264   1.00 103.71 ? 9   ARG A NH2 1 
ATOM   35  N  N   . LEU A 1 12  ? 6.929   -3.800  5.558   1.00 61.52  ? 10  LEU A N   1 
ATOM   36  C  CA  . LEU A 1 12  ? 6.977   -5.143  4.994   1.00 59.37  ? 10  LEU A CA  1 
ATOM   37  C  C   . LEU A 1 12  ? 7.280   -5.106  3.501   1.00 56.48  ? 10  LEU A C   1 
ATOM   38  O  O   . LEU A 1 12  ? 6.672   -4.342  2.749   1.00 55.74  ? 10  LEU A O   1 
ATOM   39  C  CB  . LEU A 1 12  ? 5.658   -5.877  5.232   1.00 53.25  ? 10  LEU A CB  1 
ATOM   40  C  CG  . LEU A 1 12  ? 5.405   -6.514  6.602   1.00 59.74  ? 10  LEU A CG  1 
ATOM   41  C  CD1 . LEU A 1 12  ? 4.109   -7.327  6.572   1.00 61.73  ? 10  LEU A CD1 1 
ATOM   42  C  CD2 . LEU A 1 12  ? 6.576   -7.389  7.025   1.00 65.24  ? 10  LEU A CD2 1 
ATOM   43  N  N   . LYS A 1 13  ? 8.226   -5.929  3.078   1.00 50.55  ? 11  LYS A N   1 
ATOM   44  C  CA  . LYS A 1 13  ? 8.519   -6.097  1.663   1.00 52.65  ? 11  LYS A CA  1 
ATOM   45  C  C   . LYS A 1 13  ? 7.408   -6.952  1.056   1.00 51.61  ? 11  LYS A C   1 
ATOM   46  O  O   . LYS A 1 13  ? 6.885   -7.850  1.715   1.00 53.26  ? 11  LYS A O   1 
ATOM   47  C  CB  . LYS A 1 13  ? 9.881   -6.771  1.487   1.00 61.43  ? 11  LYS A CB  1 
ATOM   48  C  CG  . LYS A 1 13  ? 10.614  -6.358  0.232   1.00 67.37  ? 11  LYS A CG  1 
ATOM   49  C  CD  . LYS A 1 13  ? 11.038  -4.897  0.302   1.00 70.76  ? 11  LYS A CD  1 
ATOM   50  C  CE  . LYS A 1 13  ? 12.299  -4.736  1.139   1.00 80.73  ? 11  LYS A CE  1 
ATOM   51  N  NZ  . LYS A 1 13  ? 12.725  -3.311  1.235   1.00 81.14  ? 11  LYS A NZ  1 
ATOM   52  N  N   . ASN A 1 14  ? 7.025   -6.666  -0.183  1.00 48.63  ? 12  ASN A N   1 
ATOM   53  C  CA  . ASN A 1 14  ? 5.969   -7.439  -0.833  1.00 48.14  ? 12  ASN A CA  1 
ATOM   54  C  C   . ASN A 1 14  ? 6.499   -8.745  -1.425  1.00 53.04  ? 12  ASN A C   1 
ATOM   55  O  O   . ASN A 1 14  ? 7.379   -8.733  -2.287  1.00 51.69  ? 12  ASN A O   1 
ATOM   56  C  CB  . ASN A 1 14  ? 5.292   -6.601  -1.917  1.00 46.73  ? 12  ASN A CB  1 
ATOM   57  C  CG  . ASN A 1 14  ? 4.061   -7.273  -2.490  1.00 43.70  ? 12  ASN A CG  1 
ATOM   58  O  OD1 . ASN A 1 14  ? 3.619   -8.315  -2.005  1.00 46.87  ? 12  ASN A OD1 1 
ATOM   59  N  ND2 . ASN A 1 14  ? 3.497   -6.674  -3.531  1.00 41.18  ? 12  ASN A ND2 1 
ATOM   60  N  N   . HIS A 1 15  ? 5.980   -9.873  -0.945  1.00 54.02  ? 13  HIS A N   1 
ATOM   61  C  CA  . HIS A 1 15  ? 6.356   -11.167 -1.507  1.00 60.19  ? 13  HIS A CA  1 
ATOM   62  C  C   . HIS A 1 15  ? 5.235   -11.703 -2.389  1.00 60.73  ? 13  HIS A C   1 
ATOM   63  O  O   . HIS A 1 15  ? 5.189   -12.895 -2.685  1.00 67.01  ? 13  HIS A O   1 
ATOM   64  C  CB  . HIS A 1 15  ? 6.695   -12.173 -0.405  1.00 63.07  ? 13  HIS A CB  1 
ATOM   65  C  CG  . HIS A 1 15  ? 7.967   -11.863 0.322   1.00 72.82  ? 13  HIS A CG  1 
ATOM   66  N  ND1 . HIS A 1 15  ? 8.216   -12.295 1.606   1.00 75.82  ? 13  HIS A ND1 1 
ATOM   67  C  CD2 . HIS A 1 15  ? 9.061   -11.160 -0.057  1.00 74.78  ? 13  HIS A CD2 1 
ATOM   68  C  CE1 . HIS A 1 15  ? 9.407   -11.873 1.989   1.00 80.25  ? 13  HIS A CE1 1 
ATOM   69  N  NE2 . HIS A 1 15  ? 9.939   -11.179 1.000   1.00 80.50  ? 13  HIS A NE2 1 
ATOM   70  N  N   . GLY A 1 16  ? 4.328   -10.815 -2.788  1.00 57.00  ? 14  GLY A N   1 
ATOM   71  C  CA  . GLY A 1 16  ? 3.232   -11.175 -3.672  1.00 55.25  ? 14  GLY A CA  1 
ATOM   72  C  C   . GLY A 1 16  ? 1.927   -11.493 -2.971  1.00 57.60  ? 14  GLY A C   1 
ATOM   73  O  O   . GLY A 1 16  ? 0.988   -11.997 -3.591  1.00 62.44  ? 14  GLY A O   1 
ATOM   74  N  N   . GLU A 1 17  ? 1.852   -11.220 -1.675  1.00 53.79  ? 15  GLU A N   1 
ATOM   75  C  CA  . GLU A 1 17  ? 0.574   -11.344 -0.997  1.00 54.58  ? 15  GLU A CA  1 
ATOM   76  C  C   . GLU A 1 17  ? -0.193  -10.044 -1.201  1.00 50.14  ? 15  GLU A C   1 
ATOM   77  O  O   . GLU A 1 17  ? -1.385  -9.970  -0.920  1.00 49.34  ? 15  GLU A O   1 
ATOM   78  C  CB  . GLU A 1 17  ? 0.745   -11.603 0.502   1.00 53.29  ? 15  GLU A CB  1 
ATOM   79  C  CG  . GLU A 1 17  ? 1.773   -12.657 0.857   1.00 59.96  ? 15  GLU A CG  1 
ATOM   80  C  CD  . GLU A 1 17  ? 3.134   -12.039 1.189   1.00 57.36  ? 15  GLU A CD  1 
ATOM   81  O  OE1 . GLU A 1 17  ? 3.602   -11.182 0.417   1.00 45.20  ? 15  GLU A OE1 1 
ATOM   82  O  OE2 . GLU A 1 17  ? 3.718   -12.409 2.227   1.00 56.95  ? 15  GLU A OE2 1 
ATOM   83  N  N   . ILE A 1 18  ? 0.498   -9.021  -1.686  1.00 46.74  ? 16  ILE A N   1 
ATOM   84  C  CA  . ILE A 1 18  ? -0.085  -7.683  -1.740  1.00 43.04  ? 16  ILE A CA  1 
ATOM   85  C  C   . ILE A 1 18  ? -0.302  -7.178  -3.155  1.00 43.91  ? 16  ILE A C   1 
ATOM   86  O  O   . ILE A 1 18  ? 0.630   -7.053  -3.938  1.00 49.37  ? 16  ILE A O   1 
ATOM   87  C  CB  . ILE A 1 18  ? 0.768   -6.659  -0.985  1.00 46.21  ? 16  ILE A CB  1 
ATOM   88  C  CG1 . ILE A 1 18  ? 0.964   -7.115  0.464   1.00 51.02  ? 16  ILE A CG1 1 
ATOM   89  C  CG2 . ILE A 1 18  ? 0.083   -5.290  -1.019  1.00 42.78  ? 16  ILE A CG2 1 
ATOM   90  C  CD1 . ILE A 1 18  ? 2.267   -6.696  1.068   1.00 52.75  ? 16  ILE A CD1 1 
ATOM   91  N  N   . ASN A 1 19  ? -1.552  -6.888  -3.474  1.00 41.65  ? 17  ASN A N   1 
ATOM   92  C  CA  . ASN A 1 19  ? -1.896  -6.297  -4.756  1.00 42.91  ? 17  ASN A CA  1 
ATOM   93  C  C   . ASN A 1 19  ? -2.583  -4.972  -4.508  1.00 42.49  ? 17  ASN A C   1 
ATOM   94  O  O   . ASN A 1 19  ? -3.316  -4.808  -3.532  1.00 42.51  ? 17  ASN A O   1 
ATOM   95  C  CB  . ASN A 1 19  ? -2.827  -7.230  -5.532  1.00 45.06  ? 17  ASN A CB  1 
ATOM   96  C  CG  . ASN A 1 19  ? -2.235  -8.603  -5.723  1.00 58.36  ? 17  ASN A CG  1 
ATOM   97  O  OD1 . ASN A 1 19  ? -2.619  -9.562  -5.047  1.00 65.32  ? 17  ASN A OD1 1 
ATOM   98  N  ND2 . ASN A 1 19  ? -1.281  -8.708  -6.638  1.00 63.25  ? 17  ASN A ND2 1 
ATOM   99  N  N   . ALA A 1 20  ? -2.339  -4.022  -5.394  1.00 38.84  ? 18  ALA A N   1 
ATOM   100 C  CA  . ALA A 1 20  ? -2.915  -2.708  -5.245  1.00 36.15  ? 18  ALA A CA  1 
ATOM   101 C  C   . ALA A 1 20  ? -3.388  -2.219  -6.602  1.00 39.21  ? 18  ALA A C   1 
ATOM   102 O  O   . ALA A 1 20  ? -2.882  -2.645  -7.642  1.00 43.12  ? 18  ALA A O   1 
ATOM   103 C  CB  . ALA A 1 20  ? -1.886  -1.748  -4.651  1.00 38.95  ? 18  ALA A CB  1 
ATOM   104 N  N   . SER A 1 21  ? -4.356  -1.317  -6.588  1.00 40.46  ? 19  SER A N   1 
ATOM   105 C  CA  . SER A 1 21  ? -4.815  -0.695  -7.818  1.00 45.63  ? 19  SER A CA  1 
ATOM   106 C  C   . SER A 1 21  ? -5.276  0.728   -7.542  1.00 46.86  ? 19  SER A C   1 
ATOM   107 O  O   . SER A 1 21  ? -5.726  1.036   -6.443  1.00 40.46  ? 19  SER A O   1 
ATOM   108 C  CB  . SER A 1 21  ? -5.966  -1.509  -8.435  1.00 42.92  ? 19  SER A CB  1 
ATOM   109 O  OG  . SER A 1 21  ? -7.121  -1.392  -7.638  1.00 42.34  ? 19  SER A OG  1 
ATOM   110 N  N   . LEU A 1 22  ? -5.147  1.590   -8.547  1.00 55.10  ? 20  LEU A N   1 
ATOM   111 C  CA  . LEU A 1 22  ? -5.669  2.953   -8.482  1.00 57.94  ? 20  LEU A CA  1 
ATOM   112 C  C   . LEU A 1 22  ? -6.696  3.164   -9.583  1.00 61.31  ? 20  LEU A C   1 
ATOM   113 O  O   . LEU A 1 22  ? -6.373  2.996   -10.758 1.00 63.63  ? 20  LEU A O   1 
ATOM   114 C  CB  . LEU A 1 22  ? -4.545  3.955   -8.699  1.00 55.36  ? 20  LEU A CB  1 
ATOM   115 C  CG  . LEU A 1 22  ? -3.494  4.153   -7.613  1.00 56.71  ? 20  LEU A CG  1 
ATOM   116 C  CD1 . LEU A 1 22  ? -2.393  5.045   -8.136  1.00 58.74  ? 20  LEU A CD1 1 
ATOM   117 C  CD2 . LEU A 1 22  ? -4.127  4.783   -6.406  1.00 56.68  ? 20  LEU A CD2 1 
ATOM   118 N  N   . ASP A 1 23  ? -7.908  3.560   -9.207  1.00 79.96  ? 21  ASP A N   1 
ATOM   119 C  CA  . ASP A 1 23  ? -9.008  3.721   -10.162 1.00 87.50  ? 21  ASP A CA  1 
ATOM   120 C  C   . ASP A 1 23  ? -9.110  2.499   -11.073 1.00 89.24  ? 21  ASP A C   1 
ATOM   121 O  O   . ASP A 1 23  ? -9.143  2.619   -12.300 1.00 92.87  ? 21  ASP A O   1 
ATOM   122 C  CB  . ASP A 1 23  ? -8.850  5.000   -10.996 1.00 91.35  ? 21  ASP A CB  1 
ATOM   123 C  CG  . ASP A 1 23  ? -8.955  6.266   -10.158 1.00 90.58  ? 21  ASP A CG  1 
ATOM   124 O  OD1 . ASP A 1 23  ? -10.059 6.550   -9.641  1.00 87.20  ? 21  ASP A OD1 1 
ATOM   125 O  OD2 . ASP A 1 23  ? -7.935  6.985   -10.035 1.00 90.36  ? 21  ASP A OD2 1 
ATOM   126 N  N   . ASN A 1 24  ? -9.124  1.324   -10.448 1.00 84.88  ? 22  ASN A N   1 
ATOM   127 C  CA  . ASN A 1 24  ? -9.208  0.044   -11.145 1.00 86.28  ? 22  ASN A CA  1 
ATOM   128 C  C   . ASN A 1 24  ? -8.045  -0.236  -12.100 1.00 80.53  ? 22  ASN A C   1 
ATOM   129 O  O   . ASN A 1 24  ? -8.151  -1.085  -12.986 1.00 82.93  ? 22  ASN A O   1 
ATOM   130 C  CB  . ASN A 1 24  ? -10.549 -0.102  -11.868 1.00 95.57  ? 22  ASN A CB  1 
ATOM   131 C  CG  . ASN A 1 24  ? -11.059 -1.525  -11.852 1.00 100.24 ? 22  ASN A CG  1 
ATOM   132 O  OD1 . ASN A 1 24  ? -10.848 -2.257  -10.883 1.00 98.76  ? 22  ASN A OD1 1 
ATOM   133 N  ND2 . ASN A 1 24  ? -11.729 -1.932  -12.927 1.00 106.35 ? 22  ASN A ND2 1 
ATOM   134 N  N   . ASN A 1 25  ? -6.941  0.481   -11.911 1.00 70.69  ? 23  ASN A N   1 
ATOM   135 C  CA  . ASN A 1 25  ? -5.705  0.205   -12.643 1.00 66.57  ? 23  ASN A CA  1 
ATOM   136 C  C   . ASN A 1 25  ? -4.622  -0.277  -11.681 1.00 57.74  ? 23  ASN A C   1 
ATOM   137 O  O   . ASN A 1 25  ? -4.340  0.374   -10.677 1.00 49.59  ? 23  ASN A O   1 
ATOM   138 C  CB  . ASN A 1 25  ? -5.241  1.445   -13.405 1.00 69.34  ? 23  ASN A CB  1 
ATOM   139 C  CG  . ASN A 1 25  ? -6.232  1.874   -14.471 1.00 78.53  ? 23  ASN A CG  1 
ATOM   140 O  OD1 . ASN A 1 25  ? -6.051  1.582   -15.654 1.00 85.04  ? 23  ASN A OD1 1 
ATOM   141 N  ND2 . ASN A 1 25  ? -7.290  2.562   -14.054 1.00 77.88  ? 23  ASN A ND2 1 
ATOM   142 N  N   . SER A 1 26  ? -4.028  -1.427  -11.982 1.00 58.50  ? 24  SER A N   1 
ATOM   143 C  CA  . SER A 1 26  ? -3.112  -2.063  -11.047 1.00 58.37  ? 24  SER A CA  1 
ATOM   144 C  C   . SER A 1 26  ? -1.787  -1.323  -10.966 1.00 58.02  ? 24  SER A C   1 
ATOM   145 O  O   . SER A 1 26  ? -1.290  -0.796  -11.959 1.00 60.32  ? 24  SER A O   1 
ATOM   146 C  CB  . SER A 1 26  ? -2.871  -3.521  -11.432 1.00 62.65  ? 24  SER A CB  1 
ATOM   147 O  OG  . SER A 1 26  ? -1.883  -3.608  -12.432 1.00 68.46  ? 24  SER A OG  1 
ATOM   148 N  N   . ILE A 1 27  ? -1.214  -1.288  -9.771  1.00 51.76  ? 25  ILE A N   1 
ATOM   149 C  CA  . ILE A 1 27  ? 0.086   -0.683  -9.586  1.00 49.78  ? 25  ILE A CA  1 
ATOM   150 C  C   . ILE A 1 27  ? 1.019   -1.609  -8.812  1.00 48.68  ? 25  ILE A C   1 
ATOM   151 O  O   . ILE A 1 27  ? 0.582   -2.401  -7.976  1.00 46.39  ? 25  ILE A O   1 
ATOM   152 C  CB  . ILE A 1 27  ? -0.033  0.666   -8.863  1.00 54.54  ? 25  ILE A CB  1 
ATOM   153 C  CG1 . ILE A 1 27  ? -0.810  0.504   -7.563  1.00 55.55  ? 25  ILE A CG1 1 
ATOM   154 C  CG2 . ILE A 1 27  ? -0.745  1.680   -9.744  1.00 57.99  ? 25  ILE A CG2 1 
ATOM   155 C  CD1 . ILE A 1 27  ? -0.101  1.095   -6.381  1.00 54.98  ? 25  ILE A CD1 1 
ATOM   156 N  N   . GLU A 1 28  ? 2.313   -1.497  -9.090  1.00 46.69  ? 26  GLU A N   1 
ATOM   157 C  CA  . GLU A 1 28  ? 3.310   -2.330  -8.432  1.00 42.58  ? 26  GLU A CA  1 
ATOM   158 C  C   . GLU A 1 28  ? 3.667   -1.747  -7.070  1.00 42.98  ? 26  GLU A C   1 
ATOM   159 O  O   . GLU A 1 28  ? 4.160   -0.620  -6.981  1.00 43.97  ? 26  GLU A O   1 
ATOM   160 C  CB  . GLU A 1 28  ? 4.555   -2.425  -9.310  1.00 43.87  ? 26  GLU A CB  1 
ATOM   161 C  CG  . GLU A 1 28  ? 5.479   -3.569  -8.977  1.00 45.85  ? 26  GLU A CG  1 
ATOM   162 C  CD  . GLU A 1 28  ? 6.652   -3.638  -9.939  1.00 47.22  ? 26  GLU A CD  1 
ATOM   163 O  OE1 . GLU A 1 28  ? 7.357   -4.665  -9.944  1.00 51.49  ? 26  GLU A OE1 1 
ATOM   164 O  OE2 . GLU A 1 28  ? 6.858   -2.665  -10.704 1.00 44.53  ? 26  GLU A OE2 1 
ATOM   165 N  N   A ILE A 1 29  ? 3.394   -2.514  -6.014  0.50 38.54  ? 27  ILE A N   1 
ATOM   166 N  N   B ILE A 1 29  ? 3.404   -2.503  -6.008  0.50 38.54  ? 27  ILE A N   1 
ATOM   167 C  CA  A ILE A 1 29  ? 3.782   -2.147  -4.651  0.50 35.56  ? 27  ILE A CA  1 
ATOM   168 C  CA  B ILE A 1 29  ? 3.733   -2.063  -4.653  0.50 35.34  ? 27  ILE A CA  1 
ATOM   169 C  C   A ILE A 1 29  ? 5.041   -2.900  -4.243  0.50 37.95  ? 27  ILE A C   1 
ATOM   170 C  C   B ILE A 1 29  ? 4.908   -2.890  -4.117  0.50 37.10  ? 27  ILE A C   1 
ATOM   171 O  O   A ILE A 1 29  ? 5.105   -4.128  -4.358  0.50 37.72  ? 27  ILE A O   1 
ATOM   172 O  O   B ILE A 1 29  ? 4.850   -4.122  -4.087  0.50 37.42  ? 27  ILE A O   1 
ATOM   173 C  CB  A ILE A 1 29  ? 2.677   -2.469  -3.619  0.50 38.88  ? 27  ILE A CB  1 
ATOM   174 C  CB  B ILE A 1 29  ? 2.475   -2.109  -3.719  0.50 40.53  ? 27  ILE A CB  1 
ATOM   175 C  CG1 A ILE A 1 29  ? 1.564   -1.420  -3.678  0.50 38.74  ? 27  ILE A CG1 1 
ATOM   176 C  CG1 B ILE A 1 29  ? 2.785   -1.546  -2.323  0.50 39.71  ? 27  ILE A CG1 1 
ATOM   177 C  CG2 A ILE A 1 29  ? 3.273   -2.543  -2.215  0.50 41.24  ? 27  ILE A CG2 1 
ATOM   178 C  CG2 B ILE A 1 29  ? 1.868   -3.510  -3.669  0.50 38.11  ? 27  ILE A CG2 1 
ATOM   179 C  CD1 A ILE A 1 29  ? 1.041   -0.992  -2.322  0.50 38.67  ? 27  ILE A CD1 1 
ATOM   180 C  CD1 B ILE A 1 29  ? 3.310   -2.564  -1.322  0.50 42.68  ? 27  ILE A CD1 1 
ATOM   181 N  N   A VAL A 1 30  ? 6.045   -2.162  -3.777  0.43 37.94  ? 28  VAL A N   1 
ATOM   182 N  N   B VAL A 1 30  ? 5.992   -2.219  -3.726  0.57 38.05  ? 28  VAL A N   1 
ATOM   183 C  CA  A VAL A 1 30  ? 7.317   -2.759  -3.382  0.43 41.25  ? 28  VAL A CA  1 
ATOM   184 C  CA  B VAL A 1 30  ? 7.211   -2.945  -3.350  0.57 39.32  ? 28  VAL A CA  1 
ATOM   185 C  C   A VAL A 1 30  ? 7.353   -2.998  -1.875  0.43 39.10  ? 28  VAL A C   1 
ATOM   186 C  C   B VAL A 1 30  ? 7.485   -2.943  -1.851  0.57 38.96  ? 28  VAL A C   1 
ATOM   187 O  O   A VAL A 1 30  ? 7.775   -4.051  -1.410  0.43 39.99  ? 28  VAL A O   1 
ATOM   188 O  O   B VAL A 1 30  ? 8.243   -3.768  -1.365  0.57 41.41  ? 28  VAL A O   1 
ATOM   189 C  CB  A VAL A 1 30  ? 8.506   -1.855  -3.783  0.43 46.42  ? 28  VAL A CB  1 
ATOM   190 C  CB  B VAL A 1 30  ? 8.469   -2.444  -4.105  0.57 47.53  ? 28  VAL A CB  1 
ATOM   191 C  CG1 A VAL A 1 30  ? 9.823   -2.454  -3.313  0.43 47.78  ? 28  VAL A CG1 1 
ATOM   192 C  CG1 B VAL A 1 30  ? 8.424   -2.868  -5.572  0.57 48.94  ? 28  VAL A CG1 1 
ATOM   193 C  CG2 A VAL A 1 30  ? 8.524   -1.637  -5.290  0.43 48.28  ? 28  VAL A CG2 1 
ATOM   194 C  CG2 B VAL A 1 30  ? 8.626   -0.934  -3.965  0.57 45.92  ? 28  VAL A CG2 1 
ATOM   195 N  N   . GLU A 1 31  ? 6.878   -2.015  -1.119  1.00 36.91  ? 29  GLU A N   1 
ATOM   196 C  CA  . GLU A 1 31  ? 7.005   -2.023  0.332   1.00 41.44  ? 29  GLU A CA  1 
ATOM   197 C  C   . GLU A 1 31  ? 5.787   -1.355  0.932   1.00 39.74  ? 29  GLU A C   1 
ATOM   198 O  O   . GLU A 1 31  ? 5.209   -0.468  0.320   1.00 39.12  ? 29  GLU A O   1 
ATOM   199 C  CB  . GLU A 1 31  ? 8.260   -1.262  0.762   1.00 47.91  ? 29  GLU A CB  1 
ATOM   200 C  CG  . GLU A 1 31  ? 8.640   -1.460  2.219   0.82 48.42  ? 29  GLU A CG  1 
ATOM   201 C  CD  . GLU A 1 31  ? 9.967   -0.796  2.564   0.58 52.42  ? 29  GLU A CD  1 
ATOM   202 O  OE1 . GLU A 1 31  ? 10.118  0.406   2.271   0.45 53.29  ? 29  GLU A OE1 1 
ATOM   203 O  OE2 . GLU A 1 31  ? 10.856  -1.474  3.120   0.42 55.38  ? 29  GLU A OE2 1 
ATOM   204 N  N   . ILE A 1 32  ? 5.394   -1.779  2.125   1.00 37.17  ? 30  ILE A N   1 
ATOM   205 C  CA  . ILE A 1 32  ? 4.197   -1.214  2.742   1.00 37.66  ? 30  ILE A CA  1 
ATOM   206 C  C   . ILE A 1 32  ? 4.306   -1.186  4.259   1.00 36.71  ? 30  ILE A C   1 
ATOM   207 O  O   . ILE A 1 32  ? 4.908   -2.066  4.872   1.00 35.89  ? 30  ILE A O   1 
ATOM   208 C  CB  . ILE A 1 32  ? 2.929   -1.967  2.284   1.00 36.22  ? 30  ILE A CB  1 
ATOM   209 C  CG1 . ILE A 1 32  ? 1.658   -1.193  2.667   1.00 34.49  ? 30  ILE A CG1 1 
ATOM   210 C  CG2 . ILE A 1 32  ? 2.913   -3.398  2.830   1.00 39.80  ? 30  ILE A CG2 1 
ATOM   211 C  CD1 . ILE A 1 32  ? 0.432   -1.691  1.946   1.00 36.80  ? 30  ILE A CD1 1 
ATOM   212 N  N   . SER A 1 33  ? 3.775   -0.126  4.855   1.00 36.93  ? 31  SER A N   1 
ATOM   213 C  CA  . SER A 1 33  ? 3.616   -0.063  6.299   1.00 38.92  ? 31  SER A CA  1 
ATOM   214 C  C   . SER A 1 33  ? 2.194   0.423   6.556   1.00 39.38  ? 31  SER A C   1 
ATOM   215 O  O   . SER A 1 33  ? 1.467   0.729   5.613   1.00 34.38  ? 31  SER A O   1 
ATOM   216 C  CB  . SER A 1 33  ? 4.627   0.893   6.922   1.00 39.61  ? 31  SER A CB  1 
ATOM   217 O  OG  . SER A 1 33  ? 4.258   2.240   6.690   1.00 46.91  ? 31  SER A OG  1 
ATOM   218 N  N   . SER A 1 34  ? 1.793   0.496   7.819   1.00 40.82  ? 32  SER A N   1 
ATOM   219 C  CA  . SER A 1 34  ? 0.445   0.954   8.138   1.00 39.84  ? 32  SER A CA  1 
ATOM   220 C  C   . SER A 1 34  ? 0.259   2.435   7.761   1.00 38.11  ? 32  SER A C   1 
ATOM   221 O  O   . SER A 1 34  ? -0.860  2.895   7.581   1.00 37.97  ? 32  SER A O   1 
ATOM   222 C  CB  . SER A 1 34  ? 0.126   0.729   9.624   1.00 40.27  ? 32  SER A CB  1 
ATOM   223 O  OG  . SER A 1 34  ? 1.033   1.442   10.443  1.00 43.48  ? 32  SER A OG  1 
ATOM   224 N  N   . ASN A 1 35  ? 1.356   3.167   7.602   1.00 32.13  ? 33  ASN A N   1 
ATOM   225 C  CA  . ASN A 1 35  ? 1.286   4.609   7.345   1.00 34.82  ? 33  ASN A CA  1 
ATOM   226 C  C   . ASN A 1 35  ? 1.610   5.004   5.899   1.00 30.92  ? 33  ASN A C   1 
ATOM   227 O  O   . ASN A 1 35  ? 1.582   6.192   5.540   1.00 29.56  ? 33  ASN A O   1 
ATOM   228 C  CB  . ASN A 1 35  ? 2.237   5.374   8.276   1.00 44.80  ? 33  ASN A CB  1 
ATOM   229 C  CG  . ASN A 1 35  ? 1.785   5.374   9.723   1.00 58.48  ? 33  ASN A CG  1 
ATOM   230 O  OD1 . ASN A 1 35  ? 0.603   5.239   10.022  1.00 63.47  ? 33  ASN A OD1 1 
ATOM   231 N  ND2 . ASN A 1 35  ? 2.740   5.538   10.635  1.00 68.35  ? 33  ASN A ND2 1 
ATOM   232 N  N   . GLY A 1 36  ? 1.938   4.026   5.070   1.00 31.74  ? 34  GLY A N   1 
ATOM   233 C  CA  . GLY A 1 36  ? 2.339   4.348   3.712   1.00 38.42  ? 34  GLY A CA  1 
ATOM   234 C  C   . GLY A 1 36  ? 2.926   3.184   2.940   1.00 36.62  ? 34  GLY A C   1 
ATOM   235 O  O   . GLY A 1 36  ? 2.972   2.061   3.438   1.00 34.72  ? 34  GLY A O   1 
ATOM   236 N  N   . ALA A 1 37  ? 3.380   3.474   1.726   1.00 35.69  ? 35  ALA A N   1 
ATOM   237 C  CA  . ALA A 1 37  ? 3.848   2.462   0.792   1.00 35.45  ? 35  ALA A CA  1 
ATOM   238 C  C   . ALA A 1 37  ? 4.842   3.063   -0.201  1.00 37.42  ? 35  ALA A C   1 
ATOM   239 O  O   . ALA A 1 37  ? 4.844   4.271   -0.437  1.00 35.10  ? 35  ALA A O   1 
ATOM   240 C  CB  . ALA A 1 37  ? 2.665   1.887   0.021   1.00 31.69  ? 35  ALA A CB  1 
ATOM   241 N  N   . VAL A 1 38  ? 5.650   2.194   -0.792  1.00 37.01  ? 36  VAL A N   1 
ATOM   242 C  CA  . VAL A 1 38  ? 6.500   2.538   -1.928  1.00 35.66  ? 36  VAL A CA  1 
ATOM   243 C  C   . VAL A 1 38  ? 5.963   1.831   -3.168  1.00 35.00  ? 36  VAL A C   1 
ATOM   244 O  O   . VAL A 1 38  ? 5.841   0.608   -3.180  1.00 36.04  ? 36  VAL A O   1 
ATOM   245 C  CB  . VAL A 1 38  ? 7.908   2.073   -1.655  1.00 38.26  ? 36  VAL A CB  1 
ATOM   246 C  CG1 . VAL A 1 38  ? 8.866   2.477   -2.837  1.00 38.02  ? 36  VAL A CG1 1 
ATOM   247 C  CG2 . VAL A 1 38  ? 8.374   2.663   -0.320  1.00 42.39  ? 36  VAL A CG2 1 
ATOM   248 N  N   . VAL A 1 39  ? 5.573   2.610   -4.176  1.00 33.66  ? 37  VAL A N   1 
ATOM   249 C  CA  . VAL A 1 39  ? 5.055   2.065   -5.429  1.00 36.71  ? 37  VAL A CA  1 
ATOM   250 C  C   . VAL A 1 39  ? 5.928   2.488   -6.627  1.00 44.11  ? 37  VAL A C   1 
ATOM   251 O  O   . VAL A 1 39  ? 6.693   3.459   -6.545  1.00 35.56  ? 37  VAL A O   1 
ATOM   252 C  CB  . VAL A 1 39  ? 3.598   2.489   -5.678  1.00 38.32  ? 37  VAL A CB  1 
ATOM   253 C  CG1 . VAL A 1 39  ? 2.706   2.042   -4.503  1.00 36.29  ? 37  VAL A CG1 1 
ATOM   254 C  CG2 . VAL A 1 39  ? 3.492   4.000   -5.874  1.00 42.20  ? 37  VAL A CG2 1 
ATOM   255 N  N   . VAL A 1 40  ? 5.810   1.761   -7.733  1.00 40.40  ? 38  VAL A N   1 
ATOM   256 C  CA  . VAL A 1 40  ? 6.600   2.070   -8.918  1.00 41.98  ? 38  VAL A CA  1 
ATOM   257 C  C   . VAL A 1 40  ? 5.835   2.954   -9.897  1.00 45.06  ? 38  VAL A C   1 
ATOM   258 O  O   . VAL A 1 40  ? 4.679   2.681   -10.218 1.00 48.34  ? 38  VAL A O   1 
ATOM   259 C  CB  . VAL A 1 40  ? 7.027   0.793   -9.631  1.00 42.56  ? 38  VAL A CB  1 
ATOM   260 C  CG1 . VAL A 1 40  ? 8.087   1.110   -10.729 1.00 42.51  ? 38  VAL A CG1 1 
ATOM   261 C  CG2 . VAL A 1 40  ? 7.576   -0.199  -8.610  1.00 43.05  ? 38  VAL A CG2 1 
ATOM   262 N  N   . LYS A 1 41  ? 6.493   4.008   -10.380 1.00 59.91  ? 39  LYS A N   1 
ATOM   263 C  CA  . LYS A 1 41  ? 5.883   4.938   -11.326 1.00 62.33  ? 39  LYS A CA  1 
ATOM   264 C  C   . LYS A 1 41  ? 5.555   4.272   -12.665 1.00 66.80  ? 39  LYS A C   1 
ATOM   265 O  O   . LYS A 1 41  ? 6.348   3.490   -13.188 1.00 64.25  ? 39  LYS A O   1 
ATOM   266 C  CB  . LYS A 1 41  ? 6.809   6.144   -11.540 1.00 71.90  ? 39  LYS A CB  1 
ATOM   267 C  CG  . LYS A 1 41  ? 6.410   7.076   -12.674 1.00 79.21  ? 39  LYS A CG  1 
ATOM   268 C  CD  . LYS A 1 41  ? 7.399   8.228   -12.800 1.00 83.29  ? 39  LYS A CD  1 
ATOM   269 C  CE  . LYS A 1 41  ? 6.895   9.292   -13.761 1.00 88.86  ? 39  LYS A CE  1 
ATOM   270 N  NZ  . LYS A 1 41  ? 7.708   10.540  -13.693 1.00 94.07  ? 39  LYS A NZ  1 
ATOM   271 N  N   . GLN A 1 42  ? 4.384   4.584   -13.214 1.00 69.79  ? 40  GLN A N   1 
ATOM   272 C  CA  . GLN A 1 42  ? 4.006   4.092   -14.541 1.00 79.19  ? 40  GLN A CA  1 
ATOM   273 C  C   . GLN A 1 42  ? 3.809   5.234   -15.536 1.00 84.28  ? 40  GLN A C   1 
ATOM   274 O  O   . GLN A 1 42  ? 4.091   6.392   -15.223 1.00 80.59  ? 40  GLN A O   1 
ATOM   275 C  CB  . GLN A 1 42  ? 2.743   3.242   -14.462 1.00 79.95  ? 40  GLN A CB  1 
ATOM   276 C  CG  . GLN A 1 42  ? 2.945   1.931   -13.744 0.83 78.15  ? 40  GLN A CG  1 
ATOM   277 C  CD  . GLN A 1 42  ? 1.653   1.370   -13.197 0.81 74.66  ? 40  GLN A CD  1 
ATOM   278 O  OE1 . GLN A 1 42  ? 0.696   2.108   -12.950 0.84 75.10  ? 40  GLN A OE1 1 
ATOM   279 N  NE2 . GLN A 1 42  ? 1.617   0.059   -13.002 0.82 72.32  ? 40  GLN A NE2 1 
ATOM   280 N  N   . LYS A 1 43  ? 3.328   4.898   -16.732 1.00 90.54  ? 41  LYS A N   1 
ATOM   281 C  CA  . LYS A 1 43  ? 3.110   5.889   -17.781 1.00 98.58  ? 41  LYS A CA  1 
ATOM   282 C  C   . LYS A 1 43  ? 2.114   6.940   -17.314 1.00 100.24 ? 41  LYS A C   1 
ATOM   283 O  O   . LYS A 1 43  ? 2.386   8.140   -17.364 1.00 102.96 ? 41  LYS A O   1 
ATOM   284 C  CB  . LYS A 1 43  ? 2.598   5.228   -19.060 1.00 102.68 ? 41  LYS A CB  1 
ATOM   285 C  CG  . LYS A 1 43  ? 2.664   6.128   -20.282 0.87 107.88 ? 41  LYS A CG  1 
ATOM   286 C  CD  . LYS A 1 43  ? 1.785   5.609   -21.405 0.83 111.90 ? 41  LYS A CD  1 
ATOM   287 C  CE  . LYS A 1 43  ? 2.157   4.191   -21.795 0.89 112.64 ? 41  LYS A CE  1 
ATOM   288 N  NZ  . LYS A 1 43  ? 1.287   3.681   -22.891 0.95 118.25 ? 41  LYS A NZ  1 
ATOM   289 N  N   . THR A 1 44  ? 0.958   6.474   -16.856 0.76 100.39 ? 42  THR A N   1 
ATOM   290 C  CA  . THR A 1 44  ? -0.050  7.352   -16.286 0.76 100.44 ? 42  THR A CA  1 
ATOM   291 C  C   . THR A 1 44  ? 0.478   7.947   -14.988 0.76 93.82  ? 42  THR A C   1 
ATOM   292 O  O   . THR A 1 44  ? 0.667   7.231   -14.007 0.76 86.88  ? 42  THR A O   1 
ATOM   293 C  CB  . THR A 1 44  ? -1.354  6.587   -15.978 0.76 100.00 ? 42  THR A CB  1 
ATOM   294 O  OG1 . THR A 1 44  ? -1.560  5.567   -16.963 0.76 104.74 ? 42  THR A OG1 1 
ATOM   295 C  CG2 . THR A 1 44  ? -2.544  7.535   -15.968 0.76 101.12 ? 42  THR A CG2 1 
ATOM   296 N  N   . ASP A 1 45  ? 0.736   9.252   -14.994 0.81 96.69  ? 43  ASP A N   1 
ATOM   297 C  CA  . ASP A 1 45  ? 1.127   9.958   -13.779 0.81 92.48  ? 43  ASP A CA  1 
ATOM   298 C  C   . ASP A 1 45  ? -0.028  9.920   -12.784 0.81 85.54  ? 43  ASP A C   1 
ATOM   299 O  O   . ASP A 1 45  ? -1.052  10.568  -12.994 0.81 87.28  ? 43  ASP A O   1 
ATOM   300 C  CB  . ASP A 1 45  ? 1.513   11.407  -14.097 0.81 96.60  ? 43  ASP A CB  1 
ATOM   301 C  CG  . ASP A 1 45  ? 3.001   11.575  -14.363 0.81 100.81 ? 43  ASP A CG  1 
ATOM   302 O  OD1 . ASP A 1 45  ? 3.814   11.129  -13.525 0.81 97.21  ? 43  ASP A OD1 1 
ATOM   303 O  OD2 . ASP A 1 45  ? 3.358   12.153  -15.413 0.81 107.46 ? 43  ASP A OD2 1 
ATOM   304 N  N   . ILE A 1 46  ? 0.138   9.154   -11.708 1.00 77.41  ? 44  ILE A N   1 
ATOM   305 C  CA  . ILE A 1 46  ? -0.917  8.970   -10.713 1.00 69.71  ? 44  ILE A CA  1 
ATOM   306 C  C   . ILE A 1 46  ? -1.249  10.263  -9.962  1.00 67.45  ? 44  ILE A C   1 
ATOM   307 O  O   . ILE A 1 46  ? -0.380  11.114  -9.771  1.00 68.88  ? 44  ILE A O   1 
ATOM   308 C  CB  . ILE A 1 46  ? -0.546  7.865   -9.704  1.00 64.13  ? 44  ILE A CB  1 
ATOM   309 C  CG1 . ILE A 1 46  ? 0.535   8.346   -8.738  1.00 58.02  ? 44  ILE A CG1 1 
ATOM   310 C  CG2 . ILE A 1 46  ? -0.080  6.616   -10.437 1.00 69.51  ? 44  ILE A CG2 1 
ATOM   311 C  CD1 . ILE A 1 46  ? 0.661   7.476   -7.507  1.00 52.22  ? 44  ILE A CD1 1 
ATOM   312 N  N   . PRO A 1 47  ? -2.515  10.416  -9.537  1.00 60.31  ? 45  PRO A N   1 
ATOM   313 C  CA  . PRO A 1 47  ? -2.930  11.624  -8.818  1.00 49.43  ? 45  PRO A CA  1 
ATOM   314 C  C   . PRO A 1 47  ? -2.104  11.852  -7.560  1.00 40.15  ? 45  PRO A C   1 
ATOM   315 O  O   . PRO A 1 47  ? -1.744  10.887  -6.885  1.00 36.38  ? 45  PRO A O   1 
ATOM   316 C  CB  . PRO A 1 47  ? -4.378  11.310  -8.425  1.00 50.06  ? 45  PRO A CB  1 
ATOM   317 C  CG  . PRO A 1 47  ? -4.838  10.340  -9.445  1.00 56.49  ? 45  PRO A CG  1 
ATOM   318 C  CD  . PRO A 1 47  ? -3.642  9.489   -9.744  1.00 57.90  ? 45  PRO A CD  1 
ATOM   319 N  N   . LYS A 1 48  ? -1.808  13.113  -7.256  1.00 40.37  ? 46  LYS A N   1 
ATOM   320 C  CA  . LYS A 1 48  ? -1.076  13.458  -6.042  1.00 36.49  ? 46  LYS A CA  1 
ATOM   321 C  C   . LYS A 1 48  ? -1.822  13.032  -4.781  1.00 35.58  ? 46  LYS A C   1 
ATOM   322 O  O   . LYS A 1 48  ? -1.205  12.753  -3.769  1.00 31.73  ? 46  LYS A O   1 
ATOM   323 C  CB  . LYS A 1 48  ? -0.753  14.955  -6.006  1.00 38.80  ? 46  LYS A CB  1 
ATOM   324 C  CG  . LYS A 1 48  ? 0.326   15.335  -6.991  0.55 52.26  ? 46  LYS A CG  1 
ATOM   325 C  CD  . LYS A 1 48  ? 1.561   14.481  -6.753  0.71 54.19  ? 46  LYS A CD  1 
ATOM   326 C  CE  . LYS A 1 48  ? 2.245   14.861  -5.450  0.47 51.89  ? 46  LYS A CE  1 
ATOM   327 N  NZ  . LYS A 1 48  ? 2.906   16.187  -5.537  0.51 59.77  ? 46  LYS A NZ  1 
ATOM   328 N  N   . GLU A 1 49  ? -3.146  12.951  -4.869  1.00 33.26  ? 47  GLU A N   1 
ATOM   329 C  CA  . GLU A 1 49  ? -3.988  12.580  -3.728  1.00 30.06  ? 47  GLU A CA  1 
ATOM   330 C  C   . GLU A 1 49  ? -5.091  11.734  -4.306  1.00 27.11  ? 47  GLU A C   1 
ATOM   331 O  O   . GLU A 1 49  ? -5.593  12.028  -5.392  1.00 29.62  ? 47  GLU A O   1 
ATOM   332 C  CB  . GLU A 1 49  ? -4.633  13.826  -3.091  1.00 35.20  ? 47  GLU A CB  1 
ATOM   333 C  CG  . GLU A 1 49  ? -3.758  14.628  -2.167  0.71 42.57  ? 47  GLU A CG  1 
ATOM   334 C  CD  . GLU A 1 49  ? -4.259  16.051  -1.978  0.03 44.69  ? 47  GLU A CD  1 
ATOM   335 O  OE1 . GLU A 1 49  ? -3.556  16.833  -1.310  0.39 49.08  ? 47  GLU A OE1 1 
ATOM   336 O  OE2 . GLU A 1 49  ? -5.350  16.391  -2.493  0.77 42.86  ? 47  GLU A OE2 1 
ATOM   337 N  N   . GLY A 1 50  ? -5.479  10.679  -3.597  1.00 30.93  ? 48  GLY A N   1 
ATOM   338 C  CA  . GLY A 1 50  ? -6.572  9.852   -4.068  1.00 31.06  ? 48  GLY A CA  1 
ATOM   339 C  C   . GLY A 1 50  ? -6.902  8.690   -3.151  1.00 31.03  ? 48  GLY A C   1 
ATOM   340 O  O   . GLY A 1 50  ? -6.694  8.754   -1.935  1.00 27.87  ? 48  GLY A O   1 
ATOM   341 N  N   . VAL A 1 51  ? -7.417  7.623   -3.751  1.00 31.08  ? 49  VAL A N   1 
ATOM   342 C  CA  . VAL A 1 51  ? -7.811  6.420   -3.027  1.00 30.31  ? 49  VAL A CA  1 
ATOM   343 C  C   . VAL A 1 51  ? -7.076  5.246   -3.626  1.00 30.59  ? 49  VAL A C   1 
ATOM   344 O  O   . VAL A 1 51  ? -7.110  5.048   -4.837  1.00 35.44  ? 49  VAL A O   1 
ATOM   345 C  CB  . VAL A 1 51  ? -9.323  6.110   -3.198  1.00 36.35  ? 49  VAL A CB  1 
ATOM   346 C  CG1 . VAL A 1 51  ? -9.656  4.743   -2.568  1.00 38.11  ? 49  VAL A CG1 1 
ATOM   347 C  CG2 . VAL A 1 51  ? -10.183 7.202   -2.600  1.00 37.08  ? 49  VAL A CG2 1 
ATOM   348 N  N   . LEU A 1 52  ? -6.414  4.466   -2.779  1.00 27.31  ? 50  LEU A N   1 
ATOM   349 C  CA  . LEU A 1 52  ? -5.733  3.252   -3.220  1.00 33.40  ? 50  LEU A CA  1 
ATOM   350 C  C   . LEU A 1 52  ? -6.542  2.036   -2.762  1.00 36.21  ? 50  LEU A C   1 
ATOM   351 O  O   . LEU A 1 52  ? -7.010  2.000   -1.618  1.00 34.91  ? 50  LEU A O   1 
ATOM   352 C  CB  . LEU A 1 52  ? -4.349  3.205   -2.594  1.00 31.40  ? 50  LEU A CB  1 
ATOM   353 C  CG  . LEU A 1 52  ? -3.455  1.994   -2.861  1.00 45.43  ? 50  LEU A CG  1 
ATOM   354 C  CD1 . LEU A 1 52  ? -3.135  1.896   -4.350  1.00 51.82  ? 50  LEU A CD1 1 
ATOM   355 C  CD2 . LEU A 1 52  ? -2.159  2.120   -2.053  1.00 44.18  ? 50  LEU A CD2 1 
ATOM   356 N  N   . LYS A 1 53  ? -6.720  1.058   -3.647  1.00 32.27  ? 51  LYS A N   1 
ATOM   357 C  CA  . LYS A 1 53  ? -7.386  -0.174  -3.273  1.00 35.84  ? 51  LYS A CA  1 
ATOM   358 C  C   . LYS A 1 53  ? -6.325  -1.236  -2.992  1.00 34.54  ? 51  LYS A C   1 
ATOM   359 O  O   . LYS A 1 53  ? -5.472  -1.508  -3.832  1.00 34.11  ? 51  LYS A O   1 
ATOM   360 C  CB  . LYS A 1 53  ? -8.336  -0.641  -4.374  1.00 34.84  ? 51  LYS A CB  1 
ATOM   361 C  CG  . LYS A 1 53  ? -9.189  -1.852  -3.983  0.93 43.38  ? 51  LYS A CG  1 
ATOM   362 C  CD  . LYS A 1 53  ? -10.283 -2.109  -5.025  0.87 50.43  ? 51  LYS A CD  1 
ATOM   363 C  CE  . LYS A 1 53  ? -10.142 -3.486  -5.660  0.35 55.25  ? 51  LYS A CE  1 
ATOM   364 N  NZ  . LYS A 1 53  ? -11.188 -3.726  -6.702  0.78 62.47  ? 51  LYS A NZ  1 
ATOM   365 N  N   . LEU A 1 54  ? -6.394  -1.840  -1.815  1.00 33.83  ? 52  LEU A N   1 
ATOM   366 C  CA  . LEU A 1 54  ? -5.402  -2.822  -1.395  1.00 35.46  ? 52  LEU A CA  1 
ATOM   367 C  C   . LEU A 1 54  ? -6.040  -4.177  -1.204  1.00 37.81  ? 52  LEU A C   1 
ATOM   368 O  O   . LEU A 1 54  ? -7.107  -4.299  -0.581  1.00 36.93  ? 52  LEU A O   1 
ATOM   369 C  CB  . LEU A 1 54  ? -4.798  -2.370  -0.072  1.00 43.37  ? 52  LEU A CB  1 
ATOM   370 C  CG  . LEU A 1 54  ? -3.314  -2.546  0.187   1.00 54.99  ? 52  LEU A CG  1 
ATOM   371 C  CD1 . LEU A 1 54  ? -2.509  -1.816  -0.871  1.00 51.49  ? 52  LEU A CD1 1 
ATOM   372 C  CD2 . LEU A 1 54  ? -3.039  -2.008  1.570   1.00 55.66  ? 52  LEU A CD2 1 
ATOM   373 N  N   . GLN A 1 55  ? -5.399  -5.203  -1.756  1.00 40.28  ? 53  GLN A N   1 
ATOM   374 C  CA  . GLN A 1 55  ? -5.815  -6.570  -1.516  1.00 40.47  ? 53  GLN A CA  1 
ATOM   375 C  C   . GLN A 1 55  ? -4.677  -7.407  -0.947  1.00 42.78  ? 53  GLN A C   1 
ATOM   376 O  O   . GLN A 1 55  ? -3.568  -7.487  -1.518  1.00 41.84  ? 53  GLN A O   1 
ATOM   377 C  CB  . GLN A 1 55  ? -6.365  -7.217  -2.785  1.00 45.37  ? 53  GLN A CB  1 
ATOM   378 C  CG  . GLN A 1 55  ? -6.860  -8.641  -2.541  1.00 53.39  ? 53  GLN A CG  1 
ATOM   379 C  CD  . GLN A 1 55  ? -7.724  -9.160  -3.670  1.00 62.00  ? 53  GLN A CD  1 
ATOM   380 O  OE1 . GLN A 1 55  ? -8.390  -10.193 -3.539  1.00 64.99  ? 53  GLN A OE1 1 
ATOM   381 N  NE2 . GLN A 1 55  ? -7.724  -8.444  -4.790  1.00 64.90  ? 53  GLN A NE2 1 
ATOM   382 N  N   . ILE A 1 56  ? -4.949  -8.018  0.199   1.00 37.36  ? 54  ILE A N   1 
ATOM   383 C  CA  . ILE A 1 56  ? -3.963  -8.851  0.874   1.00 39.72  ? 54  ILE A CA  1 
ATOM   384 C  C   . ILE A 1 56  ? -4.639  -10.151 1.227   1.00 43.81  ? 54  ILE A C   1 
ATOM   385 O  O   . ILE A 1 56  ? -5.465  -10.196 2.142   1.00 39.60  ? 54  ILE A O   1 
ATOM   386 C  CB  . ILE A 1 56  ? -3.446  -8.190  2.166   1.00 40.58  ? 54  ILE A CB  1 
ATOM   387 C  CG1 . ILE A 1 56  ? -2.845  -6.817  1.854   1.00 48.51  ? 54  ILE A CG1 1 
ATOM   388 C  CG2 . ILE A 1 56  ? -2.458  -9.117  2.870   1.00 43.10  ? 54  ILE A CG2 1 
ATOM   389 C  CD1 . ILE A 1 56  ? -2.404  -6.036  3.075   1.00 51.64  ? 54  ILE A CD1 1 
ATOM   390 N  N   . HIS A 1 57  ? -4.296  -11.198 0.481   1.00 39.06  ? 55  HIS A N   1 
ATOM   391 C  CA  . HIS A 1 57  ? -4.967  -12.477 0.594   1.00 42.37  ? 55  HIS A CA  1 
ATOM   392 C  C   . HIS A 1 57  ? -6.484  -12.282 0.452   1.00 43.35  ? 55  HIS A C   1 
ATOM   393 O  O   . HIS A 1 57  ? -6.928  -11.801 -0.583  1.00 42.77  ? 55  HIS A O   1 
ATOM   394 C  CB  . HIS A 1 57  ? -4.530  -13.199 1.867   1.00 43.09  ? 55  HIS A CB  1 
ATOM   395 C  CG  . HIS A 1 57  ? -3.150  -13.772 1.771   1.00 50.40  ? 55  HIS A CG  1 
ATOM   396 N  ND1 . HIS A 1 57  ? -2.420  -14.155 2.872   1.00 45.86  ? 55  HIS A ND1 1 
ATOM   397 C  CD2 . HIS A 1 57  ? -2.368  -14.035 0.697   1.00 48.82  ? 55  HIS A CD2 1 
ATOM   398 C  CE1 . HIS A 1 57  ? -1.253  -14.637 2.486   1.00 52.91  ? 55  HIS A CE1 1 
ATOM   399 N  NE2 . HIS A 1 57  ? -1.196  -14.578 1.167   1.00 49.97  ? 55  HIS A NE2 1 
ATOM   400 N  N   . ASN A 1 58  ? -7.275  -12.622 1.464   1.00 42.81  ? 56  ASN A N   1 
ATOM   401 C  CA  . ASN A 1 58  ? -8.724  -12.416 1.351   1.00 44.63  ? 56  ASN A CA  1 
ATOM   402 C  C   . ASN A 1 58  ? -9.236  -11.048 1.827   1.00 45.64  ? 56  ASN A C   1 
ATOM   403 O  O   . ASN A 1 58  ? -10.431 -10.782 1.781   1.00 48.10  ? 56  ASN A O   1 
ATOM   404 C  CB  . ASN A 1 58  ? -9.485  -13.517 2.068   1.00 46.67  ? 56  ASN A CB  1 
ATOM   405 C  CG  . ASN A 1 58  ? -9.204  -14.890 1.485   1.00 49.47  ? 56  ASN A CG  1 
ATOM   406 O  OD1 . ASN A 1 58  ? -9.002  -15.032 0.273   1.00 50.23  ? 56  ASN A OD1 1 
ATOM   407 N  ND2 . ASN A 1 58  ? -9.153  -15.891 2.344   1.00 51.52  ? 56  ASN A ND2 1 
ATOM   408 N  N   A PHE A 1 59  ? -8.330  -10.181 2.269   0.50 40.18  ? 57  PHE A N   1 
ATOM   409 N  N   B PHE A 1 59  ? -8.329  -10.208 2.313   0.50 40.23  ? 57  PHE A N   1 
ATOM   410 C  CA  A PHE A 1 59  ? -8.724  -8.881  2.811   0.50 39.35  ? 57  PHE A CA  1 
ATOM   411 C  CA  B PHE A 1 59  ? -8.693  -8.878  2.788   0.50 39.41  ? 57  PHE A CA  1 
ATOM   412 C  C   A PHE A 1 59  ? -8.586  -7.747  1.792   0.50 39.84  ? 57  PHE A C   1 
ATOM   413 C  C   B PHE A 1 59  ? -8.663  -7.877  1.640   0.50 39.87  ? 57  PHE A C   1 
ATOM   414 O  O   A PHE A 1 59  ? -7.512  -7.527  1.224   0.50 34.57  ? 57  PHE A O   1 
ATOM   415 O  O   B PHE A 1 59  ? -7.731  -7.877  0.830   0.50 36.65  ? 57  PHE A O   1 
ATOM   416 C  CB  A PHE A 1 59  ? -7.898  -8.549  4.060   0.50 40.85  ? 57  PHE A CB  1 
ATOM   417 C  CB  B PHE A 1 59  ? -7.716  -8.407  3.872   0.50 38.53  ? 57  PHE A CB  1 
ATOM   418 C  CG  A PHE A 1 59  ? -8.478  -7.436  4.889   0.50 46.75  ? 57  PHE A CG  1 
ATOM   419 C  CG  B PHE A 1 59  ? -7.905  -9.079  5.205   0.50 41.99  ? 57  PHE A CG  1 
ATOM   420 C  CD1 A PHE A 1 59  ? -9.457  -7.704  5.832   0.50 48.75  ? 57  PHE A CD1 1 
ATOM   421 C  CD1 B PHE A 1 59  ? -9.102  -8.968  5.885   0.50 45.42  ? 57  PHE A CD1 1 
ATOM   422 C  CD2 A PHE A 1 59  ? -8.050  -6.130  4.724   0.50 49.20  ? 57  PHE A CD2 1 
ATOM   423 C  CD2 B PHE A 1 59  ? -6.875  -9.800  5.786   0.50 44.97  ? 57  PHE A CD2 1 
ATOM   424 C  CE1 A PHE A 1 59  ? -10.002 -6.692  6.598   0.50 52.04  ? 57  PHE A CE1 1 
ATOM   425 C  CE1 B PHE A 1 59  ? -9.275  -9.575  7.111   0.50 48.98  ? 57  PHE A CE1 1 
ATOM   426 C  CE2 A PHE A 1 59  ? -8.597  -5.104  5.491   0.50 49.62  ? 57  PHE A CE2 1 
ATOM   427 C  CE2 B PHE A 1 59  ? -7.044  -10.410 7.016   0.50 46.46  ? 57  PHE A CE2 1 
ATOM   428 C  CZ  A PHE A 1 59  ? -9.572  -5.390  6.427   0.50 50.10  ? 57  PHE A CZ  1 
ATOM   429 C  CZ  B PHE A 1 59  ? -8.244  -10.297 7.677   0.50 50.05  ? 57  PHE A CZ  1 
ATOM   430 N  N   . ILE A 1 60  ? -9.671  -7.014  1.577   1.00 38.70  ? 58  ILE A N   1 
ATOM   431 C  CA  . ILE A 1 60  ? -9.665  -5.921  0.606   1.00 41.06  ? 58  ILE A CA  1 
ATOM   432 C  C   . ILE A 1 60  ? -10.081 -4.635  1.305   1.00 39.52  ? 58  ILE A C   1 
ATOM   433 O  O   . ILE A 1 60  ? -11.040 -4.635  2.065   1.00 44.07  ? 58  ILE A O   1 
ATOM   434 C  CB  . ILE A 1 60  ? -10.651 -6.201  -0.551  1.00 53.33  ? 58  ILE A CB  1 
ATOM   435 C  CG1 . ILE A 1 60  ? -10.258 -7.487  -1.285  1.00 57.40  ? 58  ILE A CG1 1 
ATOM   436 C  CG2 . ILE A 1 60  ? -10.720 -5.016  -1.523  1.00 53.99  ? 58  ILE A CG2 1 
ATOM   437 C  CD1 . ILE A 1 60  ? -11.266 -7.935  -2.313  1.00 62.28  ? 58  ILE A CD1 1 
HETATM 438 N  N   A MSE A 1 61  ? -9.361  -3.550  1.067   0.64 36.88  ? 59  MSE A N   1 
HETATM 439 N  N   B MSE A 1 61  ? -9.363  -3.543  1.046   0.36 37.51  ? 59  MSE A N   1 
HETATM 440 C  CA  A MSE A 1 61  ? -9.778  -2.266  1.608   0.64 39.25  ? 59  MSE A CA  1 
HETATM 441 C  CA  B MSE A 1 61  ? -9.691  -2.262  1.670   0.36 39.54  ? 59  MSE A CA  1 
HETATM 442 C  C   A MSE A 1 61  ? -9.376  -1.135  0.690   0.64 36.84  ? 59  MSE A C   1 
HETATM 443 C  C   B MSE A 1 61  ? -9.165  -1.062  0.891   0.36 36.92  ? 59  MSE A C   1 
HETATM 444 O  O   A MSE A 1 61  ? -8.642  -1.341  -0.276  0.64 38.67  ? 59  MSE A O   1 
HETATM 445 O  O   B MSE A 1 61  ? -8.136  -1.142  0.215   0.36 37.42  ? 59  MSE A O   1 
HETATM 446 C  CB  A MSE A 1 61  ? -9.221  -2.042  3.024   0.64 42.21  ? 59  MSE A CB  1 
HETATM 447 C  CB  B MSE A 1 61  ? -9.185  -2.226  3.119   0.36 42.85  ? 59  MSE A CB  1 
HETATM 448 C  CG  A MSE A 1 61  ? -7.704  -2.012  3.117   0.64 41.91  ? 59  MSE A CG  1 
HETATM 449 C  CG  B MSE A 1 61  ? -7.973  -1.336  3.359   0.36 41.74  ? 59  MSE A CG  1 
HETATM 450 SE SE  A MSE A 1 61  ? -7.042  -1.534  4.920   0.60 53.76  ? 59  MSE A SE  1 
HETATM 451 SE SE  B MSE A 1 61  ? -7.228  -1.599  5.153   0.30 52.92  ? 59  MSE A SE  1 
HETATM 452 C  CE  A MSE A 1 61  ? -8.071  0.101   5.240   0.64 36.48  ? 59  MSE A CE  1 
HETATM 453 C  CE  B MSE A 1 61  ? -6.766  -3.488  4.996   0.36 29.17  ? 59  MSE A CE  1 
ATOM   454 N  N   . GLU A 1 62  ? -9.879  0.055   0.998   1.00 34.54  ? 60  GLU A N   1 
ATOM   455 C  CA  . GLU A 1 62  ? -9.478  1.285   0.318   1.00 34.98  ? 60  GLU A CA  1 
ATOM   456 C  C   . GLU A 1 62  ? -8.869  2.250   1.320   1.00 34.39  ? 60  GLU A C   1 
ATOM   457 O  O   . GLU A 1 62  ? -9.369  2.391   2.442   1.00 40.76  ? 60  GLU A O   1 
ATOM   458 C  CB  . GLU A 1 62  ? -10.694 1.943   -0.338  1.00 34.35  ? 60  GLU A CB  1 
ATOM   459 C  CG  . GLU A 1 62  ? -11.247 1.134   -1.468  1.00 43.42  ? 60  GLU A CG  1 
ATOM   460 C  CD  . GLU A 1 62  ? -12.428 1.806   -2.134  1.00 43.64  ? 60  GLU A CD  1 
ATOM   461 O  OE1 . GLU A 1 62  ? -12.274 2.280   -3.283  1.00 42.28  ? 60  GLU A OE1 1 
ATOM   462 O  OE2 . GLU A 1 62  ? -13.500 1.869   -1.501  1.00 49.08  ? 60  GLU A OE2 1 
ATOM   463 N  N   . LEU A 1 63  ? -7.813  2.926   0.893   1.00 32.63  ? 61  LEU A N   1 
ATOM   464 C  CA  . LEU A 1 63  ? -7.043  3.839   1.714   1.00 38.17  ? 61  LEU A CA  1 
ATOM   465 C  C   . LEU A 1 63  ? -6.842  5.152   0.972   1.00 31.96  ? 61  LEU A C   1 
ATOM   466 O  O   . LEU A 1 63  ? -6.408  5.168   -0.184  1.00 31.53  ? 61  LEU A O   1 
ATOM   467 C  CB  . LEU A 1 63  ? -5.657  3.249   2.016   1.00 40.86  ? 61  LEU A CB  1 
ATOM   468 C  CG  . LEU A 1 63  ? -5.660  2.007   2.907   1.00 45.48  ? 61  LEU A CG  1 
ATOM   469 C  CD1 . LEU A 1 63  ? -4.633  1.023   2.386   1.00 43.50  ? 61  LEU A CD1 1 
ATOM   470 C  CD2 . LEU A 1 63  ? -5.335  2.422   4.331   1.00 45.10  ? 61  LEU A CD2 1 
ATOM   471 N  N   . CYS A 1 64  ? -7.210  6.240   1.631   1.00 29.38  ? 62  CYS A N   1 
ATOM   472 C  CA  . CYS A 1 64  ? -6.839  7.559   1.185   1.00 34.57  ? 62  CYS A CA  1 
ATOM   473 C  C   . CYS A 1 64  ? -5.314  7.681   1.244   1.00 30.51  ? 62  CYS A C   1 
ATOM   474 O  O   . CYS A 1 64  ? -4.689  7.290   2.240   1.00 29.07  ? 62  CYS A O   1 
ATOM   475 C  CB  . CYS A 1 64  ? -7.505  8.580   2.115   1.00 34.68  ? 62  CYS A CB  1 
ATOM   476 S  SG  . CYS A 1 64  ? -9.194  8.973   1.704   0.80 31.54  ? 62  CYS A SG  1 
ATOM   477 N  N   . TYR A 1 65  ? -4.703  8.200   0.182   1.00 31.19  ? 63  TYR A N   1 
ATOM   478 C  CA  . TYR A 1 65  ? -3.250  8.371   0.166   1.00 22.51  ? 63  TYR A CA  1 
ATOM   479 C  C   . TYR A 1 65  ? -2.880  9.738   -0.402  1.00 24.44  ? 63  TYR A C   1 
ATOM   480 O  O   . TYR A 1 65  ? -3.668  10.377  -1.112  1.00 24.57  ? 63  TYR A O   1 
ATOM   481 C  CB  . TYR A 1 65  ? -2.573  7.310   -0.724  1.00 24.11  ? 63  TYR A CB  1 
ATOM   482 C  CG  . TYR A 1 65  ? -2.763  7.609   -2.187  1.00 28.66  ? 63  TYR A CG  1 
ATOM   483 C  CD1 . TYR A 1 65  ? -3.861  7.119   -2.872  1.00 27.13  ? 63  TYR A CD1 1 
ATOM   484 C  CD2 . TYR A 1 65  ? -1.849  8.407   -2.889  1.00 27.88  ? 63  TYR A CD2 1 
ATOM   485 C  CE1 . TYR A 1 65  ? -4.040  7.410   -4.197  1.00 30.11  ? 63  TYR A CE1 1 
ATOM   486 C  CE2 . TYR A 1 65  ? -2.042  8.727   -4.199  1.00 26.58  ? 63  TYR A CE2 1 
ATOM   487 C  CZ  . TYR A 1 65  ? -3.134  8.226   -4.856  1.00 31.13  ? 63  TYR A CZ  1 
ATOM   488 O  OH  . TYR A 1 65  ? -3.336  8.527   -6.184  1.00 33.64  ? 63  TYR A OH  1 
ATOM   489 N  N   . GLU A 1 66  ? -1.640  10.147  -0.163  1.00 26.68  ? 64  GLU A N   1 
ATOM   490 C  CA  . GLU A 1 66  ? -1.086  11.230  -0.947  1.00 25.22  ? 64  GLU A CA  1 
ATOM   491 C  C   . GLU A 1 66  ? 0.375   10.884  -1.262  1.00 25.81  ? 64  GLU A C   1 
ATOM   492 O  O   . GLU A 1 66  ? 1.041   10.205  -0.472  1.00 26.32  ? 64  GLU A O   1 
ATOM   493 C  CB  . GLU A 1 66  ? -1.145  12.515  -0.135  1.00 28.37  ? 64  GLU A CB  1 
ATOM   494 C  CG  . GLU A 1 66  ? -0.375  12.368  1.158   1.00 31.85  ? 64  GLU A CG  1 
ATOM   495 C  CD  . GLU A 1 66  ? -0.474  13.566  2.047   1.00 28.66  ? 64  GLU A CD  1 
ATOM   496 O  OE1 . GLU A 1 66  ? -1.162  14.531  1.664   1.00 33.54  ? 64  GLU A OE1 1 
ATOM   497 O  OE2 . GLU A 1 66  ? 0.115   13.521  3.140   1.00 32.05  ? 64  GLU A OE2 1 
ATOM   498 N  N   . VAL A 1 67  ? 0.854   11.341  -2.414  1.00 27.41  ? 65  VAL A N   1 
ATOM   499 C  CA  . VAL A 1 67  ? 2.275   11.216  -2.775  1.00 28.34  ? 65  VAL A CA  1 
ATOM   500 C  C   . VAL A 1 67  ? 3.083   12.227  -1.971  1.00 28.30  ? 65  VAL A C   1 
ATOM   501 O  O   . VAL A 1 67  ? 2.757   13.423  -1.983  1.00 30.66  ? 65  VAL A O   1 
ATOM   502 C  CB  . VAL A 1 67  ? 2.475   11.460  -4.276  1.00 33.77  ? 65  VAL A CB  1 
ATOM   503 C  CG1 . VAL A 1 67  ? 3.966   11.449  -4.647  1.00 38.92  ? 65  VAL A CG1 1 
ATOM   504 C  CG2 . VAL A 1 67  ? 1.679   10.430  -5.102  1.00 30.56  ? 65  VAL A CG2 1 
ATOM   505 N  N   . ILE A 1 68  ? 4.111   11.760  -1.248  1.00 27.72  ? 66  ILE A N   1 
ATOM   506 C  CA  . ILE A 1 68  ? 4.935   12.671  -0.421  1.00 28.04  ? 66  ILE A CA  1 
ATOM   507 C  C   . ILE A 1 68  ? 6.376   12.755  -0.867  1.00 31.35  ? 66  ILE A C   1 
ATOM   508 O  O   . ILE A 1 68  ? 7.111   13.667  -0.451  1.00 35.11  ? 66  ILE A O   1 
ATOM   509 C  CB  . ILE A 1 68  ? 4.919   12.316  1.095   1.00 29.87  ? 66  ILE A CB  1 
ATOM   510 C  CG1 . ILE A 1 68  ? 5.560   10.936  1.339   1.00 35.68  ? 66  ILE A CG1 1 
ATOM   511 C  CG2 . ILE A 1 68  ? 3.487   12.387  1.613   1.00 28.80  ? 66  ILE A CG2 1 
ATOM   512 C  CD1 . ILE A 1 68  ? 6.059   10.693  2.760   1.00 40.88  ? 66  ILE A CD1 1 
ATOM   513 N  N   . ARG A 1 69  ? 6.793   11.826  -1.722  1.00 29.90  ? 67  ARG A N   1 
ATOM   514 C  CA  . ARG A 1 69  ? 8.168   11.866  -2.240  1.00 36.81  ? 67  ARG A CA  1 
ATOM   515 C  C   . ARG A 1 69  ? 8.220   11.069  -3.540  1.00 40.75  ? 67  ARG A C   1 
ATOM   516 O  O   . ARG A 1 69  ? 7.607   10.003  -3.652  1.00 38.14  ? 67  ARG A O   1 
ATOM   517 C  CB  . ARG A 1 69  ? 9.137   11.263  -1.201  1.00 36.94  ? 67  ARG A CB  1 
ATOM   518 C  CG  . ARG A 1 69  ? 10.605  11.218  -1.600  1.00 46.46  ? 67  ARG A CG  1 
ATOM   519 C  CD  . ARG A 1 69  ? 11.442  10.545  -0.496  1.00 51.79  ? 67  ARG A CD  1 
ATOM   520 N  NE  . ARG A 1 69  ? 11.057  11.062  0.807   1.00 57.01  ? 67  ARG A NE  1 
ATOM   521 C  CZ  . ARG A 1 69  ? 10.605  10.325  1.819   1.00 57.64  ? 67  ARG A CZ  1 
ATOM   522 N  NH1 . ARG A 1 69  ? 10.541  9.005   1.713   1.00 57.67  ? 67  ARG A NH1 1 
ATOM   523 N  NH2 . ARG A 1 69  ? 10.246  10.916  2.950   1.00 52.47  ? 67  ARG A NH2 1 
ATOM   524 N  N   . ALA A 1 70  ? 8.916   11.598  -4.532  1.00 35.27  ? 68  ALA A N   1 
ATOM   525 C  CA  . ALA A 1 70  ? 9.175   10.845  -5.749  1.00 46.30  ? 68  ALA A CA  1 
ATOM   526 C  C   . ALA A 1 70  ? 10.679  10.619  -5.869  1.00 52.85  ? 68  ALA A C   1 
ATOM   527 O  O   . ALA A 1 70  ? 11.445  11.575  -5.945  1.00 57.47  ? 68  ALA A O   1 
ATOM   528 C  CB  . ALA A 1 70  ? 8.657   11.596  -6.955  1.00 54.61  ? 68  ALA A CB  1 
ATOM   529 N  N   . GLU A 1 71  ? 11.098  9.355   -5.878  1.00 55.39  ? 69  GLU A N   1 
ATOM   530 C  CA  . GLU A 1 71  ? 12.523  9.005   -5.943  1.00 67.66  ? 69  GLU A CA  1 
ATOM   531 C  C   . GLU A 1 71  ? 12.817  8.103   -7.140  1.00 68.13  ? 69  GLU A C   1 
ATOM   532 O  O   . GLU A 1 71  ? 12.382  6.947   -7.175  1.00 66.93  ? 69  GLU A O   1 
ATOM   533 C  CB  . GLU A 1 71  ? 12.981  8.345   -4.628  1.00 75.65  ? 69  GLU A CB  1 
ATOM   534 C  CG  . GLU A 1 71  ? 11.872  7.592   -3.870  1.00 77.55  ? 69  GLU A CG  1 
ATOM   535 C  CD  . GLU A 1 71  ? 12.282  7.163   -2.461  1.00 80.29  ? 69  GLU A CD  1 
ATOM   536 O  OE1 . GLU A 1 71  ? 11.881  6.059   -2.027  1.00 77.17  ? 69  GLU A OE1 1 
ATOM   537 O  OE2 . GLU A 1 71  ? 12.999  7.932   -1.782  1.00 85.54  ? 69  GLU A OE2 1 
ATOM   538 N  N   . ASP A 1 72  ? 13.579  8.637   -8.095  1.00 74.50  ? 70  ASP A N   1 
ATOM   539 C  CA  . ASP A 1 72  ? 13.755  8.029   -9.419  1.00 73.53  ? 70  ASP A CA  1 
ATOM   540 C  C   . ASP A 1 72  ? 12.430  7.480   -9.957  1.00 71.02  ? 70  ASP A C   1 
ATOM   541 O  O   . ASP A 1 72  ? 11.516  8.251   -10.264 1.00 71.68  ? 70  ASP A O   1 
ATOM   542 C  CB  . ASP A 1 72  ? 14.849  6.954   -9.420  1.00 73.07  ? 70  ASP A CB  1 
ATOM   543 C  CG  . ASP A 1 72  ? 15.385  6.679   -10.817 1.00 81.32  ? 70  ASP A CG  1 
ATOM   544 O  OD1 . ASP A 1 72  ? 14.601  6.857   -11.777 1.00 74.07  ? 70  ASP A OD1 1 
ATOM   545 O  OD2 . ASP A 1 72  ? 16.580  6.303   -10.965 1.00 84.13  ? 70  ASP A OD2 1 
ATOM   546 N  N   . ASN A 1 73  ? 12.315  6.156   -10.045 1.00 61.03  ? 71  ASN A N   1 
ATOM   547 C  CA  . ASN A 1 73  ? 11.080  5.539   -10.534 1.00 63.77  ? 71  ASN A CA  1 
ATOM   548 C  C   . ASN A 1 73  ? 10.105  5.059   -9.448  1.00 61.96  ? 71  ASN A C   1 
ATOM   549 O  O   . ASN A 1 73  ? 9.044   4.521   -9.762  1.00 64.63  ? 71  ASN A O   1 
ATOM   550 C  CB  . ASN A 1 73  ? 11.382  4.413   -11.536 1.00 67.26  ? 71  ASN A CB  1 
ATOM   551 C  CG  . ASN A 1 73  ? 11.375  4.903   -12.979 1.00 73.12  ? 71  ASN A CG  1 
ATOM   552 O  OD1 . ASN A 1 73  ? 10.478  5.647   -13.387 1.00 72.19  ? 71  ASN A OD1 1 
ATOM   553 N  ND2 . ASN A 1 73  ? 12.375  4.493   -13.753 1.00 72.45  ? 71  ASN A ND2 1 
ATOM   554 N  N   . ASN A 1 74  ? 10.463  5.268   -8.180  1.00 60.03  ? 72  ASN A N   1 
ATOM   555 C  CA  . ASN A 1 74  ? 9.564   4.963   -7.069  1.00 54.48  ? 72  ASN A CA  1 
ATOM   556 C  C   . ASN A 1 74  ? 8.855   6.201   -6.535  1.00 50.82  ? 72  ASN A C   1 
ATOM   557 O  O   . ASN A 1 74  ? 9.366   7.324   -6.581  1.00 54.50  ? 72  ASN A O   1 
ATOM   558 C  CB  . ASN A 1 74  ? 10.290  4.263   -5.916  1.00 57.23  ? 72  ASN A CB  1 
ATOM   559 C  CG  . ASN A 1 74  ? 10.789  2.882   -6.291  1.00 64.41  ? 72  ASN A CG  1 
ATOM   560 O  OD1 . ASN A 1 74  ? 10.289  2.263   -7.228  1.00 66.44  ? 72  ASN A OD1 1 
ATOM   561 N  ND2 . ASN A 1 74  ? 11.784  2.392   -5.559  1.00 65.65  ? 72  ASN A ND2 1 
ATOM   562 N  N   . ILE A 1 75  ? 7.666   5.963   -6.024  1.00 39.99  ? 73  ILE A N   1 
ATOM   563 C  CA  . ILE A 1 75  ? 6.819   6.999   -5.490  1.00 42.59  ? 73  ILE A CA  1 
ATOM   564 C  C   . ILE A 1 75  ? 6.539   6.578   -4.067  1.00 39.90  ? 73  ILE A C   1 
ATOM   565 O  O   . ILE A 1 75  ? 6.198   5.419   -3.819  1.00 43.14  ? 73  ILE A O   1 
ATOM   566 C  CB  . ILE A 1 75  ? 5.518   7.057   -6.317  1.00 48.87  ? 73  ILE A CB  1 
ATOM   567 C  CG1 . ILE A 1 75  ? 5.864   7.269   -7.804  1.00 59.02  ? 73  ILE A CG1 1 
ATOM   568 C  CG2 . ILE A 1 75  ? 4.617   8.148   -5.831  1.00 48.01  ? 73  ILE A CG2 1 
ATOM   569 C  CD1 . ILE A 1 75  ? 4.661   7.243   -8.728  1.00 60.59  ? 73  ILE A CD1 1 
ATOM   570 N  N   . VAL A 1 76  ? 6.703   7.489   -3.117  1.00 32.36  ? 74  VAL A N   1 
ATOM   571 C  CA  . VAL A 1 76  ? 6.335   7.169   -1.730  1.00 28.65  ? 74  VAL A CA  1 
ATOM   572 C  C   . VAL A 1 76  ? 4.943   7.729   -1.389  1.00 30.24  ? 74  VAL A C   1 
ATOM   573 O  O   . VAL A 1 76  ? 4.709   8.934   -1.511  1.00 30.96  ? 74  VAL A O   1 
ATOM   574 C  CB  . VAL A 1 76  ? 7.379   7.730   -0.727  1.00 37.01  ? 74  VAL A CB  1 
ATOM   575 C  CG1 . VAL A 1 76  ? 6.982   7.401   0.710   1.00 35.76  ? 74  VAL A CG1 1 
ATOM   576 C  CG2 . VAL A 1 76  ? 8.783   7.212   -1.050  1.00 41.10  ? 74  VAL A CG2 1 
ATOM   577 N  N   . LEU A 1 77  ? 4.034   6.854   -0.959  1.00 30.72  ? 75  LEU A N   1 
ATOM   578 C  CA  . LEU A 1 77  ? 2.685   7.260   -0.570  1.00 29.94  ? 75  LEU A CA  1 
ATOM   579 C  C   . LEU A 1 77  ? 2.560   7.328   0.937   1.00 29.67  ? 75  LEU A C   1 
ATOM   580 O  O   . LEU A 1 77  ? 3.173   6.554   1.664   1.00 31.20  ? 75  LEU A O   1 
ATOM   581 C  CB  . LEU A 1 77  ? 1.634   6.274   -1.092  1.00 27.83  ? 75  LEU A CB  1 
ATOM   582 C  CG  . LEU A 1 77  ? 1.695   5.861   -2.555  1.00 32.65  ? 75  LEU A CG  1 
ATOM   583 C  CD1 . LEU A 1 77  ? 0.506   4.924   -2.866  1.00 31.22  ? 75  LEU A CD1 1 
ATOM   584 C  CD2 . LEU A 1 77  ? 1.705   7.083   -3.489  1.00 30.99  ? 75  LEU A CD2 1 
ATOM   585 N  N   . HIS A 1 78  ? 1.776   8.283   1.396   1.00 27.72  ? 76  HIS A N   1 
ATOM   586 C  CA  . HIS A 1 78  ? 1.437   8.430   2.800   1.00 25.42  ? 76  HIS A CA  1 
ATOM   587 C  C   . HIS A 1 78  ? -0.081  8.179   2.945   1.00 27.55  ? 76  HIS A C   1 
ATOM   588 O  O   . HIS A 1 78  ? -0.862  8.833   2.252   1.00 28.14  ? 76  HIS A O   1 
ATOM   589 C  CB  . HIS A 1 78  ? 1.729   9.862   3.147   1.00 27.30  ? 76  HIS A CB  1 
ATOM   590 C  CG  . HIS A 1 78  ? 1.245   10.289  4.490   1.00 31.82  ? 76  HIS A CG  1 
ATOM   591 N  ND1 . HIS A 1 78  ? 0.705   11.536  4.716   1.00 34.94  ? 76  HIS A ND1 1 
ATOM   592 C  CD2 . HIS A 1 78  ? 1.262   9.657   5.683   1.00 31.99  ? 76  HIS A CD2 1 
ATOM   593 C  CE1 . HIS A 1 78  ? 0.388   11.645  5.992   1.00 37.24  ? 76  HIS A CE1 1 
ATOM   594 N  NE2 . HIS A 1 78  ? 0.724   10.521  6.596   1.00 30.70  ? 76  HIS A NE2 1 
ATOM   595 N  N   . PHE A 1 79  ? -0.493  7.255   3.825   1.00 28.33  ? 77  PHE A N   1 
ATOM   596 C  CA  . PHE A 1 79  ? -1.930  7.003   4.065   1.00 28.00  ? 77  PHE A CA  1 
ATOM   597 C  C   . PHE A 1 79  ? -2.405  7.981   5.129   1.00 30.10  ? 77  PHE A C   1 
ATOM   598 O  O   . PHE A 1 79  ? -1.912  7.991   6.253   1.00 32.38  ? 77  PHE A O   1 
ATOM   599 C  CB  . PHE A 1 79  ? -2.199  5.570   4.534   1.00 25.68  ? 77  PHE A CB  1 
ATOM   600 C  CG  . PHE A 1 79  ? -1.720  4.512   3.577   1.00 29.41  ? 77  PHE A CG  1 
ATOM   601 C  CD1 . PHE A 1 79  ? -1.928  4.638   2.213   1.00 34.10  ? 77  PHE A CD1 1 
ATOM   602 C  CD2 . PHE A 1 79  ? -1.045  3.398   4.043   1.00 30.10  ? 77  PHE A CD2 1 
ATOM   603 C  CE1 . PHE A 1 79  ? -1.492  3.670   1.344   1.00 35.01  ? 77  PHE A CE1 1 
ATOM   604 C  CE2 . PHE A 1 79  ? -0.599  2.415   3.167   1.00 28.75  ? 77  PHE A CE2 1 
ATOM   605 C  CZ  . PHE A 1 79  ? -0.818  2.548   1.823   1.00 32.66  ? 77  PHE A CZ  1 
ATOM   606 N  N   . THR A 1 80  ? -3.373  8.808   4.769   1.00 23.98  ? 78  THR A N   1 
ATOM   607 C  CA  . THR A 1 80  ? -3.690  9.971   5.567   1.00 29.63  ? 78  THR A CA  1 
ATOM   608 C  C   . THR A 1 80  ? -4.739  9.819   6.658   1.00 35.86  ? 78  THR A C   1 
ATOM   609 O  O   . THR A 1 80  ? -4.864  10.705  7.509   1.00 38.77  ? 78  THR A O   1 
ATOM   610 C  CB  . THR A 1 80  ? -4.095  11.132  4.651   1.00 34.93  ? 78  THR A CB  1 
ATOM   611 O  OG1 . THR A 1 80  ? -5.104  10.676  3.742   1.00 37.99  ? 78  THR A OG1 1 
ATOM   612 C  CG2 . THR A 1 80  ? -2.879  11.594  3.843   1.00 33.85  ? 78  THR A CG2 1 
ATOM   613 N  N   . LYS A 1 81  ? -5.507  8.727   6.647   1.00 40.25  ? 79  LYS A N   1 
ATOM   614 C  CA  . LYS A 1 81  ? -6.599  8.600   7.619   1.00 43.56  ? 79  LYS A CA  1 
ATOM   615 C  C   . LYS A 1 81  ? -6.249  7.625   8.734   1.00 43.84  ? 79  LYS A C   1 
ATOM   616 O  O   . LYS A 1 81  ? -6.021  6.430   8.490   1.00 38.52  ? 79  LYS A O   1 
ATOM   617 C  CB  . LYS A 1 81  ? -7.911  8.189   6.941   1.00 43.36  ? 79  LYS A CB  1 
ATOM   618 C  CG  . LYS A 1 81  ? -8.255  9.059   5.741   1.00 53.36  ? 79  LYS A CG  1 
ATOM   619 C  CD  . LYS A 1 81  ? -8.496  10.514  6.166   1.00 63.27  ? 79  LYS A CD  1 
ATOM   620 C  CE  . LYS A 1 81  ? -8.661  11.441  4.966   1.00 62.57  ? 79  LYS A CE  1 
ATOM   621 N  NZ  . LYS A 1 81  ? -9.537  10.874  3.914   1.00 31.55  ? 79  LYS A NZ  1 
ATOM   622 N  N   . GLU A 1 82  ? -6.235  8.144   9.956   1.00 43.92  ? 80  GLU A N   1 
ATOM   623 C  CA  . GLU A 1 82  ? -5.852  7.356   11.118  1.00 49.22  ? 80  GLU A CA  1 
ATOM   624 C  C   . GLU A 1 82  ? -6.679  6.082   11.266  1.00 46.09  ? 80  GLU A C   1 
ATOM   625 O  O   . GLU A 1 82  ? -6.120  5.014   11.496  1.00 43.26  ? 80  GLU A O   1 
ATOM   626 C  CB  . GLU A 1 82  ? -5.915  8.191   12.400  0.70 56.26  ? 80  GLU A CB  1 
ATOM   627 C  CG  . GLU A 1 82  ? -5.089  7.605   13.537  0.93 61.29  ? 80  GLU A CG  1 
ATOM   628 C  CD  . GLU A 1 82  ? -4.836  8.608   14.646  0.39 70.28  ? 80  GLU A CD  1 
ATOM   629 O  OE1 . GLU A 1 82  ? -5.787  8.912   15.397  0.81 73.77  ? 80  GLU A OE1 1 
ATOM   630 O  OE2 . GLU A 1 82  ? -3.686  9.096   14.758  0.79 74.89  ? 80  GLU A OE2 1 
ATOM   631 N  N   . ASP A 1 83  ? -7.997  6.184   11.115  1.00 46.29  ? 81  ASP A N   1 
ATOM   632 C  CA  . ASP A 1 83  ? -8.853  5.013   11.300  1.00 51.59  ? 81  ASP A CA  1 
ATOM   633 C  C   . ASP A 1 83  ? -8.599  3.936   10.236  1.00 50.59  ? 81  ASP A C   1 
ATOM   634 O  O   . ASP A 1 83  ? -8.657  2.741   10.526  1.00 52.94  ? 81  ASP A O   1 
ATOM   635 C  CB  . ASP A 1 83  ? -10.333 5.409   11.367  0.92 55.64  ? 81  ASP A CB  1 
ATOM   636 C  CG  . ASP A 1 83  ? -10.895 5.823   10.021  0.46 51.20  ? 81  ASP A CG  1 
ATOM   637 O  OD1 . ASP A 1 83  ? -10.150 6.373   9.170   0.57 45.87  ? 81  ASP A OD1 1 
ATOM   638 O  OD2 . ASP A 1 83  ? -12.100 5.582   9.824   0.46 52.03  ? 81  ASP A OD2 1 
ATOM   639 N  N   . GLU A 1 84  ? -8.292  4.362   9.014   1.00 39.05  ? 82  GLU A N   1 
ATOM   640 C  CA  . GLU A 1 84  ? -7.906  3.425   7.960   1.00 41.35  ? 82  GLU A CA  1 
ATOM   641 C  C   . GLU A 1 84  ? -6.504  2.827   8.185   1.00 37.51  ? 82  GLU A C   1 
ATOM   642 O  O   . GLU A 1 84  ? -6.270  1.665   7.854   1.00 40.31  ? 82  GLU A O   1 
ATOM   643 C  CB  . GLU A 1 84  ? -7.951  4.106   6.591   1.00 43.05  ? 82  GLU A CB  1 
ATOM   644 C  CG  . GLU A 1 84  ? -9.329  4.655   6.237   1.00 42.41  ? 82  GLU A CG  1 
ATOM   645 C  CD  . GLU A 1 84  ? -9.284  5.570   5.030   1.00 40.69  ? 82  GLU A CD  1 
ATOM   646 O  OE1 . GLU A 1 84  ? -8.218  5.753   4.424   1.00 30.34  ? 82  GLU A OE1 1 
ATOM   647 O  OE2 . GLU A 1 84  ? -10.317 6.144   4.688   1.00 42.05  ? 82  GLU A OE2 1 
ATOM   648 N  N   . THR A 1 85  ? -5.578  3.600   8.743   1.00 36.72  ? 83  THR A N   1 
ATOM   649 C  CA  . THR A 1 85  ? -4.242  3.062   9.025   1.00 40.39  ? 83  THR A CA  1 
ATOM   650 C  C   . THR A 1 85  ? -4.270  2.081   10.203  1.00 46.00  ? 83  THR A C   1 
ATOM   651 O  O   . THR A 1 85  ? -3.465  1.141   10.271  1.00 44.53  ? 83  THR A O   1 
ATOM   652 C  CB  . THR A 1 85  ? -3.193  4.156   9.279   1.00 41.28  ? 83  THR A CB  1 
ATOM   653 O  OG1 . THR A 1 85  ? -3.536  4.921   10.448  1.00 44.24  ? 83  THR A OG1 1 
ATOM   654 C  CG2 . THR A 1 85  ? -3.064  5.082   8.050   1.00 43.75  ? 83  THR A CG2 1 
ATOM   655 N  N   . ASN A 1 86  ? -5.196  2.303   11.130  1.00 49.14  ? 84  ASN A N   1 
ATOM   656 C  CA  . ASN A 1 86  ? -5.428  1.348   12.218  1.00 49.95  ? 84  ASN A CA  1 
ATOM   657 C  C   . ASN A 1 86  ? -5.898  0.000   11.697  1.00 46.11  ? 84  ASN A C   1 
ATOM   658 O  O   . ASN A 1 86  ? -5.409  -1.037  12.130  1.00 53.31  ? 84  ASN A O   1 
ATOM   659 C  CB  . ASN A 1 86  ? -6.424  1.891   13.247  1.00 56.43  ? 84  ASN A CB  1 
ATOM   660 C  CG  . ASN A 1 86  ? -5.840  3.009   14.096  1.00 62.86  ? 84  ASN A CG  1 
ATOM   661 O  OD1 . ASN A 1 86  ? -4.624  3.165   14.196  1.00 58.10  ? 84  ASN A OD1 1 
ATOM   662 N  ND2 . ASN A 1 86  ? -6.714  3.785   14.729  1.00 73.07  ? 84  ASN A ND2 1 
ATOM   663 N  N   . LYS A 1 87  ? -6.839  0.004   10.761  1.00 44.81  ? 85  LYS A N   1 
ATOM   664 C  CA  . LYS A 1 87  ? -7.290  -1.245  10.154  1.00 45.73  ? 85  LYS A CA  1 
ATOM   665 C  C   . LYS A 1 87  ? -6.148  -1.965  9.429   1.00 41.56  ? 85  LYS A C   1 
ATOM   666 O  O   . LYS A 1 87  ? -5.962  -3.178  9.572   1.00 40.69  ? 85  LYS A O   1 
ATOM   667 C  CB  . LYS A 1 87  ? -8.445  -1.004  9.178   1.00 50.48  ? 85  LYS A CB  1 
ATOM   668 C  CG  . LYS A 1 87  ? -9.826  -0.938  9.803   0.54 62.27  ? 85  LYS A CG  1 
ATOM   669 C  CD  . LYS A 1 87  ? -10.905 -1.032  8.723   0.80 69.62  ? 85  LYS A CD  1 
ATOM   670 C  CE  . LYS A 1 87  ? -10.691 -2.263  7.842   0.86 73.18  ? 85  LYS A CE  1 
ATOM   671 N  NZ  . LYS A 1 87  ? -10.910 -1.979  6.393   1.00 72.00  ? 85  LYS A NZ  1 
ATOM   672 N  N   . LEU A 1 88  ? -5.407  -1.209  8.629   1.00 37.54  ? 86  LEU A N   1 
ATOM   673 C  CA  . LEU A 1 88  ? -4.284  -1.746  7.877   1.00 37.31  ? 86  LEU A CA  1 
ATOM   674 C  C   . LEU A 1 88  ? -3.217  -2.366  8.779   1.00 41.85  ? 86  LEU A C   1 
ATOM   675 O  O   . LEU A 1 88  ? -2.663  -3.426  8.475   1.00 42.46  ? 86  LEU A O   1 
ATOM   676 C  CB  . LEU A 1 88  ? -3.643  -0.642  7.032   1.00 34.71  ? 86  LEU A CB  1 
ATOM   677 C  CG  . LEU A 1 88  ? -2.478  -1.134  6.180   1.00 33.64  ? 86  LEU A CG  1 
ATOM   678 C  CD1 . LEU A 1 88  ? -2.963  -2.305  5.305   1.00 35.86  ? 86  LEU A CD1 1 
ATOM   679 C  CD2 . LEU A 1 88  ? -1.914  -0.005  5.332   1.00 30.83  ? 86  LEU A CD2 1 
ATOM   680 N  N   . PHE A 1 89  ? -2.920  -1.680  9.873   1.00 41.94  ? 87  PHE A N   1 
ATOM   681 C  CA  . PHE A 1 89  ? -1.951  -2.161  10.840  1.00 43.47  ? 87  PHE A CA  1 
ATOM   682 C  C   . PHE A 1 89  ? -2.241  -3.590  11.281  1.00 42.95  ? 87  PHE A C   1 
ATOM   683 O  O   . PHE A 1 89  ? -1.343  -4.427  11.320  1.00 46.60  ? 87  PHE A O   1 
ATOM   684 C  CB  . PHE A 1 89  ? -1.939  -1.250  12.065  1.00 45.86  ? 87  PHE A CB  1 
ATOM   685 C  CG  . PHE A 1 89  ? -1.103  -1.777  13.198  1.00 53.84  ? 87  PHE A CG  1 
ATOM   686 C  CD1 . PHE A 1 89  ? 0.271   -1.626  13.187  1.00 56.80  ? 87  PHE A CD1 1 
ATOM   687 C  CD2 . PHE A 1 89  ? -1.692  -2.435  14.265  1.00 62.22  ? 87  PHE A CD2 1 
ATOM   688 C  CE1 . PHE A 1 89  ? 1.045   -2.113  14.230  1.00 62.80  ? 87  PHE A CE1 1 
ATOM   689 C  CE2 . PHE A 1 89  ? -0.923  -2.924  15.311  1.00 68.12  ? 87  PHE A CE2 1 
ATOM   690 C  CZ  . PHE A 1 89  ? 0.446   -2.761  15.291  1.00 66.41  ? 87  PHE A CZ  1 
ATOM   691 N  N   . LEU A 1 90  ? -3.496  -3.864  11.613  1.00 46.73  ? 88  LEU A N   1 
ATOM   692 C  CA  . LEU A 1 90  ? -3.883  -5.188  12.088  1.00 50.44  ? 88  LEU A CA  1 
ATOM   693 C  C   . LEU A 1 90  ? -3.744  -6.266  11.016  1.00 47.47  ? 88  LEU A C   1 
ATOM   694 O  O   . LEU A 1 90  ? -3.417  -7.410  11.321  1.00 45.81  ? 88  LEU A O   1 
ATOM   695 C  CB  . LEU A 1 90  ? -5.307  -5.156  12.631  1.00 55.53  ? 88  LEU A CB  1 
ATOM   696 C  CG  . LEU A 1 90  ? -5.463  -4.310  13.895  1.00 60.16  ? 88  LEU A CG  1 
ATOM   697 C  CD1 . LEU A 1 90  ? -6.882  -4.381  14.426  1.00 63.78  ? 88  LEU A CD1 1 
ATOM   698 C  CD2 . LEU A 1 90  ? -4.472  -4.764  14.961  1.00 65.65  ? 88  LEU A CD2 1 
ATOM   699 N  N   . VAL A 1 91  ? -3.992  -5.900  9.761   1.00 44.13  ? 89  VAL A N   1 
ATOM   700 C  CA  . VAL A 1 91  ? -3.868  -6.841  8.651   1.00 43.30  ? 89  VAL A CA  1 
ATOM   701 C  C   . VAL A 1 91  ? -2.386  -7.146  8.409   1.00 38.60  ? 89  VAL A C   1 
ATOM   702 O  O   . VAL A 1 91  ? -1.993  -8.294  8.200   1.00 41.91  ? 89  VAL A O   1 
ATOM   703 C  CB  . VAL A 1 91  ? -4.511  -6.276  7.364   1.00 48.53  ? 89  VAL A CB  1 
ATOM   704 C  CG1 . VAL A 1 91  ? -4.292  -7.229  6.185   1.00 49.43  ? 89  VAL A CG1 1 
ATOM   705 C  CG2 . VAL A 1 91  ? -5.993  -6.034  7.581   1.00 54.81  ? 89  VAL A CG2 1 
ATOM   706 N  N   . LEU A 1 92  ? -1.570  -6.108  8.446   1.00 40.40  ? 90  LEU A N   1 
ATOM   707 C  CA  . LEU A 1 92  ? -0.127  -6.261  8.293   1.00 39.58  ? 90  LEU A CA  1 
ATOM   708 C  C   . LEU A 1 92  ? 0.494   -7.061  9.426   1.00 44.10  ? 90  LEU A C   1 
ATOM   709 O  O   . LEU A 1 92  ? 1.415   -7.840  9.202   1.00 48.52  ? 90  LEU A O   1 
ATOM   710 C  CB  . LEU A 1 92  ? 0.543   -4.893  8.197   1.00 38.87  ? 90  LEU A CB  1 
ATOM   711 C  CG  . LEU A 1 92  ? 0.188   -4.139  6.917   1.00 41.42  ? 90  LEU A CG  1 
ATOM   712 C  CD1 . LEU A 1 92  ? 0.847   -2.772  6.937   1.00 33.84  ? 90  LEU A CD1 1 
ATOM   713 C  CD2 . LEU A 1 92  ? 0.573   -4.938  5.661   1.00 41.19  ? 90  LEU A CD2 1 
ATOM   714 N  N   . LYS A 1 93  ? -0.010  -6.872  10.643  1.00 46.94  ? 91  LYS A N   1 
ATOM   715 C  CA  . LYS A 1 93  ? 0.476   -7.632  11.791  1.00 48.87  ? 91  LYS A CA  1 
ATOM   716 C  C   . LYS A 1 93  ? 0.104   -9.107  11.654  1.00 51.54  ? 91  LYS A C   1 
ATOM   717 O  O   . LYS A 1 93  ? 0.834   -10.001 12.112  1.00 52.07  ? 91  LYS A O   1 
ATOM   718 C  CB  . LYS A 1 93  ? -0.091  -7.066  13.094  1.00 50.67  ? 91  LYS A CB  1 
ATOM   719 C  CG  . LYS A 1 93  ? 0.381   -7.803  14.345  1.00 59.49  ? 91  LYS A CG  1 
ATOM   720 C  CD  . LYS A 1 93  ? -0.325  -7.295  15.591  0.86 63.90  ? 91  LYS A CD  1 
ATOM   721 C  CE  . LYS A 1 93  ? -0.001  -8.169  16.796  0.73 72.02  ? 91  LYS A CE  1 
ATOM   722 N  NZ  . LYS A 1 93  ? -0.813  -7.797  17.986  0.71 76.39  ? 91  LYS A NZ  1 
ATOM   723 N  N   . ARG A 1 94  ? -1.039  -9.367  11.030  1.00 49.31  ? 92  ARG A N   1 
ATOM   724 C  CA  . ARG A 1 94  ? -1.426  -10.745 10.772  1.00 54.14  ? 92  ARG A CA  1 
ATOM   725 C  C   . ARG A 1 94  ? -0.504  -11.339 9.707   1.00 46.93  ? 92  ARG A C   1 
ATOM   726 O  O   . ARG A 1 94  ? 0.035   -12.424 9.889   1.00 52.62  ? 92  ARG A O   1 
ATOM   727 C  CB  . ARG A 1 94  ? -2.890  -10.848 10.342  1.00 52.25  ? 92  ARG A CB  1 
ATOM   728 C  CG  . ARG A 1 94  ? -3.296  -12.251 9.910   1.00 58.94  ? 92  ARG A CG  1 
ATOM   729 C  CD  . ARG A 1 94  ? -4.717  -12.297 9.374   1.00 65.16  ? 92  ARG A CD  1 
ATOM   730 N  NE  . ARG A 1 94  ? -4.969  -13.528 8.623   1.00 70.36  ? 92  ARG A NE  1 
ATOM   731 C  CZ  . ARG A 1 94  ? -6.072  -14.263 8.724   1.00 81.54  ? 92  ARG A CZ  1 
ATOM   732 N  NH1 . ARG A 1 94  ? -7.038  -13.899 9.553   1.00 88.44  ? 92  ARG A NH1 1 
ATOM   733 N  NH2 . ARG A 1 94  ? -6.208  -15.368 8.001   1.00 84.58  ? 92  ARG A NH2 1 
ATOM   734 N  N   . LEU A 1 95  ? -0.302  -10.610 8.613   1.00 46.01  ? 93  LEU A N   1 
ATOM   735 C  CA  . LEU A 1 95  ? 0.572   -11.075 7.531   1.00 49.05  ? 93  LEU A CA  1 
ATOM   736 C  C   . LEU A 1 95  ? 2.011   -11.319 8.004   1.00 53.93  ? 93  LEU A C   1 
ATOM   737 O  O   . LEU A 1 95  ? 2.671   -12.258 7.561   1.00 54.80  ? 93  LEU A O   1 
ATOM   738 C  CB  . LEU A 1 95  ? 0.564   -10.087 6.358   1.00 45.28  ? 93  LEU A CB  1 
ATOM   739 C  CG  . LEU A 1 95  ? 1.465   -10.428 5.161   1.00 49.09  ? 93  LEU A CG  1 
ATOM   740 C  CD1 . LEU A 1 95  ? 1.165   -11.823 4.599   1.00 50.38  ? 93  LEU A CD1 1 
ATOM   741 C  CD2 . LEU A 1 95  ? 1.344   -9.362  4.067   1.00 43.07  ? 93  LEU A CD2 1 
ATOM   742 N  N   . ARG A 1 96  ? 2.486   -10.469 8.908   1.00 55.65  ? 94  ARG A N   1 
ATOM   743 C  CA  . ARG A 1 96  ? 3.833   -10.602 9.446   1.00 62.22  ? 94  ARG A CA  1 
ATOM   744 C  C   . ARG A 1 96  ? 3.973   -11.858 10.313  1.00 65.16  ? 94  ARG A C   1 
ATOM   745 O  O   . ARG A 1 96  ? 4.992   -12.548 10.256  1.00 64.72  ? 94  ARG A O   1 
ATOM   746 C  CB  . ARG A 1 96  ? 4.208   -9.353  10.244  1.00 64.49  ? 94  ARG A CB  1 
ATOM   747 C  CG  . ARG A 1 96  ? 5.662   -9.299  10.660  1.00 75.18  ? 94  ARG A CG  1 
ATOM   748 C  CD  . ARG A 1 96  ? 5.848   -8.258  11.744  1.00 82.94  ? 94  ARG A CD  1 
ATOM   749 N  NE  . ARG A 1 96  ? 4.944   -8.514  12.863  1.00 89.59  ? 94  ARG A NE  1 
ATOM   750 C  CZ  . ARG A 1 96  ? 4.871   -7.764  13.958  1.00 93.20  ? 94  ARG A CZ  1 
ATOM   751 N  NH1 . ARG A 1 96  ? 4.016   -8.083  14.921  1.00 97.60  ? 94  ARG A NH1 1 
ATOM   752 N  NH2 . ARG A 1 96  ? 5.651   -6.700  14.092  1.00 91.58  ? 94  ARG A NH2 1 
ATOM   753 N  N   . ASP A 1 97  ? 2.942   -12.150 11.106  1.00 68.50  ? 95  ASP A N   1 
ATOM   754 C  CA  . ASP A 1 97  ? 2.921   -13.353 11.941  1.00 75.03  ? 95  ASP A CA  1 
ATOM   755 C  C   . ASP A 1 97  ? 2.852   -14.630 11.104  1.00 71.72  ? 95  ASP A C   1 
ATOM   756 O  O   . ASP A 1 97  ? 3.407   -15.663 11.485  1.00 70.63  ? 95  ASP A O   1 
ATOM   757 C  CB  . ASP A 1 97  ? 1.748   -13.322 12.930  1.00 82.77  ? 95  ASP A CB  1 
ATOM   758 C  CG  . ASP A 1 97  ? 1.900   -12.247 13.992  1.00 88.78  ? 95  ASP A CG  1 
ATOM   759 O  OD1 . ASP A 1 97  ? 3.038   -11.771 14.200  1.00 92.94  ? 95  ASP A OD1 1 
ATOM   760 O  OD2 . ASP A 1 97  ? 0.883   -11.880 14.623  1.00 89.65  ? 95  ASP A OD2 1 
ATOM   761 N  N   . GLU A 1 98  ? 2.168   -14.555 9.967   1.00 64.72  ? 96  GLU A N   1 
ATOM   762 C  CA  . GLU A 1 98  ? 2.070   -15.697 9.058   1.00 68.83  ? 96  GLU A CA  1 
ATOM   763 C  C   . GLU A 1 98  ? 3.415   -16.073 8.451   1.00 68.04  ? 96  GLU A C   1 
ATOM   764 O  O   . GLU A 1 98  ? 3.695   -17.249 8.230   1.00 70.70  ? 96  GLU A O   1 
ATOM   765 C  CB  . GLU A 1 98  ? 1.079   -15.405 7.936   1.00 67.07  ? 96  GLU A CB  1 
ATOM   766 C  CG  . GLU A 1 98  ? -0.351  -15.752 8.274   1.00 71.17  ? 96  GLU A CG  1 
ATOM   767 C  CD  . GLU A 1 98  ? -1.311  -15.115 7.302   1.00 68.09  ? 96  GLU A CD  1 
ATOM   768 O  OE1 . GLU A 1 98  ? -2.522  -15.047 7.608   1.00 75.96  ? 96  GLU A OE1 1 
ATOM   769 O  OE2 . GLU A 1 98  ? -0.843  -14.678 6.230   1.00 57.93  ? 96  GLU A OE2 1 
ATOM   770 N  N   . ARG A 1 99  ? 4.234   -15.069 8.161   1.00 64.93  ? 97  ARG A N   1 
ATOM   771 C  CA  . ARG A 1 99  ? 5.581   -15.312 7.663   1.00 68.69  ? 97  ARG A CA  1 
ATOM   772 C  C   . ARG A 1 99  ? 6.460   -15.928 8.743   1.00 76.18  ? 97  ARG A C   1 
ATOM   773 O  O   . ARG A 1 99  ? 7.379   -16.687 8.444   1.00 81.55  ? 97  ARG A O   1 
ATOM   774 C  CB  . ARG A 1 99  ? 6.199   -14.014 7.154   1.00 62.48  ? 97  ARG A CB  1 
ATOM   775 C  CG  . ARG A 1 99  ? 5.580   -13.521 5.873   1.00 57.20  ? 97  ARG A CG  1 
ATOM   776 C  CD  . ARG A 1 99  ? 6.156   -12.167 5.485   1.00 58.34  ? 97  ARG A CD  1 
ATOM   777 N  NE  . ARG A 1 99  ? 5.525   -11.629 4.284   1.00 53.30  ? 97  ARG A NE  1 
ATOM   778 C  CZ  . ARG A 1 99  ? 5.931   -10.534 3.651   1.00 52.71  ? 97  ARG A CZ  1 
ATOM   779 N  NH1 . ARG A 1 99  ? 6.978   -9.843  4.102   1.00 56.43  ? 97  ARG A NH1 1 
ATOM   780 N  NH2 . ARG A 1 99  ? 5.291   -10.130 2.565   1.00 46.65  ? 97  ARG A NH2 1 
ATOM   781 N  N   . LYS A 1 100 ? 6.167   -15.598 9.998   0.94 80.38  ? 98  LYS A N   1 
ATOM   782 C  CA  . LYS A 1 100 ? 6.863   -16.190 11.138  1.00 93.37  ? 98  LYS A CA  1 
ATOM   783 C  C   . LYS A 1 100 ? 6.598   -17.689 11.229  1.00 103.30 ? 98  LYS A C   1 
ATOM   784 O  O   . LYS A 1 100 ? 7.386   -18.431 11.815  1.00 110.68 ? 98  LYS A O   1 
ATOM   785 C  CB  . LYS A 1 100 ? 6.429   -15.515 12.443  1.00 94.57  ? 98  LYS A CB  1 
ATOM   786 C  CG  . LYS A 1 100 ? 7.530   -14.730 13.136  0.90 97.13  ? 98  LYS A CG  1 
ATOM   787 C  CD  . LYS A 1 100 ? 7.347   -13.223 12.990  0.93 89.33  ? 98  LYS A CD  1 
ATOM   788 C  CE  . LYS A 1 100 ? 6.488   -12.655 14.113  0.71 88.91  ? 98  LYS A CE  1 
ATOM   789 N  NZ  . LYS A 1 100 ? 6.576   -11.170 14.193  0.94 85.29  ? 98  LYS A NZ  1 
ATOM   790 N  N   . ASN A 1 101 ? 5.481   -18.114 10.640  1.00 106.50 ? 99  ASN A N   1 
ATOM   791 C  CA  . ASN A 1 101 ? 5.010   -19.499 10.689  1.00 117.25 ? 99  ASN A CA  1 
ATOM   792 C  C   . ASN A 1 101 ? 4.665   -19.977 12.098  1.00 125.81 ? 99  ASN A C   1 
ATOM   793 O  O   . ASN A 1 101 ? 3.490   -20.075 12.455  1.00 126.50 ? 99  ASN A O   1 
ATOM   794 C  CB  . ASN A 1 101 ? 5.993   -20.458 10.009  1.00 123.81 ? 99  ASN A CB  1 
ATOM   795 C  CG  . ASN A 1 101 ? 5.866   -20.445 8.499   1.00 121.67 ? 99  ASN A CG  1 
ATOM   796 O  OD1 . ASN A 1 101 ? 5.119   -21.235 7.923   1.00 124.64 ? 99  ASN A OD1 1 
ATOM   797 N  ND2 . ASN A 1 101 ? 6.587   -19.539 7.851   1.00 117.06 ? 99  ASN A ND2 1 
HETATM 798 CD CD  . CD  B 2 .   ? -14.640 3.165   -3.385  1.00 42.34  ? 201 CD  A CD  1 
HETATM 799 CD CD  . CD  C 2 .   ? 0.200   16.070  3.248   0.75 31.99  ? 202 CD  A CD  1 
HETATM 800 CD CD  . CD  D 2 .   ? -3.128  -14.263 5.149   1.00 45.54  ? 203 CD  A CD  1 
HETATM 801 CD CD  . CD  E 2 .   ? 15.771  5.354   -13.571 0.50 38.40  ? 204 CD  A CD  1 
HETATM 802 CD CD  . CD  F 2 .   ? -5.422  17.344  0.515   0.50 72.52  ? 205 CD  A CD  1 
HETATM 803 C  C   . FMT G 3 .   ? -4.142  -11.672 6.024   1.00 46.62  ? 206 FMT A C   1 
HETATM 804 O  O1  . FMT G 3 .   ? -2.934  -11.811 5.923   1.00 41.28  ? 206 FMT A O1  1 
HETATM 805 O  O2  . FMT G 3 .   ? -4.966  -12.382 5.462   1.00 57.44  ? 206 FMT A O2  1 
HETATM 806 C  C   . FMT H 3 .   ? 17.488  7.871   -13.648 1.00 64.68  ? 207 FMT A C   1 
HETATM 807 O  O1  . FMT H 3 .   ? 17.710  7.077   -12.734 1.00 71.60  ? 207 FMT A O1  1 
HETATM 808 O  O2  . FMT H 3 .   ? 16.767  7.620   -14.615 1.00 58.91  ? 207 FMT A O2  1 
HETATM 809 C  C1  . EDO I 4 .   ? -6.034  -4.963  -7.432  1.00 72.20  ? 208 EDO A C1  1 
HETATM 810 O  O1  . EDO I 4 .   ? -6.720  -5.776  -8.393  1.00 76.19  ? 208 EDO A O1  1 
HETATM 811 C  C2  . EDO I 4 .   ? -6.741  -5.054  -6.090  1.00 69.83  ? 208 EDO A C2  1 
HETATM 812 O  O2  . EDO I 4 .   ? -6.253  -4.019  -5.233  1.00 66.09  ? 208 EDO A O2  1 
HETATM 813 CL CL  . CL  J 5 .   ? -14.385 3.571   -5.907  1.00 68.09  ? 209 CL  A CL  1 
HETATM 814 O  O   . HOH K 6 .   ? -5.596  6.495   4.851   1.00 30.94  ? 301 HOH A O   1 
HETATM 815 O  O   . HOH K 6 .   ? 3.358   0.425   -10.913 1.00 53.24  ? 302 HOH A O   1 
HETATM 816 O  O   . HOH K 6 .   ? -0.498  -4.684  -7.378  1.00 40.88  ? 303 HOH A O   1 
HETATM 817 O  O   . HOH K 6 .   ? 12.491  5.387   2.100   1.00 87.46  ? 304 HOH A O   1 
HETATM 818 O  O   . HOH K 6 .   ? -4.757  15.053  -9.841  1.00 54.96  ? 305 HOH A O   1 
HETATM 819 O  O   . HOH K 6 .   ? 2.394   -5.372  -6.316  1.00 52.00  ? 306 HOH A O   1 
HETATM 820 O  O   . HOH K 6 .   ? 1.398   4.349   18.373  1.00 111.92 ? 307 HOH A O   1 
HETATM 821 O  O   . HOH K 6 .   ? 9.427   -7.794  4.918   1.00 50.87  ? 308 HOH A O   1 
HETATM 822 O  O   . HOH K 6 .   ? -8.830  0.641   -7.531  1.00 49.47  ? 309 HOH A O   1 
HETATM 823 O  O   . HOH K 6 .   ? -8.293  8.463   -6.649  1.00 40.22  ? 310 HOH A O   1 
HETATM 824 O  O   . HOH K 6 .   ? -4.402  14.649  -7.164  1.00 41.06  ? 311 HOH A O   1 
HETATM 825 O  O   . HOH K 6 .   ? -5.202  12.072  1.566   1.00 42.96  ? 312 HOH A O   1 
HETATM 826 O  O   . HOH K 6 .   ? -6.853  11.209  -0.404  1.00 33.67  ? 313 HOH A O   1 
HETATM 827 O  O   . HOH K 6 .   ? 12.222  7.168   0.517   1.00 66.68  ? 314 HOH A O   1 
HETATM 828 O  O   . HOH K 6 .   ? 14.296  6.597   1.524   1.00 84.81  ? 315 HOH A O   1 
HETATM 829 O  O   . HOH K 6 .   ? -12.075 -0.152  3.028   1.00 45.19  ? 316 HOH A O   1 
HETATM 830 O  O   . HOH K 6 .   ? -12.174 -7.947  2.817   1.00 54.34  ? 317 HOH A O   1 
HETATM 831 O  O   . HOH K 6 .   ? -9.021  9.864   -9.909  1.00 83.88  ? 318 HOH A O   1 
HETATM 832 O  O   . HOH K 6 .   ? -3.078  -12.203 -1.992  1.00 56.48  ? 319 HOH A O   1 
HETATM 833 O  O   . HOH K 6 .   ? -8.006  14.630  1.963   1.00 55.14  ? 320 HOH A O   1 
HETATM 834 O  O   . HOH K 6 .   ? -3.430  -5.436  -8.964  1.00 59.80  ? 321 HOH A O   1 
HETATM 835 O  O   . HOH K 6 .   ? 11.588  -9.500  3.257   1.00 65.79  ? 322 HOH A O   1 
HETATM 836 O  O   . HOH K 6 .   ? -1.735  -14.475 -2.807  1.00 62.66  ? 323 HOH A O   1 
HETATM 837 O  O   . HOH K 6 .   ? 14.381  5.338   -15.741 1.00 55.18  ? 324 HOH A O   1 
HETATM 838 O  O   . HOH K 6 .   ? 0.194   15.587  5.581   1.00 33.27  ? 325 HOH A O   1 
HETATM 839 O  O   . HOH K 6 .   ? -11.324 2.216   3.997   1.00 58.64  ? 326 HOH A O   1 
HETATM 840 O  O   . HOH K 6 .   ? -15.508 0.688   -4.045  1.00 52.30  ? 327 HOH A O   1 
HETATM 841 O  O   . HOH K 6 .   ? -16.820 -0.328  -5.488  1.00 43.57  ? 328 HOH A O   1 
HETATM 842 O  O   . HOH K 6 .   ? -17.137 3.650   -3.256  1.00 47.76  ? 329 HOH A O   1 
HETATM 843 O  O   . HOH K 6 .   ? -7.004  -13.245 4.414   1.00 41.41  ? 330 HOH A O   1 
HETATM 844 O  O   . HOH K 6 .   ? -4.202  14.350  1.153   1.00 51.05  ? 331 HOH A O   1 
HETATM 845 O  O   . HOH K 6 .   ? -10.963 10.397  -9.001  1.00 69.72  ? 332 HOH A O   1 
HETATM 846 O  O   . HOH K 6 .   ? -8.716  3.384   -6.316  1.00 52.88  ? 333 HOH A O   1 
HETATM 847 O  O   . HOH K 6 .   ? 1.139   -16.201 1.208   1.00 49.93  ? 334 HOH A O   1 
HETATM 848 O  O   . HOH K 6 .   ? -6.170  7.978   -7.120  1.00 58.76  ? 335 HOH A O   1 
HETATM 849 O  O   . HOH K 6 .   ? -10.877 2.625   -5.349  1.00 57.93  ? 336 HOH A O   1 
HETATM 850 O  O   . HOH K 6 .   ? -3.026  15.829  3.478   1.00 69.94  ? 337 HOH A O   1 
HETATM 851 O  O   . HOH K 6 .   ? -2.422  14.668  5.993   1.00 46.51  ? 338 HOH A O   1 
HETATM 852 O  O   . HOH K 6 .   ? -2.637  12.989  7.843   1.00 51.05  ? 339 HOH A O   1 
HETATM 853 O  O   . HOH K 6 .   ? -8.046  16.386  0.247   1.00 46.84  ? 340 HOH A O   1 
HETATM 854 O  O   . HOH K 6 .   ? -10.309 7.883   -7.824  1.00 57.55  ? 341 HOH A O   1 
HETATM 855 O  O   . HOH K 6 .   ? -13.325 8.258   -6.419  1.00 75.66  ? 342 HOH A O   1 
HETATM 856 O  O   . HOH K 6 .   ? 18.988  6.641   -10.791 1.00 66.22  ? 343 HOH A O   1 
HETATM 857 O  O   . HOH K 6 .   ? 14.401  3.378   -12.583 1.00 49.96  ? 344 HOH A O   1 
HETATM 858 O  O   . HOH K 6 .   ? 9.696   -17.905 6.380   1.00 84.33  ? 345 HOH A O   1 
HETATM 859 O  O   . HOH K 6 .   ? 3.104   -1.325  10.093  1.00 59.49  ? 346 HOH A O   1 
HETATM 860 O  O   . HOH K 6 .   ? 14.516  2.960   7.229   1.00 62.92  ? 347 HOH A O   1 
HETATM 861 O  O   . HOH K 6 .   ? 5.710   13.361  -14.354 1.00 82.66  ? 348 HOH A O   1 
HETATM 862 O  O   . HOH K 6 .   ? -1.597  16.550  -0.296  1.00 70.35  ? 349 HOH A O   1 
# 
loop_
_atom_site_anisotrop.id 
_atom_site_anisotrop.type_symbol 
_atom_site_anisotrop.pdbx_label_atom_id 
_atom_site_anisotrop.pdbx_label_alt_id 
_atom_site_anisotrop.pdbx_label_comp_id 
_atom_site_anisotrop.pdbx_label_asym_id 
_atom_site_anisotrop.pdbx_label_seq_id 
_atom_site_anisotrop.pdbx_PDB_ins_code 
_atom_site_anisotrop.U[1][1] 
_atom_site_anisotrop.U[2][2] 
_atom_site_anisotrop.U[3][3] 
_atom_site_anisotrop.U[1][2] 
_atom_site_anisotrop.U[1][3] 
_atom_site_anisotrop.U[2][3] 
_atom_site_anisotrop.pdbx_auth_seq_id 
_atom_site_anisotrop.pdbx_auth_comp_id 
_atom_site_anisotrop.pdbx_auth_asym_id 
_atom_site_anisotrop.pdbx_auth_atom_id 
1   N  N   . TYR A 9   ? 1.1977 1.5451 1.4480 -0.1136 -0.4334 -0.1542 7  TYR A N   
2   C  CA  . TYR A 9   ? 1.1258 1.4493 1.3916 -0.0934 -0.4000 -0.1381 7  TYR A CA  
3   C  C   . TYR A 9   ? 1.0398 1.3961 1.3909 -0.0743 -0.3979 -0.1082 7  TYR A C   
4   O  O   . TYR A 9   ? 1.0703 1.4763 1.4618 -0.0697 -0.4266 -0.0937 7  TYR A O   
5   C  CB  . TYR A 9   ? 1.1191 1.3975 1.3849 -0.1028 -0.3593 -0.1573 7  TYR A CB  
6   C  CG  . TYR A 9   ? 1.1914 1.4310 1.3716 -0.1054 -0.3487 -0.1781 7  TYR A CG  
7   C  CD1 . TYR A 9   ? 1.2675 1.5111 1.3724 -0.1003 -0.3700 -0.1769 7  TYR A CD1 
8   C  CD2 . TYR A 9   ? 1.1833 1.3845 1.3557 -0.1095 -0.3166 -0.1967 7  TYR A CD2 
9   C  CE1 . TYR A 9   ? 1.3203 1.5330 1.3451 -0.1010 -0.3565 -0.1956 7  TYR A CE1 
10  C  CE2 . TYR A 9   ? 1.2266 1.3990 1.3265 -0.1069 -0.3054 -0.2159 7  TYR A CE2 
11  C  CZ  . TYR A 9   ? 1.2950 1.4745 1.3215 -0.1032 -0.3237 -0.2161 7  TYR A CZ  
12  O  OH  . TYR A 9   ? 1.3293 1.4851 1.2821 -0.0979 -0.3081 -0.2354 7  TYR A OH  
13  N  N   . PHE A 10  ? 0.9158 1.2464 1.2938 -0.0622 -0.3633 -0.0992 8  PHE A N   
14  C  CA  . PHE A 10  ? 0.8313 1.1835 1.2843 -0.0400 -0.3554 -0.0719 8  PHE A CA  
15  C  C   . PHE A 10  ? 0.7210 1.0420 1.2060 -0.0379 -0.3099 -0.0736 8  PHE A C   
16  O  O   . PHE A 10  ? 0.7370 1.0175 1.1771 -0.0464 -0.2878 -0.0889 8  PHE A O   
17  C  CB  . PHE A 10  ? 0.8584 1.2110 1.2906 -0.0120 -0.3781 -0.0436 8  PHE A CB  
18  C  CG  . PHE A 10  ? 0.8598 1.1601 1.2381 -0.0074 -0.3635 -0.0422 8  PHE A CG  
19  C  CD1 . PHE A 10  ? 0.8252 1.1016 1.2372 0.0127  -0.3433 -0.0215 8  PHE A CD1 
20  C  CD2 . PHE A 10  ? 0.8807 1.1560 1.1717 -0.0240 -0.3670 -0.0613 8  PHE A CD2 
21  C  CE1 . PHE A 10  ? 0.8263 1.0419 1.1618 0.0094  -0.3093 -0.0176 8  PHE A CE1 
22  C  CE2 . PHE A 10  ? 0.8582 1.0898 1.0933 -0.0243 -0.3451 -0.0570 8  PHE A CE2 
23  C  CZ  . PHE A 10  ? 0.8470 1.0459 1.0997 -0.0108 -0.3107 -0.0337 8  PHE A CZ  
24  N  N   . ARG A 11  ? 0.6479 0.9922 1.2086 -0.0254 -0.2948 -0.0572 9  ARG A N   
25  C  CA  . ARG A 11  ? 0.5780 0.8951 1.1665 -0.0199 -0.2517 -0.0555 9  ARG A CA  
26  C  C   . ARG A 11  ? 0.5531 0.8664 1.1690 0.0121  -0.2452 -0.0309 9  ARG A C   
27  O  O   . ARG A 11  ? 0.5787 0.9215 1.2173 0.0347  -0.2695 -0.0088 9  ARG A O   
28  C  CB  . ARG A 11  ? 0.6201 0.9613 1.2687 -0.0289 -0.2330 -0.0548 9  ARG A CB  
29  C  CG  . ARG A 11  ? 0.6988 1.0828 1.3643 -0.0481 -0.2640 -0.0608 9  ARG A CG  
30  C  CD  . ARG A 11  ? 0.7297 1.1490 1.4677 -0.0564 -0.2490 -0.0535 9  ARG A CD  
31  N  NE  . ARG A 11  ? 0.7775 1.2291 1.5264 -0.0850 -0.2784 -0.0655 9  ARG A NE  
32  C  CZ  . ARG A 11  ? 0.8383 1.3508 1.6140 -0.0858 -0.3162 -0.0586 9  ARG A CZ  
33  N  NH1 . ARG A 11  ? 0.8794 1.4182 1.6622 -0.1176 -0.3431 -0.0734 9  ARG A NH1 
34  N  NH2 . ARG A 11  ? 0.8667 1.4127 1.6613 -0.0544 -0.3285 -0.0366 9  ARG A NH2 
35  N  N   . LEU A 12  ? 0.4837 0.7585 1.0954 0.0167  -0.2123 -0.0332 10 LEU A N   
36  C  CA  . LEU A 12  ? 0.4597 0.7110 1.0852 0.0489  -0.1958 -0.0113 10 LEU A CA  
37  C  C   . LEU A 12  ? 0.4097 0.6543 1.0821 0.0588  -0.1495 -0.0107 10 LEU A C   
38  O  O   . LEU A 12  ? 0.4098 0.6382 1.0699 0.0373  -0.1253 -0.0287 10 LEU A O   
39  C  CB  . LEU A 12  ? 0.4413 0.6218 0.9603 0.0426  -0.1847 -0.0121 10 LEU A CB  
40  C  CG  . LEU A 12  ? 0.5483 0.7173 1.0044 0.0458  -0.2184 0.0017  10 LEU A CG  
41  C  CD1 . LEU A 12  ? 0.6287 0.7263 0.9906 0.0359  -0.1961 0.0052  10 LEU A CD1 
42  C  CD2 . LEU A 12  ? 0.5989 0.7874 1.0926 0.0821  -0.2399 0.0328  10 LEU A CD2 
43  N  N   . LYS A 13  ? 0.3176 0.5709 1.0319 0.0937  -0.1346 0.0114  11 LYS A N   
44  C  CA  . LYS A 13  ? 0.3446 0.5794 1.0765 0.1078  -0.0841 0.0130  11 LYS A CA  
45  C  C   . LYS A 13  ? 0.3876 0.5349 1.0382 0.1128  -0.0559 0.0070  11 LYS A C   
46  O  O   . LYS A 13  ? 0.4469 0.5455 1.0311 0.1178  -0.0697 0.0142  11 LYS A O   
47  C  CB  . LYS A 13  ? 0.4316 0.6961 1.2063 0.1440  -0.0738 0.0363  11 LYS A CB  
48  C  CG  . LYS A 13  ? 0.4902 0.7736 1.2962 0.1461  -0.0315 0.0364  11 LYS A CG  
49  C  CD  . LYS A 13  ? 0.5041 0.8397 1.3448 0.1083  -0.0434 0.0281  11 LYS A CD  
50  C  CE  . LYS A 13  ? 0.5861 0.9971 1.4840 0.1130  -0.0741 0.0418  11 LYS A CE  
51  N  NZ  . LYS A 13  ? 0.5688 1.0193 1.4948 0.0743  -0.0856 0.0326  11 LYS A NZ  
52  N  N   . ASN A 14  ? 0.3632 0.4844 1.0003 0.1051  -0.0168 -0.0055 12 ASN A N   
53  C  CA  . ASN A 14  ? 0.4162 0.4522 0.9606 0.1012  0.0080  -0.0145 12 ASN A CA  
54  C  C   . ASN A 14  ? 0.5013 0.4839 1.0301 0.1412  0.0363  -0.0029 12 ASN A C   
55  O  O   . ASN A 14  ? 0.4609 0.4630 1.0399 0.1679  0.0674  0.0015  12 ASN A O   
56  C  CB  . ASN A 14  ? 0.4068 0.4355 0.9333 0.0773  0.0337  -0.0325 12 ASN A CB  
57  C  CG  . ASN A 14  ? 0.4257 0.3785 0.8561 0.0635  0.0489  -0.0442 12 ASN A CG  
58  O  OD1 . ASN A 14  ? 0.5017 0.4029 0.8764 0.0647  0.0399  -0.0403 12 ASN A OD1 
59  N  ND2 . ASN A 14  ? 0.4033 0.3487 0.8128 0.0481  0.0704  -0.0570 12 ASN A ND2 
60  N  N   . HIS A 15  ? 0.5606 0.4731 1.0187 0.1463  0.0278  0.0030  13 HIS A N   
61  C  CA  . HIS A 15  ? 0.6740 0.5122 1.1008 0.1840  0.0556  0.0106  13 HIS A CA  
62  C  C   . HIS A 15  ? 0.7442 0.4893 1.0737 0.1615  0.0798  -0.0097 13 HIS A C   
63  O  O   . HIS A 15  ? 0.8730 0.5279 1.1453 0.1805  0.0965  -0.0084 13 HIS A O   
64  C  CB  . HIS A 15  ? 0.7235 0.5342 1.1385 0.2097  0.0304  0.0353  13 HIS A CB  
65  C  CG  . HIS A 15  ? 0.7841 0.6857 1.2970 0.2412  0.0067  0.0577  13 HIS A CG  
66  N  ND1 . HIS A 15  ? 0.8183 0.7312 1.3312 0.2536  -0.0330 0.0816  13 HIS A ND1 
67  C  CD2 . HIS A 15  ? 0.7490 0.7400 1.3520 0.2560  0.0149  0.0604  13 HIS A CD2 
68  C  CE1 . HIS A 15  ? 0.8097 0.8178 1.4217 0.2793  -0.0520 0.0975  13 HIS A CE1 
69  N  NE2 . HIS A 15  ? 0.7822 0.8395 1.4368 0.2733  -0.0220 0.0825  13 HIS A NE2 
70  N  N   . GLY A 16  ? 0.6968 0.4622 1.0068 0.1208  0.0793  -0.0281 14 GLY A N   
71  C  CA  . GLY A 16  ? 0.7260 0.4218 0.9513 0.0943  0.0965  -0.0478 14 GLY A CA  
72  C  C   . GLY A 16  ? 0.7876 0.4522 0.9486 0.0528  0.0716  -0.0505 14 GLY A C   
73  O  O   . GLY A 16  ? 0.8930 0.4968 0.9827 0.0270  0.0803  -0.0645 14 GLY A O   
74  N  N   . GLU A 17  ? 0.7173 0.4254 0.9009 0.0444  0.0404  -0.0368 15 GLU A N   
75  C  CA  . GLU A 17  ? 0.7491 0.4457 0.8789 0.0034  0.0215  -0.0378 15 GLU A CA  
76  C  C   . GLU A 17  ? 0.6647 0.4282 0.8120 -0.0249 0.0167  -0.0537 15 GLU A C   
77  O  O   . GLU A 17  ? 0.6660 0.4338 0.7751 -0.0593 0.0077  -0.0584 15 GLU A O   
78  C  CB  . GLU A 17  ? 0.7265 0.4386 0.8597 0.0074  -0.0072 -0.0160 15 GLU A CB  
79  C  CG  . GLU A 17  ? 0.8254 0.4906 0.9621 0.0478  -0.0079 0.0065  15 GLU A CG  
80  C  CD  . GLU A 17  ? 0.7382 0.4784 0.9629 0.0858  -0.0195 0.0165  15 GLU A CD  
81  O  OE1 . GLU A 17  ? 0.5491 0.3388 0.8296 0.0921  -0.0055 0.0030  15 GLU A OE1 
82  O  OE2 . GLU A 17  ? 0.7248 0.4766 0.9624 0.1068  -0.0438 0.0399  15 GLU A OE2 
83  N  N   . ILE A 18  ? 0.5840 0.4002 0.7916 -0.0094 0.0239  -0.0596 16 ILE A N   
84  C  CA  . ILE A 18  ? 0.5097 0.3858 0.7398 -0.0295 0.0173  -0.0712 16 ILE A CA  
85  C  C   . ILE A 18  ? 0.5232 0.3961 0.7492 -0.0325 0.0416  -0.0833 16 ILE A C   
86  O  O   . ILE A 18  ? 0.5821 0.4543 0.8394 -0.0098 0.0626  -0.0817 16 ILE A O   
87  C  CB  . ILE A 18  ? 0.5044 0.4458 0.8056 -0.0179 0.0000  -0.0675 16 ILE A CB  
88  C  CG1 . ILE A 18  ? 0.5648 0.5131 0.8607 -0.0147 -0.0287 -0.0553 16 ILE A CG1 
89  C  CG2 . ILE A 18  ? 0.4422 0.4272 0.7561 -0.0375 -0.0054 -0.0811 16 ILE A CG2 
90  C  CD1 . ILE A 18  ? 0.5476 0.5435 0.9131 0.0066  -0.0464 -0.0467 16 ILE A CD1 
91  N  N   . ASN A 19  ? 0.5064 0.3826 0.6935 -0.0599 0.0389  -0.0931 17 ASN A N   
92  C  CA  . ASN A 19  ? 0.5246 0.4044 0.7015 -0.0638 0.0559  -0.1020 17 ASN A CA  
93  C  C   . ASN A 19  ? 0.4918 0.4294 0.6932 -0.0755 0.0437  -0.1050 17 ASN A C   
94  O  O   . ASN A 19  ? 0.4847 0.4481 0.6823 -0.0897 0.0247  -0.1059 17 ASN A O   
95  C  CB  . ASN A 19  ? 0.5937 0.4221 0.6961 -0.0846 0.0615  -0.1108 17 ASN A CB  
96  C  CG  . ASN A 19  ? 0.7995 0.5520 0.8658 -0.0728 0.0740  -0.1107 17 ASN A CG  
97  O  OD1 . ASN A 19  ? 0.9116 0.6258 0.9446 -0.0871 0.0626  -0.1073 17 ASN A OD1 
98  N  ND2 . ASN A 19  ? 0.8682 0.5953 0.9397 -0.0445 0.1004  -0.1131 17 ASN A ND2 
99  N  N   . ALA A 20  ? 0.4326 0.3868 0.6562 -0.0670 0.0575  -0.1055 18 ALA A N   
100 C  CA  . ALA A 20  ? 0.3766 0.3739 0.6229 -0.0720 0.0487  -0.1072 18 ALA A CA  
101 C  C   . ALA A 20  ? 0.4248 0.4181 0.6469 -0.0721 0.0634  -0.1061 18 ALA A C   
102 O  O   . ALA A 20  ? 0.4914 0.4540 0.6929 -0.0642 0.0843  -0.1040 18 ALA A O   
103 C  CB  . ALA A 20  ? 0.3815 0.4044 0.6939 -0.0599 0.0452  -0.1040 18 ALA A CB  
104 N  N   . SER A 21  ? 0.4304 0.4551 0.6517 -0.0774 0.0534  -0.1067 19 SER A N   
105 C  CA  . SER A 21  ? 0.5022 0.5288 0.7027 -0.0738 0.0632  -0.1011 19 SER A CA  
106 C  C   . SER A 21  ? 0.4968 0.5554 0.7283 -0.0654 0.0559  -0.0969 19 SER A C   
107 O  O   . SER A 21  ? 0.4013 0.4847 0.6513 -0.0673 0.0404  -0.1036 19 SER A O   
108 C  CB  . SER A 21  ? 0.4891 0.5130 0.6288 -0.0916 0.0550  -0.1056 19 SER A CB  
109 O  OG  . SER A 21  ? 0.4663 0.5324 0.6098 -0.1042 0.0343  -0.1084 19 SER A OG  
110 N  N   . LEU A 22  ? 0.6033 0.6554 0.8350 -0.0540 0.0691  -0.0852 20 LEU A N   
111 C  CA  . LEU A 22  ? 0.6270 0.6958 0.8787 -0.0421 0.0643  -0.0784 20 LEU A CA  
112 C  C   . LEU A 22  ? 0.6796 0.7606 0.8893 -0.0370 0.0624  -0.0672 20 LEU A C   
113 O  O   . LEU A 22  ? 0.7268 0.7861 0.9046 -0.0352 0.0769  -0.0567 20 LEU A O   
114 C  CB  . LEU A 22  ? 0.5886 0.6337 0.8811 -0.0330 0.0810  -0.0680 20 LEU A CB  
115 C  CG  . LEU A 22  ? 0.5887 0.6305 0.9357 -0.0382 0.0774  -0.0770 20 LEU A CG  
116 C  CD1 . LEU A 22  ? 0.6075 0.6294 0.9950 -0.0365 0.0968  -0.0626 20 LEU A CD1 
117 C  CD2 . LEU A 22  ? 0.5794 0.6350 0.9391 -0.0365 0.0562  -0.0914 20 LEU A CD2 
118 N  N   . ASP A 23  ? 0.8678 1.2880 0.8823 -0.0043 -0.0991 0.0311  21 ASP A N   
119 C  CA  . ASP A 23  ? 0.9337 1.4482 0.9428 -0.0206 -0.1272 0.0649  21 ASP A CA  
120 C  C   . ASP A 23  ? 0.9738 1.5071 0.9097 -0.0690 -0.1448 0.0260  21 ASP A C   
121 O  O   . ASP A 23  ? 1.0194 1.6030 0.9060 -0.0876 -0.1585 0.0392  21 ASP A O   
122 C  CB  . ASP A 23  ? 0.9652 1.5236 0.9822 0.0041  -0.1241 0.1186  21 ASP A CB  
123 C  CG  . ASP A 23  ? 0.9355 1.4784 1.0276 0.0476  -0.1009 0.1603  21 ASP A CG  
124 O  OD1 . ASP A 23  ? 0.8609 1.4418 1.0106 0.0560  -0.1061 0.1916  21 ASP A OD1 
125 O  OD2 . ASP A 23  ? 0.9495 1.4400 1.0438 0.0714  -0.0734 0.1617  21 ASP A OD2 
126 N  N   . ASN A 24  ? 0.9378 1.4241 0.8631 -0.0907 -0.1397 -0.0230 22 ASN A N   
127 C  CA  . ASN A 24  ? 0.9793 1.4628 0.8360 -0.1407 -0.1451 -0.0698 22 ASN A CA  
128 C  C   . ASN A 24  ? 0.9458 1.3854 0.7286 -0.1522 -0.1227 -0.0974 22 ASN A C   
129 O  O   . ASN A 24  ? 0.9991 1.4359 0.7159 -0.1949 -0.1214 -0.1280 22 ASN A O   
130 C  CB  . ASN A 24  ? 1.0724 1.6350 0.9239 -0.1727 -0.1757 -0.0483 22 ASN A CB  
131 C  CG  . ASN A 24  ? 1.1514 1.6800 0.9773 -0.2134 -0.1707 -0.0940 22 ASN A CG  
132 O  OD1 . ASN A 24  ? 1.1466 1.6163 0.9894 -0.2111 -0.1533 -0.1282 22 ASN A OD1 
133 N  ND2 . ASN A 24  ? 1.2298 1.7950 1.0161 -0.2508 -0.1837 -0.0930 22 ASN A ND2 
134 N  N   . ASN A 25  ? 0.8305 1.2247 0.6309 -0.1132 -0.0987 -0.0848 23 ASN A N   
135 C  CA  . ASN A 25  ? 0.8144 1.1547 0.5601 -0.1172 -0.0686 -0.1100 23 ASN A CA  
136 C  C   . ASN A 25  ? 0.7210 0.9737 0.4992 -0.0955 -0.0351 -0.1366 23 ASN A C   
137 O  O   . ASN A 25  ? 0.6020 0.8397 0.4427 -0.0608 -0.0339 -0.1155 23 ASN A O   
138 C  CB  . ASN A 25  ? 0.8419 1.2109 0.5817 -0.0927 -0.0672 -0.0679 23 ASN A CB  
139 C  CG  . ASN A 25  ? 0.9392 1.4022 0.6425 -0.1151 -0.1004 -0.0344 23 ASN A CG  
140 O  OD1 . ASN A 25  ? 1.0446 1.5196 0.6670 -0.1463 -0.0991 -0.0464 23 ASN A OD1 
141 N  ND2 . ASN A 25  ? 0.8881 1.4199 0.6512 -0.1007 -0.1286 0.0109  23 ASN A ND2 
142 N  N   . SER A 26  ? 0.7638 0.9596 0.4995 -0.1184 -0.0062 -0.1809 24 SER A N   
143 C  CA  . SER A 26  ? 0.7733 0.8960 0.5482 -0.1002 0.0243  -0.2003 24 SER A CA  
144 C  C   . SER A 26  ? 0.7685 0.8619 0.5743 -0.0638 0.0453  -0.1792 24 SER A C   
145 O  O   . SER A 26  ? 0.8065 0.9066 0.5787 -0.0620 0.0558  -0.1695 24 SER A O   
146 C  CB  . SER A 26  ? 0.8617 0.9286 0.5902 -0.1331 0.0587  -0.2491 24 SER A CB  
147 O  OG  . SER A 26  ? 0.9626 0.9927 0.6457 -0.1370 0.0946  -0.2605 24 SER A OG  
148 N  N   . ILE A 27  ? 0.6781 0.7415 0.5469 -0.0378 0.0505  -0.1709 25 ILE A N   
149 C  CA  . ILE A 27  ? 0.6489 0.6880 0.5546 -0.0089 0.0686  -0.1519 25 ILE A CA  
150 C  C   . ILE A 27  ? 0.6390 0.6261 0.5845 -0.0004 0.0943  -0.1633 25 ILE A C   
151 O  O   . ILE A 27  ? 0.6089 0.5829 0.5708 -0.0068 0.0900  -0.1756 25 ILE A O   
152 C  CB  . ILE A 27  ? 0.6842 0.7527 0.6353 0.0150  0.0449  -0.1167 25 ILE A CB  
153 C  CG1 . ILE A 27  ? 0.6851 0.7568 0.6687 0.0149  0.0238  -0.1166 25 ILE A CG1 
154 C  CG2 . ILE A 27  ? 0.7199 0.8393 0.6441 0.0149  0.0291  -0.0938 25 ILE A CG2 
155 C  CD1 . ILE A 27  ? 0.6671 0.7200 0.7018 0.0342  0.0223  -0.0996 25 ILE A CD1 
156 N  N   . GLU A 28  ? 0.6154 0.5766 0.5822 0.0156  0.1227  -0.1538 26 GLU A N   
157 C  CA  . GLU A 28  ? 0.5595 0.4813 0.5770 0.0274  0.1494  -0.1529 26 GLU A CA  
158 C  C   . GLU A 28  ? 0.5371 0.4759 0.6200 0.0458  0.1230  -0.1242 26 GLU A C   
159 O  O   . GLU A 28  ? 0.5352 0.4946 0.6407 0.0581  0.1110  -0.1010 26 GLU A O   
160 C  CB  . GLU A 28  ? 0.5840 0.4763 0.6065 0.0370  0.1931  -0.1493 26 GLU A CB  
161 C  CG  . GLU A 28  ? 0.6084 0.4559 0.6779 0.0462  0.2350  -0.1495 26 GLU A CG  
162 C  CD  . GLU A 28  ? 0.6343 0.4497 0.7102 0.0561  0.2858  -0.1447 26 GLU A CD  
163 O  OE1 . GLU A 28  ? 0.6902 0.4724 0.7939 0.0564  0.3163  -0.1362 26 GLU A OE1 
164 O  OE2 . GLU A 28  ? 0.6030 0.4354 0.6536 0.0588  0.2820  -0.1370 26 GLU A OE2 
165 N  N   A ILE A 29  ? 0.4759 0.4047 0.5839 0.0440  0.1156  -0.1269 27 ILE A N   
166 N  N   B ILE A 29  ? 0.4756 0.4045 0.5841 0.0442  0.1154  -0.1266 27 ILE A N   
167 C  CA  A ILE A 29  ? 0.4164 0.3578 0.5769 0.0549  0.0920  -0.1012 27 ILE A CA  
168 C  CA  B ILE A 29  ? 0.4136 0.3570 0.5724 0.0546  0.0899  -0.1011 27 ILE A CA  
169 C  C   A ILE A 29  ? 0.4323 0.3574 0.6520 0.0682  0.1155  -0.0817 27 ILE A C   
170 C  C   B ILE A 29  ? 0.4217 0.3484 0.6395 0.0669  0.1111  -0.0825 27 ILE A C   
171 O  O   A ILE A 29  ? 0.4374 0.3322 0.6635 0.0683  0.1460  -0.0922 27 ILE A O   
172 O  O   B ILE A 29  ? 0.4334 0.3316 0.6566 0.0660  0.1367  -0.0931 27 ILE A O   
173 C  CB  A ILE A 29  ? 0.4604 0.4047 0.6123 0.0453  0.0676  -0.1093 27 ILE A CB  
174 C  CB  B ILE A 29  ? 0.4817 0.4337 0.6246 0.0440  0.0609  -0.1095 27 ILE A CB  
175 C  CG1 A ILE A 29  ? 0.4606 0.4312 0.5801 0.0382  0.0404  -0.1123 27 ILE A CG1 
176 C  CG1 B ILE A 29  ? 0.4564 0.4184 0.6341 0.0483  0.0358  -0.0860 27 ILE A CG1 
177 C  CG2 A ILE A 29  ? 0.4739 0.4198 0.6734 0.0522  0.0531  -0.0848 27 ILE A CG2 
178 C  CG2 B ILE A 29  ? 0.4639 0.3907 0.5933 0.0335  0.0770  -0.1330 27 ILE A CG2 
179 C  CD1 A ILE A 29  ? 0.4539 0.4292 0.5863 0.0367  0.0152  -0.1023 27 ILE A CD1 
180 C  CD1 B ILE A 29  ? 0.4857 0.4349 0.7012 0.0518  0.0394  -0.0739 27 ILE A CD1 
181 N  N   A VAL A 30  ? 0.4090 0.3559 0.6767 0.0781  0.1039  -0.0510 28 VAL A N   
182 N  N   B VAL A 30  ? 0.4108 0.3570 0.6778 0.0777  0.1033  -0.0517 28 VAL A N   
183 C  CA  A VAL A 30  ? 0.4270 0.3747 0.7657 0.0918  0.1217  -0.0207 28 VAL A CA  
184 C  CA  B VAL A 30  ? 0.4047 0.3485 0.7409 0.0914  0.1238  -0.0233 28 VAL A CA  
185 C  C   A VAL A 30  ? 0.3814 0.3491 0.7549 0.0891  0.0911  0.0026  28 VAL A C   
186 C  C   B VAL A 30  ? 0.3767 0.3473 0.7562 0.0899  0.0906  0.0064  28 VAL A C   
187 O  O   A VAL A 30  ? 0.3801 0.3417 0.7977 0.0985  0.1070  0.0213  28 VAL A O   
188 O  O   B VAL A 30  ? 0.3867 0.3618 0.8249 0.1007  0.1032  0.0348  28 VAL A O   
189 C  CB  A VAL A 30  ? 0.4720 0.4408 0.8509 0.1004  0.1261  0.0042  28 VAL A CB  
190 C  CB  B VAL A 30  ? 0.4931 0.4443 0.8685 0.1037  0.1465  -0.0031 28 VAL A CB  
191 C  CG1 A VAL A 30  ? 0.4591 0.4422 0.9141 0.1096  0.1379  0.0441  28 VAL A CG1 
192 C  CG1 B VAL A 30  ? 0.5374 0.4507 0.8715 0.1051  0.1928  -0.0287 28 VAL A CG1 
193 C  CG2 A VAL A 30  ? 0.5160 0.4624 0.8559 0.1037  0.1600  -0.0159 28 VAL A CG2 
194 C  CG2 B VAL A 30  ? 0.4632 0.4463 0.8352 0.0977  0.1143  0.0069  28 VAL A CG2 
195 N  N   . GLU A 31  ? 0.3545 0.3429 0.7049 0.0755  0.0511  0.0026  29 GLU A N   
196 C  CA  . GLU A 31  ? 0.3983 0.4068 0.7694 0.0662  0.0191  0.0251  29 GLU A CA  
197 C  C   . GLU A 31  ? 0.3986 0.3996 0.7115 0.0494  -0.0071 0.0029  29 GLU A C   
198 O  O   . GLU A 31  ? 0.4046 0.4005 0.6813 0.0460  -0.0071 -0.0161 29 GLU A O   
199 C  CB  . GLU A 31  ? 0.4510 0.4978 0.8713 0.0609  0.0008  0.0596  29 GLU A CB  
200 C  CG  . GLU A 31  ? 0.4391 0.5156 0.8850 0.0473  -0.0321 0.0908  29 GLU A CG  
201 C  CD  . GLU A 31  ? 0.4554 0.5802 0.9560 0.0362  -0.0520 0.1276  29 GLU A CD  
202 O  OE1 . GLU A 31  ? 0.4712 0.5993 0.9544 0.0226  -0.0593 0.1158  29 GLU A OE1 
203 O  OE2 . GLU A 31  ? 0.4586 0.6211 1.0243 0.0406  -0.0590 0.1714  29 GLU A OE2 
204 N  N   . ILE A 32  ? 0.3688 0.3685 0.6752 0.0405  -0.0255 0.0092  30 ILE A N   
205 C  CA  . ILE A 32  ? 0.3975 0.3826 0.6509 0.0255  -0.0424 -0.0113 30 ILE A CA  
206 C  C   . ILE A 32  ? 0.3852 0.3764 0.6332 0.0081  -0.0686 0.0061  30 ILE A C   
207 O  O   . ILE A 32  ? 0.3593 0.3643 0.6402 0.0113  -0.0734 0.0323  30 ILE A O   
208 C  CB  . ILE A 32  ? 0.3971 0.3579 0.6213 0.0310  -0.0264 -0.0393 30 ILE A CB  
209 C  CG1 . ILE A 32  ? 0.3932 0.3440 0.5733 0.0196  -0.0379 -0.0571 30 ILE A CG1 
210 C  CG2 . ILE A 32  ? 0.4400 0.3883 0.6840 0.0366  -0.0163 -0.0324 30 ILE A CG2 
211 C  CD1 . ILE A 32  ? 0.4325 0.3748 0.5909 0.0222  -0.0254 -0.0817 30 ILE A CD1 
212 N  N   . SER A 33  ? 0.4057 0.3859 0.6114 -0.0116 -0.0825 -0.0053 31 SER A N   
213 C  CA  . SER A 33  ? 0.4425 0.4164 0.6199 -0.0346 -0.1033 0.0022  31 SER A CA  
214 C  C   . SER A 33  ? 0.4782 0.4143 0.6037 -0.0410 -0.0941 -0.0259 31 SER A C   
215 O  O   . SER A 33  ? 0.4189 0.3464 0.5410 -0.0274 -0.0769 -0.0439 31 SER A O   
216 C  CB  . SER A 33  ? 0.4445 0.4395 0.6210 -0.0623 -0.1255 0.0185  31 SER A CB  
217 O  OG  . SER A 33  ? 0.5558 0.5278 0.6989 -0.0754 -0.1166 -0.0036 31 SER A OG  
218 N  N   . SER A 34  ? 0.5163 0.4322 0.6026 -0.0621 -0.1040 -0.0263 32 SER A N   
219 C  CA  . SER A 34  ? 0.5313 0.4074 0.5750 -0.0669 -0.0885 -0.0494 32 SER A CA  
220 C  C   . SER A 34  ? 0.5202 0.3804 0.5476 -0.0749 -0.0747 -0.0620 32 SER A C   
221 O  O   . SER A 34  ? 0.5312 0.3667 0.5447 -0.0682 -0.0538 -0.0757 32 SER A O   
222 C  CB  . SER A 34  ? 0.5603 0.4105 0.5591 -0.0902 -0.0966 -0.0471 32 SER A CB  
223 O  OG  . SER A 34  ? 0.6090 0.4632 0.5800 -0.1238 -0.1152 -0.0373 32 SER A OG  
224 N  N   . ASN A 35  ? 0.4358 0.3123 0.4728 -0.0876 -0.0833 -0.0537 33 ASN A N   
225 C  CA  . ASN A 35  ? 0.4819 0.3369 0.5041 -0.0979 -0.0649 -0.0642 33 ASN A CA  
226 C  C   . ASN A 35  ? 0.4108 0.2903 0.4735 -0.0730 -0.0541 -0.0599 33 ASN A C   
227 O  O   . ASN A 35  ? 0.3999 0.2641 0.4591 -0.0761 -0.0349 -0.0638 33 ASN A O   
228 C  CB  . ASN A 35  ? 0.6201 0.4677 0.6145 -0.1396 -0.0775 -0.0625 33 ASN A CB  
229 C  CG  . ASN A 35  ? 0.8255 0.6373 0.7591 -0.1711 -0.0793 -0.0714 33 ASN A CG  
230 O  OD1 . ASN A 35  ? 0.9048 0.6877 0.8189 -0.1572 -0.0575 -0.0817 33 ASN A OD1 
231 N  ND2 . ASN A 35  ? 0.9511 0.7823 0.8637 -0.2027 -0.0998 -0.0620 33 ASN A ND2 
232 N  N   . GLY A 36  ? 0.3982 0.3109 0.4970 -0.0497 -0.0615 -0.0514 34 GLY A N   
233 C  CA  . GLY A 36  ? 0.4660 0.3996 0.5942 -0.0298 -0.0505 -0.0472 34 GLY A CA  
234 C  C   . GLY A 36  ? 0.4229 0.3838 0.5848 -0.0110 -0.0537 -0.0393 34 GLY A C   
235 O  O   . GLY A 36  ? 0.3953 0.3594 0.5647 -0.0102 -0.0625 -0.0355 34 GLY A O   
236 N  N   . ALA A 37  ? 0.3996 0.3752 0.5813 0.0041  -0.0409 -0.0360 35 ALA A N   
237 C  CA  . ALA A 37  ? 0.3837 0.3734 0.5897 0.0217  -0.0316 -0.0332 35 ALA A CA  
238 C  C   . ALA A 37  ? 0.3960 0.3991 0.6267 0.0304  -0.0183 -0.0229 35 ALA A C   
239 O  O   . ALA A 37  ? 0.3696 0.3710 0.5928 0.0274  -0.0137 -0.0214 35 ALA A O   
240 C  CB  . ALA A 37  ? 0.3466 0.3308 0.5268 0.0319  -0.0210 -0.0515 35 ALA A CB  
241 N  N   . VAL A 38  ? 0.3779 0.3889 0.6394 0.0424  -0.0059 -0.0151 36 VAL A N   
242 C  CA  . VAL A 38  ? 0.3515 0.3695 0.6338 0.0543  0.0152  -0.0073 36 VAL A CA  
243 C  C   . VAL A 38  ? 0.3571 0.3623 0.6106 0.0666  0.0390  -0.0250 36 VAL A C   
244 O  O   . VAL A 38  ? 0.3738 0.3670 0.6285 0.0691  0.0491  -0.0331 36 VAL A O   
245 C  CB  . VAL A 38  ? 0.3583 0.3930 0.7024 0.0570  0.0179  0.0182  36 VAL A CB  
246 C  CG1 . VAL A 38  ? 0.3448 0.3835 0.7163 0.0703  0.0455  0.0280  36 VAL A CG1 
247 C  CG2 . VAL A 38  ? 0.3973 0.4523 0.7611 0.0349  -0.0133 0.0352  36 VAL A CG2 
248 N  N   . VAL A 39  ? 0.3496 0.3570 0.5724 0.0710  0.0485  -0.0308 37 VAL A N   
249 C  CA  . VAL A 39  ? 0.4039 0.4048 0.5862 0.0746  0.0675  -0.0473 37 VAL A CA  
250 C  C   . VAL A 39  ? 0.4976 0.4967 0.6815 0.0847  0.0945  -0.0393 37 VAL A C   
251 O  O   . VAL A 39  ? 0.3762 0.3836 0.5915 0.0904  0.0958  -0.0203 37 VAL A O   
252 C  CB  . VAL A 39  ? 0.4352 0.4497 0.5711 0.0686  0.0526  -0.0571 37 VAL A CB  
253 C  CG1 . VAL A 39  ? 0.4104 0.4221 0.5462 0.0593  0.0314  -0.0654 37 VAL A CG1 
254 C  CG2 . VAL A 39  ? 0.4788 0.5086 0.6157 0.0753  0.0493  -0.0388 37 VAL A CG2 
255 N  N   . VAL A 40  ? 0.4679 0.4529 0.6143 0.0835  0.1189  -0.0554 38 VAL A N   
256 C  CA  . VAL A 40  ? 0.4937 0.4699 0.6314 0.0916  0.1502  -0.0497 38 VAL A CA  
257 C  C   . VAL A 40  ? 0.5450 0.5406 0.6266 0.0896  0.1450  -0.0484 38 VAL A C   
258 O  O   . VAL A 40  ? 0.5992 0.6080 0.6294 0.0765  0.1307  -0.0625 38 VAL A O   
259 C  CB  . VAL A 40  ? 0.5184 0.4587 0.6400 0.0885  0.1896  -0.0680 38 VAL A CB  
260 C  CG1 . VAL A 40  ? 0.5230 0.4462 0.6462 0.0992  0.2301  -0.0585 38 VAL A CG1 
261 C  CG2 . VAL A 40  ? 0.5094 0.4351 0.6910 0.0930  0.1953  -0.0631 38 VAL A CG2 
262 N  N   . LYS A 41  ? 0.7860 0.6991 0.7913 -0.0060 0.3782  0.0404  39 LYS A N   
263 C  CA  . LYS A 41  ? 0.8816 0.7339 0.7528 0.0276  0.3698  0.0494  39 LYS A CA  
264 C  C   . LYS A 41  ? 0.9900 0.8090 0.7390 0.0721  0.3741  0.0201  39 LYS A C   
265 O  O   . LYS A 41  ? 0.9592 0.7755 0.7068 0.0777  0.4177  0.0165  39 LYS A O   
266 C  CB  . LYS A 41  ? 1.0204 0.8347 0.8768 0.0223  0.4269  0.1048  39 LYS A CB  
267 C  CG  . LYS A 41  ? 1.1856 0.9285 0.8955 0.0652  0.4384  0.1251  39 LYS A CG  
268 C  CD  . LYS A 41  ? 1.2458 0.9528 0.9660 0.0556  0.4916  0.1754  39 LYS A CD  
269 C  CE  . LYS A 41  ? 1.3844 1.0208 0.9710 0.0990  0.5020  0.2014  39 LYS A CE  
270 N  NZ  . LYS A 41  ? 1.4403 1.0566 1.0774 0.0841  0.5218  0.2310  39 LYS A NZ  
271 N  N   . GLN A 42  ? 1.0685 0.8676 0.7155 0.1047  0.3288  -0.0029 40 GLN A N   
272 C  CA  . GLN A 42  ? 1.2373 1.0135 0.7582 0.1519  0.3306  -0.0336 40 GLN A CA  
273 C  C   . GLN A 42  ? 1.3657 1.0885 0.7478 0.1966  0.3453  -0.0006 40 GLN A C   
274 O  O   . GLN A 42  ? 1.3264 1.0204 0.7151 0.1880  0.3642  0.0496  40 GLN A O   
275 C  CB  . GLN A 42  ? 1.2365 1.0498 0.7515 0.1599  0.2657  -0.1022 40 GLN A CB  
276 C  CG  . GLN A 42  ? 1.1592 1.0166 0.7936 0.1269  0.2633  -0.1381 40 GLN A CG  
277 C  CD  . GLN A 42  ? 1.0914 0.9866 0.7589 0.1199  0.1959  -0.1964 40 GLN A CD  
278 O  OE1 . GLN A 42  ? 1.1069 1.0041 0.7426 0.1261  0.1455  -0.2002 40 GLN A OE1 
279 N  NE2 . GLN A 42  ? 1.0301 0.9539 0.7637 0.1072  0.1978  -0.2424 40 GLN A NE2 
280 N  N   . LYS A 43  ? 1.4895 1.2021 0.7483 0.2458  0.3396  -0.0298 41 LYS A N   
281 C  CA  . LYS A 43  ? 1.6549 1.3215 0.7693 0.2993  0.3560  0.0018  41 LYS A CA  
282 C  C   . LYS A 43  ? 1.6854 1.3463 0.7769 0.3061  0.3096  0.0152  41 LYS A C   
283 O  O   . LYS A 43  ? 1.7463 1.3606 0.8051 0.3155  0.3404  0.0726  41 LYS A O   
284 C  CB  . LYS A 43  ? 1.7285 1.4174 0.7557 0.3413  0.3337  -0.0421 41 LYS A CB  
285 C  CG  . LYS A 43  ? 1.8372 1.4944 0.7671 0.3863  0.3502  -0.0016 41 LYS A CG  
286 C  CD  . LYS A 43  ? 1.8954 1.5961 0.7602 0.4222  0.3075  -0.0496 41 LYS A CD  
287 C  CE  . LYS A 43  ? 1.8831 1.6190 0.7779 0.4085  0.3165  -0.1009 41 LYS A CE  
288 N  NZ  . LYS A 43  ? 1.9551 1.7393 0.7985 0.4360  0.2784  -0.1500 41 LYS A NZ  
289 N  N   . THR A 44  ? 1.6653 1.3722 0.7770 0.3010  0.2383  -0.0392 42 THR A N   
290 C  CA  . THR A 44  ? 1.6679 1.3770 0.7715 0.3024  0.1872  -0.0328 42 THR A CA  
291 C  C   . THR A 44  ? 1.5422 1.2461 0.7762 0.2459  0.1972  0.0071  42 THR A C   
292 O  O   . THR A 44  ? 1.3985 1.1434 0.7592 0.1983  0.1811  -0.0153 42 THR A O   
293 C  CB  . THR A 44  ? 1.6392 1.4054 0.7549 0.3018  0.1090  -0.1063 42 THR A CB  
294 O  OG1 . THR A 44  ? 1.6921 1.4946 0.7929 0.3154  0.1011  -0.1527 42 THR A OG1 
295 C  CG2 . THR A 44  ? 1.6596 1.4344 0.7481 0.3169  0.0551  -0.0980 42 THR A CG2 
296 N  N   . ASP A 45  ? 1.6046 1.2606 0.8087 0.2530  0.2281  0.0659  43 ASP A N   
297 C  CA  . ASP A 45  ? 1.5112 1.1677 0.8349 0.2010  0.2353  0.0989  43 ASP A CA  
298 C  C   . ASP A 45  ? 1.3899 1.0903 0.7701 0.1797  0.1567  0.0645  43 ASP A C   
299 O  O   . ASP A 45  ? 1.4424 1.1299 0.7437 0.2105  0.1188  0.0632  43 ASP A O   
300 C  CB  . ASP A 45  ? 1.6031 1.1937 0.8735 0.2173  0.2874  0.1637  43 ASP A CB  
301 C  CG  . ASP A 45  ? 1.6572 1.2145 0.9587 0.2020  0.3733  0.2054  43 ASP A CG  
302 O  OD1 . ASP A 45  ? 1.5559 1.1498 0.9879 0.1496  0.3884  0.2009  43 ASP A OD1 
303 O  OD2 . ASP A 45  ? 1.7897 1.2939 0.9994 0.2420  0.4199  0.2383  43 ASP A OD2 
304 N  N   . ILE A 46  ? 1.2240 0.9780 0.7392 0.1302  0.1339  0.0382  44 ILE A N   
305 C  CA  . ILE A 46  ? 1.0897 0.8898 0.6692 0.1079  0.0605  0.0027  44 ILE A CA  
306 C  C   . ILE A 46  ? 1.0559 0.8429 0.6639 0.0910  0.0454  0.0370  44 ILE A C   
307 O  O   . ILE A 46  ? 1.0722 0.8316 0.7133 0.0733  0.0975  0.0851  44 ILE A O   
308 C  CB  . ILE A 46  ? 0.9516 0.8111 0.6740 0.0618  0.0498  -0.0255 44 ILE A CB  
309 C  CG1 . ILE A 46  ? 0.8286 0.7032 0.6726 0.0156  0.0889  0.0165  44 ILE A CG1 
310 C  CG2 . ILE A 46  ? 1.0241 0.8901 0.7269 0.0759  0.0767  -0.0548 44 ILE A CG2 
311 C  CD1 . ILE A 46  ? 0.6835 0.6280 0.6726 -0.0260 0.0659  -0.0066 44 ILE A CD1 
312 N  N   . PRO A 47  ? 0.9621 0.7696 0.5600 0.0953  -0.0242 0.0094  45 PRO A N   
313 C  CA  . PRO A 47  ? 0.8196 0.6154 0.4431 0.0801  -0.0423 0.0384  45 PRO A CA  
314 C  C   . PRO A 47  ? 0.6402 0.4673 0.4179 0.0202  -0.0225 0.0592  45 PRO A C   
315 O  O   . PRO A 47  ? 0.5403 0.4215 0.4207 -0.0114 -0.0312 0.0348  45 PRO A O   
316 C  CB  . PRO A 47  ? 0.8183 0.6509 0.4326 0.0868  -0.1271 -0.0094 45 PRO A CB  
317 C  CG  . PRO A 47  ? 0.9281 0.7683 0.4498 0.1275  -0.1428 -0.0548 45 PRO A CG  
318 C  CD  . PRO A 47  ? 0.9322 0.7748 0.4929 0.1151  -0.0871 -0.0530 45 PRO A CD  
319 N  N   . LYS A 48  ? 0.6476 0.4440 0.4421 0.0067  0.0067  0.1024  46 LYS A N   
320 C  CA  . LYS A 48  ? 0.5363 0.3719 0.4784 -0.0501 0.0242  0.1174  46 LYS A CA  
321 C  C   . LYS A 48  ? 0.4668 0.3736 0.5114 -0.0827 -0.0473 0.0826  46 LYS A C   
322 O  O   . LYS A 48  ? 0.3545 0.3208 0.5304 -0.1257 -0.0420 0.0797  46 LYS A O   
323 C  CB  . LYS A 48  ? 0.5839 0.3701 0.5204 -0.0573 0.0694  0.1640  46 LYS A CB  
324 C  CG  . LYS A 48  ? 0.7936 0.5195 0.6724 -0.0392 0.1558  0.2027  46 LYS A CG  
325 C  CD  . LYS A 48  ? 0.7724 0.5431 0.7433 -0.0699 0.1945  0.1961  46 LYS A CD  
326 C  CE  . LYS A 48  ? 0.6708 0.5280 0.7726 -0.1156 0.1701  0.1685  46 LYS A CE  
327 N  NZ  . LYS A 48  ? 0.7788 0.6178 0.8743 -0.1161 0.1991  0.1803  46 LYS A NZ  
328 N  N   . GLU A 49  ? 0.4415 0.4281 0.3939 -0.0222 -0.0041 0.0170  47 GLU A N   
329 C  CA  . GLU A 49  ? 0.3745 0.3879 0.3796 -0.0027 -0.0059 0.0277  47 GLU A CA  
330 C  C   . GLU A 49  ? 0.3266 0.3460 0.3575 -0.0034 -0.0260 0.0345  47 GLU A C   
331 O  O   . GLU A 49  ? 0.3747 0.3707 0.3799 -0.0131 -0.0488 0.0392  47 GLU A O   
332 C  CB  . GLU A 49  ? 0.4427 0.4455 0.4491 0.0115  -0.0062 0.0415  47 GLU A CB  
333 C  CG  . GLU A 49  ? 0.5469 0.5396 0.5310 0.0137  0.0110  0.0368  47 GLU A CG  
334 C  CD  . GLU A 49  ? 0.5902 0.5541 0.5539 0.0227  0.0105  0.0468  47 GLU A CD  
335 O  OE1 . GLU A 49  ? 0.6619 0.6066 0.5961 0.0211  0.0215  0.0425  47 GLU A OE1 
336 O  OE2 . GLU A 49  ? 0.5640 0.5213 0.5433 0.0313  -0.0032 0.0594  47 GLU A OE2 
337 N  N   . GLY A 50  ? 0.3507 0.3959 0.4284 0.0044  -0.0215 0.0362  48 GLY A N   
338 C  CA  . GLY A 50  ? 0.3383 0.3916 0.4502 0.0011  -0.0423 0.0436  48 GLY A CA  
339 C  C   . GLY A 50  ? 0.3128 0.3914 0.4748 0.0081  -0.0311 0.0457  48 GLY A C   
340 O  O   . GLY A 50  ? 0.2650 0.3536 0.4404 0.0206  -0.0090 0.0484  48 GLY A O   
341 N  N   . VAL A 51  ? 0.3071 0.3867 0.4870 -0.0029 -0.0480 0.0448  49 VAL A N   
342 C  CA  . VAL A 51  ? 0.2762 0.3736 0.5017 -0.0004 -0.0398 0.0478  49 VAL A CA  
343 C  C   . VAL A 51  ? 0.2946 0.3747 0.4930 -0.0132 -0.0420 0.0307  49 VAL A C   
344 O  O   . VAL A 51  ? 0.3752 0.4306 0.5406 -0.0292 -0.0617 0.0225  49 VAL A O   
345 C  CB  . VAL A 51  ? 0.3258 0.4405 0.6147 -0.0040 -0.0604 0.0644  49 VAL A CB  
346 C  CG1 . VAL A 51  ? 0.3307 0.4568 0.6602 -0.0073 -0.0504 0.0662  49 VAL A CG1 
347 C  CG2 . VAL A 51  ? 0.3135 0.4475 0.6478 0.0120  -0.0530 0.0819  49 VAL A CG2 
348 N  N   . LEU A 52  ? 0.2487 0.3334 0.4556 -0.0061 -0.0222 0.0254  50 LEU A N   
349 C  CA  . LEU A 52  ? 0.3360 0.4035 0.5293 -0.0136 -0.0203 0.0094  50 LEU A CA  
350 C  C   . LEU A 52  ? 0.3573 0.4279 0.5906 -0.0161 -0.0247 0.0175  50 LEU A C   
351 O  O   . LEU A 52  ? 0.3243 0.4112 0.5907 -0.0066 -0.0136 0.0324  50 LEU A O   
352 C  CB  . LEU A 52  ? 0.3130 0.3824 0.4977 -0.0026 0.0000  -0.0004 50 LEU A CB  
353 C  CG  . LEU A 52  ? 0.4955 0.5500 0.6806 -0.0031 0.0082  -0.0168 50 LEU A CG  
354 C  CD1 . LEU A 52  ? 0.5992 0.6256 0.7439 -0.0180 0.0097  -0.0359 50 LEU A CD1 
355 C  CD2 . LEU A 52  ? 0.4714 0.5375 0.6697 0.0106  0.0212  -0.0206 50 LEU A CD2 
356 N  N   . LYS A 53  ? 0.3184 0.3660 0.5416 -0.0311 -0.0384 0.0077  51 LYS A N   
357 C  CA  . LYS A 53  ? 0.3531 0.3974 0.6113 -0.0370 -0.0426 0.0138  51 LYS A CA  
358 C  C   . LYS A 53  ? 0.3482 0.3712 0.5928 -0.0303 -0.0264 0.0000  51 LYS A C   
359 O  O   . LYS A 53  ? 0.3636 0.3606 0.5719 -0.0333 -0.0222 -0.0204 51 LYS A O   
360 C  CB  . LYS A 53  ? 0.3469 0.3726 0.6043 -0.0601 -0.0738 0.0128  51 LYS A CB  
361 C  CG  . LYS A 53  ? 0.4400 0.4648 0.7435 -0.0707 -0.0807 0.0219  51 LYS A CG  
362 C  CD  . LYS A 53  ? 0.5303 0.5420 0.8439 -0.0969 -0.1213 0.0252  51 LYS A CD  
363 C  CE  . LYS A 53  ? 0.6192 0.5808 0.8993 -0.1158 -0.1325 0.0091  51 LYS A CE  
364 N  NZ  . LYS A 53  ? 0.7179 0.6575 0.9980 -0.1458 -0.1805 0.0121  51 LYS A NZ  
365 N  N   . LEU A 54  ? 0.3277 0.3565 0.6011 -0.0209 -0.0155 0.0117  52 LEU A N   
366 C  CA  . LEU A 54  ? 0.3571 0.3648 0.6253 -0.0110 -0.0052 0.0032  52 LEU A CA  
367 C  C   . LEU A 54  ? 0.3889 0.3733 0.6746 -0.0203 -0.0099 0.0084  52 LEU A C   
368 O  O   . LEU A 54  ? 0.3649 0.3595 0.6787 -0.0274 -0.0105 0.0271  52 LEU A O   
369 C  CB  . LEU A 54  ? 0.4517 0.4719 0.7241 0.0072  0.0058  0.0148  52 LEU A CB  
370 C  CG  . LEU A 54  ? 0.6026 0.6162 0.8708 0.0227  0.0098  0.0045  52 LEU A CG  
371 C  CD1 . LEU A 54  ? 0.5589 0.5826 0.8150 0.0216  0.0150  -0.0149 52 LEU A CD1 
372 C  CD2 . LEU A 54  ? 0.6111 0.6296 0.8743 0.0343  0.0100  0.0213  52 LEU A CD2 
373 N  N   . GLN A 55  ? 0.4363 0.3864 0.7079 -0.0210 -0.0095 -0.0089 53 GLN A N   
374 C  CA  . GLN A 55  ? 0.4455 0.3638 0.7283 -0.0284 -0.0130 -0.0053 53 GLN A CA  
375 C  C   . GLN A 55  ? 0.4829 0.3760 0.7665 -0.0087 -0.0031 -0.0104 53 GLN A C   
376 O  O   . GLN A 55  ? 0.4774 0.3597 0.7525 0.0031  0.0053  -0.0306 53 GLN A O   
377 C  CB  . GLN A 55  ? 0.5251 0.4102 0.7888 -0.0517 -0.0278 -0.0204 53 GLN A CB  
378 C  CG  . GLN A 55  ? 0.6353 0.4829 0.9105 -0.0630 -0.0329 -0.0164 53 GLN A CG  
379 C  CD  . GLN A 55  ? 0.7604 0.5764 1.0189 -0.0933 -0.0560 -0.0259 53 GLN A CD  
380 O  OE1 . GLN A 55  ? 0.8025 0.5914 1.0753 -0.1100 -0.0654 -0.0202 53 GLN A OE1 
381 N  NE2 . GLN A 55  ? 0.8106 0.6228 1.0325 -0.1034 -0.0683 -0.0397 53 GLN A NE2 
382 N  N   . ILE A 56  ? 0.4137 0.2952 0.7106 -0.0049 -0.0029 0.0092  54 ILE A N   
383 C  CA  . ILE A 56  ? 0.4525 0.3046 0.7521 0.0143  -0.0019 0.0103  54 ILE A CA  
384 C  C   . ILE A 56  ? 0.5184 0.3275 0.8188 0.0031  -0.0051 0.0206  54 ILE A C   
385 O  O   . ILE A 56  ? 0.4655 0.2730 0.7662 -0.0061 -0.0026 0.0439  54 ILE A O   
386 C  CB  . ILE A 56  ? 0.4592 0.3263 0.7564 0.0309  -0.0034 0.0289  54 ILE A CB  
387 C  CG1 . ILE A 56  ? 0.5455 0.4548 0.8427 0.0383  -0.0010 0.0199  54 ILE A CG1 
388 C  CG2 . ILE A 56  ? 0.5011 0.3324 0.8041 0.0501  -0.0131 0.0337  54 ILE A CG2 
389 C  CD1 . ILE A 56  ? 0.5860 0.5047 0.8713 0.0498  -0.0065 0.0368  54 ILE A CD1 
390 N  N   . HIS A 57  ? 0.4726 0.2414 0.7702 0.0026  -0.0062 0.0026  55 HIS A N   
391 C  CA  . HIS A 57  ? 0.5314 0.2520 0.8263 -0.0124 -0.0105 0.0087  55 HIS A CA  
392 C  C   . HIS A 57  ? 0.5353 0.2731 0.8385 -0.0442 -0.0149 0.0206  55 HIS A C   
393 O  O   . HIS A 57  ? 0.5228 0.2784 0.8239 -0.0596 -0.0224 0.0074  55 HIS A O   
394 C  CB  . HIS A 57  ? 0.5516 0.2388 0.8467 0.0035  -0.0125 0.0289  55 HIS A CB  
395 C  CG  . HIS A 57  ? 0.6502 0.3103 0.9547 0.0323  -0.0149 0.0154  55 HIS A CG  
396 N  ND1 . HIS A 57  ? 0.5989 0.2373 0.9065 0.0539  -0.0259 0.0331  55 HIS A ND1 
397 C  CD2 . HIS A 57  ? 0.6305 0.2799 0.9444 0.0431  -0.0066 -0.0139 55 HIS A CD2 
398 C  CE1 . HIS A 57  ? 0.6846 0.3183 1.0076 0.0766  -0.0262 0.0160  55 HIS A CE1 
399 N  NE2 . HIS A 57  ? 0.6435 0.2806 0.9747 0.0718  -0.0100 -0.0130 55 HIS A NE2 
400 N  N   . ASN A 58  ? 0.5267 0.2581 0.8418 -0.0547 -0.0104 0.0463  56 ASN A N   
401 C  CA  . ASN A 58  ? 0.5312 0.2880 0.8765 -0.0842 -0.0110 0.0588  56 ASN A CA  
402 C  C   . ASN A 58  ? 0.5171 0.3332 0.8838 -0.0814 0.0003  0.0733  56 ASN A C   
403 O  O   . ASN A 58  ? 0.5245 0.3698 0.9332 -0.1019 0.0022  0.0851  56 ASN A O   
404 C  CB  . ASN A 58  ? 0.5659 0.2847 0.9226 -0.1030 -0.0043 0.0782  56 ASN A CB  
405 C  CG  . ASN A 58  ? 0.6288 0.2836 0.9670 -0.1108 -0.0171 0.0637  56 ASN A CG  
406 O  OD1 . ASN A 58  ? 0.6464 0.2895 0.9727 -0.1164 -0.0321 0.0385  56 ASN A OD1 
407 N  ND2 . ASN A 58  ? 0.6765 0.2866 0.9944 -0.1091 -0.0095 0.0772  56 ASN A ND2 
408 N  N   A PHE A 59  ? 0.4498 0.2830 0.7938 -0.0562 0.0069  0.0719  57 PHE A N   
409 N  N   B PHE A 59  ? 0.4510 0.2828 0.7946 -0.0560 0.0074  0.0726  57 PHE A N   
410 C  CA  A PHE A 59  ? 0.4214 0.2987 0.7751 -0.0513 0.0205  0.0844  57 PHE A CA  
411 C  CA  B PHE A 59  ? 0.4224 0.2995 0.7754 -0.0509 0.0200  0.0838  57 PHE A CA  
412 C  C   A PHE A 59  ? 0.4118 0.3308 0.7713 -0.0480 0.0093  0.0687  57 PHE A C   
413 C  C   B PHE A 59  ? 0.4119 0.3289 0.7739 -0.0510 0.0069  0.0673  57 PHE A C   
414 O  O   A PHE A 59  ? 0.3547 0.2702 0.6885 -0.0346 0.0015  0.0501  57 PHE A O   
415 O  O   B PHE A 59  ? 0.3821 0.2902 0.7204 -0.0427 -0.0040 0.0461  57 PHE A O   
416 C  CB  A PHE A 59  ? 0.4590 0.3194 0.7737 -0.0298 0.0319  0.0956  57 PHE A CB  
417 C  CB  B PHE A 59  ? 0.4279 0.2938 0.7420 -0.0270 0.0288  0.0911  57 PHE A CB  
418 C  CG  A PHE A 59  ? 0.5267 0.4108 0.8390 -0.0284 0.0538  0.1114  57 PHE A CG  
419 C  CG  B PHE A 59  ? 0.4951 0.3162 0.7842 -0.0286 0.0429  0.1137  57 PHE A CG  
420 C  CD1 A PHE A 59  ? 0.5559 0.4232 0.8730 -0.0410 0.0807  0.1331  57 PHE A CD1 
421 C  CD1 B PHE A 59  ? 0.5334 0.3566 0.8357 -0.0448 0.0694  0.1335  57 PHE A CD1 
422 C  CD2 A PHE A 59  ? 0.5495 0.4668 0.8530 -0.0154 0.0525  0.1040  57 PHE A CD2 
423 C  CD2 B PHE A 59  ? 0.5609 0.3340 0.8137 -0.0139 0.0309  0.1163  57 PHE A CD2 
424 C  CE1 A PHE A 59  ? 0.5946 0.4758 0.9067 -0.0385 0.1094  0.1455  57 PHE A CE1 
425 C  CE1 B PHE A 59  ? 0.6086 0.3789 0.8733 -0.0491 0.0880  0.1545  57 PHE A CE1 
426 C  CE2 A PHE A 59  ? 0.5528 0.4830 0.8497 -0.0130 0.0758  0.1168  57 PHE A CE2 
427 C  CE2 B PHE A 59  ? 0.6106 0.3297 0.8250 -0.0173 0.0402  0.1394  57 PHE A CE2 
428 C  CZ  A PHE A 59  ? 0.5638 0.4751 0.8648 -0.0234 0.1060  0.1367  57 PHE A CZ  
429 C  CZ  B PHE A 59  ? 0.6584 0.3722 0.8711 -0.0364 0.0710  0.1581  57 PHE A CZ  
430 N  N   . ILE A 60  ? 0.3721 0.3292 0.7690 -0.0602 0.0101  0.0775  58 ILE A N   
431 C  CA  . ILE A 60  ? 0.3907 0.3801 0.7894 -0.0590 -0.0044 0.0663  58 ILE A CA  
432 C  C   . ILE A 60  ? 0.3531 0.3791 0.7694 -0.0484 0.0132  0.0808  58 ILE A C   
433 O  O   . ILE A 60  ? 0.3937 0.4316 0.8492 -0.0539 0.0324  0.0996  58 ILE A O   
434 C  CB  . ILE A 60  ? 0.5336 0.5287 0.9639 -0.0847 -0.0318 0.0628  58 ILE A CB  
435 C  CG1 . ILE A 60  ? 0.6119 0.5572 1.0118 -0.0973 -0.0474 0.0454  58 ILE A CG1 
436 C  CG2 . ILE A 60  ? 0.5360 0.5557 0.9597 -0.0847 -0.0512 0.0554  58 ILE A CG2 
437 C  CD1 . ILE A 60  ? 0.6696 0.6061 1.0908 -0.1281 -0.0799 0.0431  58 ILE A CD1 
438 N  N   A MSE A 61  ? 0.3247 0.3641 0.7122 -0.0339 0.0113  0.0718  59 MSE A N   
439 N  N   B MSE A 61  ? 0.3328 0.3723 0.7203 -0.0341 0.0109  0.0716  59 MSE A N   
440 C  CA  A MSE A 61  ? 0.3414 0.4087 0.7413 -0.0241 0.0268  0.0832  59 MSE A CA  
441 C  CA  B MSE A 61  ? 0.3469 0.4124 0.7429 -0.0229 0.0279  0.0829  59 MSE A CA  
442 C  C   A MSE A 61  ? 0.3112 0.3952 0.6934 -0.0191 0.0109  0.0714  59 MSE A C   
443 C  C   B MSE A 61  ? 0.3160 0.3973 0.6895 -0.0155 0.0151  0.0712  59 MSE A C   
444 O  O   A MSE A 61  ? 0.3490 0.4196 0.7007 -0.0230 -0.0065 0.0538  59 MSE A O   
445 O  O   B MSE A 61  ? 0.3392 0.4071 0.6755 -0.0136 0.0035  0.0537  59 MSE A O   
446 C  CB  A MSE A 61  ? 0.3978 0.4453 0.7608 -0.0087 0.0533  0.0919  59 MSE A CB  
447 C  CB  B MSE A 61  ? 0.4082 0.4507 0.7691 -0.0092 0.0541  0.0925  59 MSE A CB  
448 C  CG  A MSE A 61  ? 0.4181 0.4456 0.7288 0.0043  0.0437  0.0788  59 MSE A CG  
449 C  CG  B MSE A 61  ? 0.4125 0.4497 0.7236 0.0073  0.0521  0.0837  59 MSE A CG  
450 SE SE  A MSE A 61  ? 0.5992 0.5921 0.8514 0.0196  0.0629  0.0924  59 MSE A SE  
451 SE SE  B MSE A 61  ? 0.5907 0.5786 0.8416 0.0187  0.0681  0.0965  59 MSE A SE  
452 C  CE  A MSE A 61  ? 0.3698 0.3859 0.6305 0.0229  0.0895  0.1014  59 MSE A CE  
453 C  CE  B MSE A 61  ? 0.2986 0.2547 0.5550 0.0132  0.0513  0.0939  59 MSE A CE  
454 N  N   . GLU A 62  ? 0.2689 0.3758 0.6675 -0.0111 0.0212  0.0812  60 GLU A N   
455 C  CA  . GLU A 62  ? 0.2793 0.3957 0.6541 -0.0048 0.0096  0.0733  60 GLU A CA  
456 C  C   . GLU A 62  ? 0.2848 0.3959 0.6261 0.0124  0.0329  0.0758  60 GLU A C   
457 O  O   . GLU A 62  ? 0.3632 0.4710 0.7146 0.0194  0.0591  0.0890  60 GLU A O   
458 C  CB  . GLU A 62  ? 0.2454 0.3877 0.6721 -0.0107 -0.0066 0.0838  60 GLU A CB  
459 C  CG  . GLU A 62  ? 0.3539 0.4936 0.8024 -0.0319 -0.0412 0.0808  60 GLU A CG  
460 C  CD  . GLU A 62  ? 0.3331 0.4938 0.8314 -0.0375 -0.0676 0.0931  60 GLU A CD  
461 O  OE1 . GLU A 62  ? 0.3286 0.4786 0.7994 -0.0461 -0.1021 0.0871  60 GLU A OE1 
462 O  OE2 . GLU A 62  ? 0.3830 0.5553 0.9264 -0.0318 -0.0519 0.1065  60 GLU A OE2 
463 N  N   . LEU A 63  ? 0.2789 0.3839 0.5767 0.0168  0.0248  0.0628  61 LEU A N   
464 C  CA  . LEU A 63  ? 0.3652 0.4602 0.6247 0.0290  0.0384  0.0623  61 LEU A CA  
465 C  C   . LEU A 63  ? 0.2900 0.3917 0.5326 0.0301  0.0301  0.0567  61 LEU A C   
466 O  O   . LEU A 63  ? 0.2885 0.3907 0.5187 0.0214  0.0136  0.0450  61 LEU A O   
467 C  CB  . LEU A 63  ? 0.4150 0.4938 0.6435 0.0313  0.0343  0.0517  61 LEU A CB  
468 C  CG  . LEU A 63  ? 0.4788 0.5386 0.7106 0.0323  0.0396  0.0590  61 LEU A CG  
469 C  CD1 . LEU A 63  ? 0.4551 0.5089 0.6888 0.0313  0.0258  0.0454  61 LEU A CD1 
470 C  CD2 . LEU A 63  ? 0.4959 0.5293 0.6883 0.0407  0.0509  0.0692  61 LEU A CD2 
471 N  N   . CYS A 64  ? 0.2604 0.3591 0.4968 0.0399  0.0446  0.0654  62 CYS A N   
472 C  CA  . CYS A 64  ? 0.3366 0.4311 0.5457 0.0424  0.0395  0.0609  62 CYS A CA  
473 C  C   . CYS A 64  ? 0.3040 0.3864 0.4688 0.0391  0.0356  0.0473  62 CYS A C   
474 O  O   . CYS A 64  ? 0.2953 0.3653 0.4439 0.0426  0.0418  0.0474  62 CYS A O   
475 C  CB  . CYS A 64  ? 0.3419 0.4257 0.5502 0.0556  0.0617  0.0721  62 CYS A CB  
476 S  SG  . CYS A 64  ? 0.2703 0.3771 0.5508 0.0624  0.0638  0.0875  62 CYS A SG  
477 N  N   . TYR A 65  ? 0.3184 0.4014 0.4652 0.0310  0.0245  0.0369  63 TYR A N   
478 C  CA  . TYR A 65  ? 0.2179 0.2967 0.3405 0.0264  0.0246  0.0242  63 TYR A CA  
479 C  C   . TYR A 65  ? 0.2558 0.3249 0.3476 0.0208  0.0239  0.0206  63 TYR A C   
480 O  O   . TYR A 65  ? 0.2620 0.3248 0.3466 0.0192  0.0182  0.0259  63 TYR A O   
481 C  CB  . TYR A 65  ? 0.2320 0.3176 0.3663 0.0179  0.0213  0.0102  63 TYR A CB  
482 C  CG  . TYR A 65  ? 0.2993 0.3762 0.4133 0.0053  0.0166  0.0028  63 TYR A CG  
483 C  CD1 . TYR A 65  ? 0.2795 0.3518 0.3997 0.0001  0.0035  0.0074  63 TYR A CD1 
484 C  CD2 . TYR A 65  ? 0.3028 0.3700 0.3866 -0.0043 0.0234  -0.0078 63 TYR A CD2 
485 C  CE1 . TYR A 65  ? 0.3358 0.3868 0.4215 -0.0140 -0.0077 0.0021  63 TYR A CE1 
486 C  CE2 . TYR A 65  ? 0.3061 0.3512 0.3529 -0.0182 0.0197  -0.0129 63 TYR A CE2 
487 C  CZ  . TYR A 65  ? 0.3692 0.4024 0.4111 -0.0229 0.0016  -0.0079 63 TYR A CZ  
488 O  OH  . TYR A 65  ? 0.4300 0.4282 0.4199 -0.0395 -0.0090 -0.0118 63 TYR A OH  
489 N  N   . GLU A 66  ? 0.2899 0.3565 0.3674 0.0159  0.0263  0.0123  64 GLU A N   
490 C  CA  . GLU A 66  ? 0.2839 0.3405 0.3340 0.0046  0.0280  0.0061  64 GLU A CA  
491 C  C   . GLU A 66  ? 0.2822 0.3515 0.3471 -0.0059 0.0342  -0.0085 64 GLU A C   
492 O  O   . GLU A 66  ? 0.2739 0.3571 0.3689 -0.0007 0.0308  -0.0102 64 GLU A O   
493 C  CB  . GLU A 66  ? 0.3398 0.3763 0.3619 0.0084  0.0284  0.0134  64 GLU A CB  
494 C  CG  . GLU A 66  ? 0.3846 0.4183 0.4072 0.0110  0.0255  0.0131  64 GLU A CG  
495 C  CD  . GLU A 66  ? 0.3693 0.3697 0.3502 0.0131  0.0262  0.0187  64 GLU A CD  
496 O  OE1 . GLU A 66  ? 0.4441 0.4269 0.4036 0.0157  0.0323  0.0228  64 GLU A OE1 
497 O  OE2 . GLU A 66  ? 0.4223 0.4075 0.3878 0.0121  0.0181  0.0193  64 GLU A OE2 
498 N  N   . VAL A 67  ? 0.3114 0.3726 0.3573 -0.0205 0.0440  -0.0179 65 VAL A N   
499 C  CA  . VAL A 67  ? 0.3111 0.3855 0.3802 -0.0318 0.0594  -0.0321 65 VAL A CA  
500 C  C   . VAL A 67  ? 0.3076 0.3855 0.3823 -0.0369 0.0543  -0.0293 65 VAL A C   
501 O  O   . VAL A 67  ? 0.3594 0.4135 0.3920 -0.0426 0.0514  -0.0230 65 VAL A O   
502 C  CB  . VAL A 67  ? 0.3990 0.4518 0.4323 -0.0493 0.0790  -0.0429 65 VAL A CB  
503 C  CG1 . VAL A 67  ? 0.4485 0.5158 0.5145 -0.0621 0.1058  -0.0581 65 VAL A CG1 
504 C  CG2 . VAL A 67  ? 0.3692 0.4069 0.3850 -0.0481 0.0781  -0.0468 65 VAL A CG2 
505 N  N   . ILE A 68  ? 0.2743 0.3775 0.4013 -0.0352 0.0488  -0.0328 66 ILE A N   
506 C  CA  . ILE A 68  ? 0.2758 0.3795 0.4101 -0.0437 0.0351  -0.0295 66 ILE A CA  
507 C  C   . ILE A 68  ? 0.2889 0.4205 0.4816 -0.0592 0.0474  -0.0406 66 ILE A C   
508 O  O   . ILE A 68  ? 0.3338 0.4654 0.5348 -0.0733 0.0373  -0.0390 66 ILE A O   
509 C  CB  . ILE A 68  ? 0.2982 0.3980 0.4388 -0.0320 0.0057  -0.0191 66 ILE A CB  
510 C  CG1 . ILE A 68  ? 0.3397 0.4692 0.5471 -0.0224 -0.0022 -0.0218 66 ILE A CG1 
511 C  CG2 . ILE A 68  ? 0.3136 0.3824 0.3980 -0.0185 0.0034  -0.0080 66 ILE A CG2 
512 C  CD1 . ILE A 68  ? 0.4038 0.5263 0.6233 -0.0180 -0.0385 -0.0116 66 ILE A CD1 
513 N  N   . ARG A 69  ? 0.2491 0.4021 0.4849 -0.0579 0.0716  -0.0526 67 ARG A N   
514 C  CA  . ARG A 69  ? 0.3036 0.4862 0.6088 -0.0717 0.0947  -0.0647 67 ARG A CA  
515 C  C   . ARG A 69  ? 0.3530 0.5330 0.6624 -0.0722 0.1369  -0.0805 67 ARG A C   
516 O  O   . ARG A 69  ? 0.3244 0.4982 0.6265 -0.0567 0.1359  -0.0825 67 ARG A O   
517 C  CB  . ARG A 69  ? 0.2612 0.4828 0.6596 -0.0629 0.0680  -0.0612 67 ARG A CB  
518 C  CG  . ARG A 69  ? 0.3439 0.5968 0.8244 -0.0709 0.0852  -0.0688 67 ARG A CG  
519 C  CD  . ARG A 69  ? 0.3799 0.6564 0.9314 -0.0568 0.0452  -0.0591 67 ARG A CD  
520 N  NE  . ARG A 69  ? 0.4548 0.7233 0.9882 -0.0605 -0.0045 -0.0457 67 ARG A NE  
521 C  CZ  . ARG A 69  ? 0.4691 0.7266 0.9943 -0.0437 -0.0415 -0.0349 67 ARG A CZ  
522 N  NH1 . ARG A 69  ? 0.4630 0.7218 1.0064 -0.0222 -0.0349 -0.0356 67 ARG A NH1 
523 N  NH2 . ARG A 69  ? 0.4345 0.6584 0.9006 -0.0483 -0.0827 -0.0217 67 ARG A NH2 
524 N  N   . ALA A 70  ? 0.2865 0.4596 0.5938 -0.0913 0.1737  -0.0911 68 ALA A N   
525 C  CA  . ALA A 70  ? 0.4393 0.5892 0.7305 -0.0900 0.2095  -0.1049 68 ALA A CA  
526 C  C   . ALA A 70  ? 0.4880 0.6617 0.8585 -0.0889 0.2257  -0.1110 68 ALA A C   
527 O  O   . ALA A 70  ? 0.5381 0.7196 0.9259 -0.1048 0.2340  -0.1097 68 ALA A O   
528 C  CB  . ALA A 70  ? 0.5950 0.6923 0.7876 -0.1113 0.2358  -0.1097 68 ALA A CB  
529 N  N   . GLU A 71  ? 0.4998 0.6839 0.9210 -0.0710 0.2303  -0.1171 69 GLU A N   
530 C  CA  . GLU A 71  ? 0.6180 0.8266 1.1263 -0.0672 0.2457  -0.1223 69 GLU A CA  
531 C  C   . GLU A 71  ? 0.6373 0.8148 1.1365 -0.0657 0.2918  -0.1401 69 GLU A C   
532 O  O   . GLU A 71  ? 0.6274 0.7929 1.1226 -0.0509 0.2898  -0.1442 69 GLU A O   
533 C  CB  . GLU A 71  ? 0.6777 0.9267 1.2698 -0.0474 0.2029  -0.1103 69 GLU A CB  
534 C  CG  . GLU A 71  ? 0.7141 0.9562 1.2764 -0.0306 0.1689  -0.1019 69 GLU A CG  
535 C  CD  . GLU A 71  ? 0.7191 0.9883 1.3433 -0.0156 0.1204  -0.0868 69 GLU A CD  
536 O  OE1 . GLU A 71  ? 0.6814 0.9427 1.3083 0.0020  0.1038  -0.0832 69 GLU A OE1 
537 O  OE2 . GLU A 71  ? 0.7644 1.0570 1.4286 -0.0237 0.0967  -0.0781 69 GLU A OE2 
538 N  N   . ASP A 72  ? 0.8534 0.8205 1.1567 -0.0737 0.4671  -0.0306 70 ASP A N   
539 C  CA  . ASP A 72  ? 0.8726 0.8093 1.1118 -0.0567 0.5079  -0.0274 70 ASP A CA  
540 C  C   . ASP A 72  ? 0.8971 0.7908 1.0107 -0.0358 0.4892  -0.0231 70 ASP A C   
541 O  O   . ASP A 72  ? 0.9501 0.7956 0.9777 -0.0349 0.4839  -0.0055 70 ASP A O   
542 C  CB  . ASP A 72  ? 0.8209 0.8091 1.1464 -0.0485 0.5210  -0.0450 70 ASP A CB  
543 C  CG  . ASP A 72  ? 0.9524 0.9077 1.2298 -0.0385 0.5800  -0.0426 70 ASP A CG  
544 O  OD1 . ASP A 72  ? 0.9241 0.8161 1.0740 -0.0299 0.5943  -0.0311 70 ASP A OD1 
545 O  OD2 . ASP A 72  ? 0.9465 0.9392 1.3108 -0.0384 0.6114  -0.0521 70 ASP A OD2 
546 N  N   . ASN A 73  ? 0.7671 0.6782 0.8736 -0.0180 0.4763  -0.0399 71 ASN A N   
547 C  CA  . ASN A 73  ? 0.8516 0.7267 0.8448 -0.0002 0.4534  -0.0423 71 ASN A CA  
548 C  C   . ASN A 73  ? 0.8167 0.7158 0.8217 0.0032  0.3988  -0.0512 71 ASN A C   
549 O  O   . ASN A 73  ? 0.8868 0.7612 0.8078 0.0161  0.3751  -0.0566 71 ASN A O   
550 C  CB  . ASN A 73  ? 0.9155 0.7755 0.8645 0.0172  0.4769  -0.0585 71 ASN A CB  
551 C  CG  . ASN A 73  ? 1.0454 0.8465 0.8861 0.0207  0.5173  -0.0458 71 ASN A CG  
552 O  OD1 . ASN A 73  ? 1.0788 0.8379 0.8263 0.0214  0.5052  -0.0276 71 ASN A OD1 
553 N  ND2 . ASN A 73  ? 1.0346 0.8316 0.8867 0.0249  0.5656  -0.0543 71 ASN A ND2 
554 N  N   . ASN A 74  ? 0.7425 0.6888 0.8497 -0.0096 0.3774  -0.0542 72 ASN A N   
555 C  CA  . ASN A 74  ? 0.6611 0.6280 0.7810 -0.0091 0.3303  -0.0604 72 ASN A CA  
556 C  C   . ASN A 74  ? 0.6254 0.5786 0.7271 -0.0233 0.3169  -0.0458 72 ASN A C   
557 O  O   . ASN A 74  ? 0.6684 0.6110 0.7915 -0.0387 0.3372  -0.0340 72 ASN A O   
558 C  CB  . ASN A 74  ? 0.6379 0.6641 0.8724 -0.0108 0.3061  -0.0739 72 ASN A CB  
559 C  CG  . ASN A 74  ? 0.7201 0.7545 0.9727 0.0095  0.3128  -0.0882 72 ASN A CG  
560 O  OD1 . ASN A 74  ? 0.7868 0.7814 0.9564 0.0235  0.3250  -0.0948 72 ASN A OD1 
561 N  ND2 . ASN A 74  ? 0.6840 0.7675 1.0428 0.0120  0.3016  -0.0937 72 ASN A ND2 
562 N  N   . ILE A 75  ? 0.5020 0.4517 0.5656 -0.0174 0.2845  -0.0485 73 ILE A N   
563 C  CA  . ILE A 75  ? 0.5481 0.4818 0.5884 -0.0256 0.2668  -0.0356 73 ILE A CA  
564 C  C   . ILE A 75  ? 0.4818 0.4556 0.5787 -0.0321 0.2155  -0.0475 73 ILE A C   
565 O  O   . ILE A 75  ? 0.5183 0.5075 0.6135 -0.0216 0.1870  -0.0583 73 ILE A O   
566 C  CB  . ILE A 75  ? 0.6802 0.5696 0.6070 -0.0068 0.2521  -0.0237 73 ILE A CB  
567 C  CG1 . ILE A 75  ? 0.8487 0.6937 0.7002 0.0026  0.2938  -0.0114 73 ILE A CG1 
568 C  CG2 . ILE A 75  ? 0.6811 0.5528 0.5903 -0.0080 0.2308  -0.0074 73 ILE A CG2 
569 C  CD1 . ILE A 75  ? 0.9224 0.7262 0.6538 0.0231  0.2748  -0.0009 73 ILE A CD1 
570 N  N   . VAL A 76  ? 0.3683 0.3520 0.5093 -0.0507 0.2055  -0.0463 74 VAL A N   
571 C  CA  . VAL A 76  ? 0.3025 0.3138 0.4723 -0.0567 0.1577  -0.0564 74 VAL A CA  
572 C  C   . VAL A 76  ? 0.3518 0.3347 0.4624 -0.0518 0.1374  -0.0494 74 VAL A C   
573 O  O   . VAL A 76  ? 0.3777 0.3288 0.4699 -0.0566 0.1543  -0.0406 74 VAL A O   
574 C  CB  . VAL A 76  ? 0.3703 0.4133 0.6226 -0.0815 0.1513  -0.0667 74 VAL A CB  
575 C  CG1 . VAL A 76  ? 0.3466 0.4087 0.6036 -0.0864 0.1014  -0.0759 74 VAL A CG1 
576 C  CG2 . VAL A 76  ? 0.3803 0.4654 0.7160 -0.0845 0.1712  -0.0731 74 VAL A CG2 
577 N  N   . LEU A 77  ? 0.3617 0.3552 0.4502 -0.0419 0.1051  -0.0527 75 LEU A N   
578 C  CA  . LEU A 77  ? 0.3689 0.3487 0.4200 -0.0359 0.0882  -0.0480 75 LEU A CA  
579 C  C   . LEU A 77  ? 0.3533 0.3474 0.4266 -0.0489 0.0666  -0.0574 75 LEU A C   
580 O  O   . LEU A 77  ? 0.3553 0.3732 0.4570 -0.0567 0.0488  -0.0648 75 LEU A O   
581 C  CB  . LEU A 77  ? 0.3524 0.3367 0.3686 -0.0208 0.0700  -0.0466 75 LEU A CB  
582 C  CG  . LEU A 77  ? 0.4322 0.4008 0.4079 -0.0079 0.0823  -0.0437 75 LEU A CG  
583 C  CD1 . LEU A 77  ? 0.4210 0.3969 0.3682 0.0003  0.0536  -0.0490 75 LEU A CD1 
584 C  CD2 . LEU A 77  ? 0.4361 0.3702 0.3710 0.0004  0.1082  -0.0266 75 LEU A CD2 
585 N  N   . HIS A 78  ? 0.3414 0.3158 0.3960 -0.0487 0.0694  -0.0563 76 HIS A N   
586 C  CA  . HIS A 78  ? 0.3115 0.2888 0.3655 -0.0591 0.0551  -0.0673 76 HIS A CA  
587 C  C   . HIS A 78  ? 0.3457 0.3252 0.3761 -0.0445 0.0502  -0.0620 76 HIS A C   
588 O  O   . HIS A 78  ? 0.3611 0.3270 0.3810 -0.0282 0.0617  -0.0527 76 HIS A O   
589 C  CB  . HIS A 78  ? 0.3453 0.2909 0.4010 -0.0703 0.0724  -0.0750 76 HIS A CB  
590 C  CG  . HIS A 78  ? 0.4131 0.3461 0.4499 -0.0790 0.0661  -0.0906 76 HIS A CG  
591 N  ND1 . HIS A 78  ? 0.4715 0.3632 0.4927 -0.0763 0.0873  -0.0968 76 HIS A ND1 
592 C  CD2 . HIS A 78  ? 0.4150 0.3629 0.4374 -0.0894 0.0442  -0.1013 76 HIS A CD2 
593 C  CE1 . HIS A 78  ? 0.5116 0.3949 0.5084 -0.0855 0.0816  -0.1152 76 HIS A CE1 
594 N  NE2 . HIS A 78  ? 0.4193 0.3361 0.4112 -0.0944 0.0548  -0.1166 76 HIS A NE2 
595 N  N   . PHE A 79  ? 0.3508 0.3480 0.3774 -0.0495 0.0345  -0.0655 77 PHE A N   
596 C  CA  . PHE A 79  ? 0.3455 0.3524 0.3658 -0.0409 0.0359  -0.0618 77 PHE A CA  
597 C  C   . PHE A 79  ? 0.3829 0.3715 0.3892 -0.0433 0.0521  -0.0710 77 PHE A C   
598 O  O   . PHE A 79  ? 0.4226 0.4000 0.4076 -0.0588 0.0490  -0.0816 77 PHE A O   
599 C  CB  . PHE A 79  ? 0.3099 0.3347 0.3311 -0.0485 0.0211  -0.0594 77 PHE A CB  
600 C  CG  . PHE A 79  ? 0.3507 0.3838 0.3830 -0.0461 0.0079  -0.0560 77 PHE A CG  
601 C  CD1 . PHE A 79  ? 0.4092 0.4442 0.4422 -0.0340 0.0090  -0.0542 77 PHE A CD1 
602 C  CD2 . PHE A 79  ? 0.3589 0.3910 0.3937 -0.0537 -0.0053 -0.0546 77 PHE A CD2 
603 C  CE1 . PHE A 79  ? 0.4214 0.4556 0.4532 -0.0321 0.0014  -0.0567 77 PHE A CE1 
604 C  CE2 . PHE A 79  ? 0.3380 0.3699 0.3843 -0.0488 -0.0120 -0.0551 77 PHE A CE2 
605 C  CZ  . PHE A 79  ? 0.3887 0.4208 0.4315 -0.0394 -0.0066 -0.0590 77 PHE A CZ  
606 N  N   . THR A 80  ? 0.3043 0.2874 0.3193 -0.0256 0.0684  -0.0675 78 THR A N   
607 C  CA  . THR A 80  ? 0.3897 0.3427 0.3932 -0.0230 0.0916  -0.0792 78 THR A CA  
608 C  C   . THR A 80  ? 0.4679 0.4288 0.4656 -0.0221 0.1083  -0.0870 78 THR A C   
609 O  O   . THR A 80  ? 0.5234 0.4511 0.4986 -0.0230 0.1313  -0.1033 78 THR A O   
610 C  CB  . THR A 80  ? 0.4596 0.3905 0.4773 0.0010  0.1064  -0.0694 78 THR A CB  
611 O  OG1 . THR A 80  ? 0.4773 0.4446 0.5214 0.0231  0.0951  -0.0521 78 THR A OG1 
612 C  CG2 . THR A 80  ? 0.4575 0.3610 0.4676 -0.0064 0.1049  -0.0642 78 THR A CG2 
613 N  N   . LYS A 81  ? 0.5039 0.5041 0.5213 -0.0221 0.1021  -0.0779 79 LYS A N   
614 C  CA  . LYS A 81  ? 0.5411 0.5519 0.5621 -0.0218 0.1284  -0.0828 79 LYS A CA  
615 C  C   . LYS A 81  ? 0.5624 0.5651 0.5380 -0.0463 0.1267  -0.0845 79 LYS A C   
616 O  O   . LYS A 81  ? 0.4873 0.5074 0.4688 -0.0570 0.1053  -0.0724 79 LYS A O   
617 C  CB  . LYS A 81  ? 0.4993 0.5617 0.5865 -0.0067 0.1298  -0.0711 79 LYS A CB  
618 C  CG  . LYS A 81  ? 0.6106 0.6817 0.7351 0.0223  0.1207  -0.0629 79 LYS A CG  
619 C  CD  . LYS A 81  ? 0.7491 0.7841 0.8707 0.0428  0.1525  -0.0712 79 LYS A CD  
620 C  CE  . LYS A 81  ? 0.7350 0.7619 0.8805 0.0743  0.1422  -0.0560 79 LYS A CE  
621 N  NZ  . LYS A 81  ? 0.3049 0.3911 0.5028 0.0912  0.1130  -0.0386 79 LYS A NZ  
622 N  N   . GLU A 82  ? 0.5922 0.5611 0.5153 -0.0535 0.1502  -0.0994 80 GLU A N   
623 C  CA  . GLU A 82  ? 0.6878 0.6373 0.5451 -0.0743 0.1470  -0.0984 80 GLU A CA  
624 C  C   . GLU A 82  ? 0.6332 0.6090 0.5091 -0.0813 0.1571  -0.0791 80 GLU A C   
625 O  O   . GLU A 82  ? 0.6086 0.5774 0.4575 -0.0946 0.1346  -0.0647 80 GLU A O   
626 C  CB  . GLU A 82  ? 0.8164 0.7204 0.6006 -0.0798 0.1756  -0.1209 80 GLU A CB  
627 C  CG  . GLU A 82  ? 0.9216 0.7936 0.6135 -0.1009 0.1552  -0.1212 80 GLU A CG  
628 C  CD  . GLU A 82  ? 1.0726 0.8996 0.6980 -0.1047 0.1617  -0.1443 80 GLU A CD  
629 O  OE1 . GLU A 82  ? 1.1271 0.9410 0.7347 -0.0976 0.1999  -0.1477 80 GLU A OE1 
630 O  OE2 . GLU A 82  ? 1.1430 0.9543 0.7482 -0.1138 0.1257  -0.1577 80 GLU A OE2 
631 N  N   . ASP A 83  ? 0.6073 0.6137 0.5378 -0.0721 0.1910  -0.0778 81 ASP A N   
632 C  CA  . ASP A 83  ? 0.6558 0.6886 0.6158 -0.0851 0.2067  -0.0619 81 ASP A CA  
633 C  C   . ASP A 83  ? 0.6191 0.6776 0.6254 -0.0914 0.1672  -0.0480 81 ASP A C   
634 O  O   . ASP A 83  ? 0.6540 0.7057 0.6518 -0.1098 0.1661  -0.0335 81 ASP A O   
635 C  CB  . ASP A 83  ? 0.6707 0.7431 0.7003 -0.0749 0.2527  -0.0664 81 ASP A CB  
636 C  CG  . ASP A 83  ? 0.5635 0.6898 0.6921 -0.0532 0.2327  -0.0671 81 ASP A CG  
637 O  OD1 . ASP A 83  ? 0.5016 0.6173 0.6239 -0.0395 0.1981  -0.0693 81 ASP A OD1 
638 O  OD2 . ASP A 83  ? 0.5293 0.7078 0.7398 -0.0499 0.2483  -0.0629 81 ASP A OD2 
639 N  N   . GLU A 84  ? 0.4533 0.5312 0.4991 -0.0762 0.1377  -0.0525 82 GLU A N   
640 C  CA  . GLU A 84  ? 0.4692 0.5606 0.5412 -0.0807 0.1015  -0.0455 82 GLU A CA  
641 C  C   . GLU A 84  ? 0.4516 0.5049 0.4686 -0.0889 0.0768  -0.0402 82 GLU A C   
642 O  O   . GLU A 84  ? 0.4856 0.5352 0.5109 -0.0979 0.0601  -0.0321 82 GLU A O   
643 C  CB  . GLU A 84  ? 0.4695 0.5852 0.5809 -0.0602 0.0805  -0.0504 82 GLU A CB  
644 C  CG  . GLU A 84  ? 0.4237 0.5854 0.6023 -0.0456 0.0936  -0.0522 82 GLU A CG  
645 C  CD  . GLU A 84  ? 0.3934 0.5644 0.5882 -0.0191 0.0726  -0.0515 82 GLU A CD  
646 O  OE1 . GLU A 84  ? 0.2859 0.4270 0.4399 -0.0156 0.0543  -0.0505 82 GLU A OE1 
647 O  OE2 . GLU A 84  ? 0.3797 0.5877 0.6300 0.0005  0.0764  -0.0499 82 GLU A OE2 
648 N  N   . THR A 85  ? 0.4669 0.4929 0.4355 -0.0855 0.0734  -0.0465 83 THR A N   
649 C  CA  . THR A 85  ? 0.5336 0.5356 0.4653 -0.0911 0.0455  -0.0411 83 THR A CA  
650 C  C   . THR A 85  ? 0.6299 0.6055 0.5123 -0.1044 0.0486  -0.0254 83 THR A C   
651 O  O   . THR A 85  ? 0.6203 0.5808 0.4909 -0.1058 0.0235  -0.0122 83 THR A O   
652 C  CB  . THR A 85  ? 0.5587 0.5459 0.4640 -0.0886 0.0345  -0.0547 83 THR A CB  
653 O  OG1 . THR A 85  ? 0.6210 0.5850 0.4747 -0.0942 0.0554  -0.0654 83 THR A OG1 
654 C  CG2 . THR A 85  ? 0.5708 0.5723 0.5192 -0.0760 0.0355  -0.0636 83 THR A CG2 
655 N  N   . ASN A 86  ? 0.6831 0.6490 0.5351 -0.1116 0.0827  -0.0249 84 ASN A N   
656 C  CA  . ASN A 86  ? 0.7224 0.6564 0.5190 -0.1254 0.0960  -0.0047 84 ASN A CA  
657 C  C   . ASN A 86  ? 0.6566 0.5958 0.4996 -0.1343 0.0968  0.0133  84 ASN A C   
658 O  O   . ASN A 86  ? 0.7716 0.6753 0.5788 -0.1397 0.0836  0.0348  84 ASN A O   
659 C  CB  . ASN A 86  ? 0.8222 0.7442 0.5777 -0.1320 0.1453  -0.0096 84 ASN A CB  
660 C  CG  . ASN A 86  ? 0.9395 0.8322 0.6166 -0.1284 0.1441  -0.0286 84 ASN A CG  
661 O  OD1 . ASN A 86  ? 0.8956 0.7737 0.5381 -0.1268 0.1017  -0.0324 84 ASN A OD1 
662 N  ND2 . ASN A 86  ? 1.0793 0.9640 0.7331 -0.1282 0.1920  -0.0435 84 ASN A ND2 
663 N  N   . LYS A 87  ? 0.5997 0.5800 0.5229 -0.1355 0.1089  0.0041  85 LYS A N   
664 C  CA  . LYS A 87  ? 0.5932 0.5781 0.5662 -0.1489 0.1053  0.0133  85 LYS A CA  
665 C  C   . LYS A 87  ? 0.5473 0.5121 0.5196 -0.1411 0.0650  0.0157  85 LYS A C   
666 O  O   . LYS A 87  ? 0.5506 0.4802 0.5152 -0.1503 0.0607  0.0317  85 LYS A O   
667 C  CB  . LYS A 87  ? 0.6045 0.6461 0.6672 -0.1511 0.1131  -0.0024 85 LYS A CB  
668 C  CG  . LYS A 87  ? 0.7323 0.8006 0.8329 -0.1656 0.1590  -0.0001 85 LYS A CG  
669 C  CD  . LYS A 87  ? 0.7683 0.9010 0.9760 -0.1704 0.1519  -0.0137 85 LYS A CD  
670 C  CE  . LYS A 87  ? 0.8087 0.9304 1.0413 -0.1865 0.1194  -0.0156 85 LYS A CE  
671 N  NZ  . LYS A 87  ? 0.7604 0.9280 1.0474 -0.1755 0.0807  -0.0361 85 LYS A NZ  
672 N  N   . LEU A 88  ? 0.4863 0.4700 0.4700 -0.1233 0.0413  0.0003  86 LEU A N   
673 C  CA  . LEU A 88  ? 0.4853 0.4566 0.4757 -0.1127 0.0114  -0.0011 86 LEU A CA  
674 C  C   . LEU A 88  ? 0.5712 0.5031 0.5158 -0.1084 -0.0042 0.0182  86 LEU A C   
675 O  O   . LEU A 88  ? 0.5835 0.4908 0.5389 -0.1037 -0.0184 0.0268  86 LEU A O   
676 C  CB  . LEU A 88  ? 0.4395 0.4360 0.4434 -0.0963 -0.0010 -0.0180 86 LEU A CB  
677 C  CG  . LEU A 88  ? 0.4240 0.4125 0.4416 -0.0846 -0.0219 -0.0218 86 LEU A CG  
678 C  CD1 . LEU A 88  ? 0.4469 0.4255 0.4902 -0.0900 -0.0236 -0.0264 86 LEU A CD1 
679 C  CD2 . LEU A 88  ? 0.3776 0.3872 0.4067 -0.0723 -0.0240 -0.0354 86 LEU A CD2 
680 N  N   . PHE A 89  ? 0.5925 0.5164 0.4845 -0.1080 -0.0040 0.0237  87 PHE A N   
681 C  CA  . PHE A 89  ? 0.6403 0.5312 0.4803 -0.1024 -0.0275 0.0437  87 PHE A CA  
682 C  C   . PHE A 89  ? 0.6555 0.5005 0.4756 -0.1080 -0.0216 0.0727  87 PHE A C   
683 O  O   . PHE A 89  ? 0.7105 0.5304 0.5296 -0.0944 -0.0477 0.0895  87 PHE A O   
684 C  CB  . PHE A 89  ? 0.6978 0.5794 0.4653 -0.1076 -0.0239 0.0422  87 PHE A CB  
685 C  CG  . PHE A 89  ? 0.8348 0.6799 0.5309 -0.1030 -0.0534 0.0660  87 PHE A CG  
686 C  CD1 . PHE A 89  ? 0.8636 0.7234 0.5713 -0.0890 -0.1000 0.0636  87 PHE A CD1 
687 C  CD2 . PHE A 89  ? 0.9825 0.7798 0.6017 -0.1121 -0.0350 0.0930  87 PHE A CD2 
688 C  CE1 . PHE A 89  ? 0.9695 0.8018 0.6147 -0.0812 -0.1372 0.0875  87 PHE A CE1 
689 C  CE2 . PHE A 89  ? 1.0971 0.8548 0.6363 -0.1043 -0.0675 0.1200  87 PHE A CE2 
690 C  CZ  . PHE A 89  ? 1.0641 0.8419 0.6173 -0.0873 -0.1235 0.1171  87 PHE A CZ  
691 N  N   . LEU A 90  ? 0.7102 0.5434 0.5217 -0.1276 0.0157  0.0794  88 LEU A N   
692 C  CA  . LEU A 90  ? 0.7816 0.5621 0.5727 -0.1392 0.0305  0.1092  88 LEU A CA  
693 C  C   . LEU A 90  ? 0.7267 0.4947 0.5821 -0.1377 0.0203  0.1062  88 LEU A C   
694 O  O   . LEU A 90  ? 0.7306 0.4421 0.5681 -0.1352 0.0155  0.1324  88 LEU A O   
695 C  CB  . LEU A 90  ? 0.8492 0.6283 0.6326 -0.1652 0.0813  0.1137  88 LEU A CB  
696 C  CG  . LEU A 90  ? 0.9399 0.7090 0.6368 -0.1667 0.1015  0.1196  88 LEU A CG  
697 C  CD1 . LEU A 90  ? 0.9858 0.7535 0.6840 -0.1915 0.1627  0.1253  88 LEU A CD1 
698 C  CD2 . LEU A 90  ? 1.0634 0.7730 0.6578 -0.1556 0.0748  0.1511  88 LEU A CD2 
699 N  N   . VAL A 91  ? 0.6469 0.4602 0.5695 -0.1380 0.0170  0.0744  89 VAL A N   
700 C  CA  . VAL A 91  ? 0.6246 0.4234 0.5973 -0.1376 0.0078  0.0626  89 VAL A CA  
701 C  C   . VAL A 91  ? 0.5725 0.3525 0.5415 -0.1079 -0.0222 0.0668  89 VAL A C   
702 O  O   . VAL A 91  ? 0.6270 0.3589 0.6068 -0.1011 -0.0269 0.0758  89 VAL A O   
703 C  CB  . VAL A 91  ? 0.6547 0.5065 0.6827 -0.1438 0.0077  0.0271  89 VAL A CB  
704 C  CG1 . VAL A 91  ? 0.6624 0.4916 0.7240 -0.1433 -0.0039 0.0086  89 VAL A CG1 
705 C  CG2 . VAL A 91  ? 0.7155 0.5970 0.7700 -0.1701 0.0342  0.0233  89 VAL A CG2 
706 N  N   . LEU A 92  ? 0.5849 0.4031 0.5471 -0.0904 -0.0400 0.0591  90 LEU A N   
707 C  CA  . LEU A 92  ? 0.5703 0.3874 0.5460 -0.0628 -0.0672 0.0624  90 LEU A CA  
708 C  C   . LEU A 92  ? 0.6555 0.4268 0.5935 -0.0499 -0.0855 0.0992  90 LEU A C   
709 O  O   . LEU A 92  ? 0.7091 0.4597 0.6748 -0.0261 -0.1026 0.1084  90 LEU A O   
710 C  CB  . LEU A 92  ? 0.5412 0.4118 0.5241 -0.0547 -0.0799 0.0462  90 LEU A CB  
711 C  CG  . LEU A 92  ? 0.5495 0.4567 0.5676 -0.0586 -0.0652 0.0156  90 LEU A CG  
712 C  CD1 . LEU A 92  ? 0.4388 0.3859 0.4610 -0.0537 -0.0723 0.0043  90 LEU A CD1 
713 C  CD2 . LEU A 92  ? 0.5374 0.4330 0.5945 -0.0472 -0.0624 0.0014  90 LEU A CD2 
714 N  N   . LYS A 93  ? 0.7199 0.4724 0.5912 -0.0627 -0.0807 0.1214  91 LYS A N   
715 C  CA  . LYS A 93  ? 0.7812 0.4810 0.5947 -0.0504 -0.0997 0.1626  91 LYS A CA  
716 C  C   . LYS A 93  ? 0.8357 0.4656 0.6569 -0.0521 -0.0826 0.1855  91 LYS A C   
717 O  O   . LYS A 93  ? 0.8645 0.4449 0.6692 -0.0284 -0.1041 0.2185  91 LYS A O   
718 C  CB  . LYS A 93  ? 0.8392 0.5261 0.5601 -0.0668 -0.0902 0.1790  91 LYS A CB  
719 C  CG  . LYS A 93  ? 0.9998 0.6247 0.6358 -0.0535 -0.1127 0.2262  91 LYS A CG  
720 C  CD  . LYS A 93  ? 1.1003 0.7011 0.6266 -0.0732 -0.0919 0.2397  91 LYS A CD  
721 C  CE  . LYS A 93  ? 1.2551 0.7903 0.6912 -0.0591 -0.1064 0.2882  91 LYS A CE  
722 N  NZ  . LYS A 93  ? 1.3454 0.8670 0.6902 -0.0760 -0.0697 0.2926  91 LYS A NZ  
723 N  N   . ARG A 94  ? 0.7999 0.4239 0.6500 -0.0799 -0.0458 0.1683  92 ARG A N   
724 C  CA  . ARG A 94  ? 0.8780 0.4330 0.7459 -0.0884 -0.0275 0.1816  92 ARG A CA  
725 C  C   . ARG A 94  ? 0.7693 0.3159 0.6978 -0.0616 -0.0457 0.1636  92 ARG A C   
726 O  O   . ARG A 94  ? 0.8638 0.3440 0.7916 -0.0421 -0.0522 0.1885  92 ARG A O   
727 C  CB  . ARG A 94  ? 0.8425 0.4035 0.7394 -0.1299 0.0117  0.1618  92 ARG A CB  
728 C  CG  . ARG A 94  ? 0.9404 0.4304 0.8684 -0.1460 0.0296  0.1651  92 ARG A CG  
729 C  CD  . ARG A 94  ? 0.9949 0.5091 0.9719 -0.1904 0.0599  0.1379  92 ARG A CD  
730 N  NE  . ARG A 94  ? 1.0554 0.5360 1.0818 -0.1997 0.0585  0.1218  92 ARG A NE  
731 C  CZ  . ARG A 94  ? 1.1908 0.6657 1.2416 -0.2321 0.0755  0.1217  92 ARG A CZ  
732 N  NH1 . ARG A 94  ? 1.2684 0.7761 1.3159 -0.2543 0.1020  0.1385  92 ARG A NH1 
733 N  NH2 . ARG A 94  ? 1.2351 0.6685 1.3102 -0.2423 0.0690  0.1029  92 ARG A NH2 
734 N  N   . LEU A 95  ? 0.7210 0.3297 0.6975 -0.0579 -0.0505 0.1219  93 LEU A N   
735 C  CA  . LEU A 95  ? 0.7439 0.3472 0.7726 -0.0326 -0.0584 0.0997  93 LEU A CA  
736 C  C   . LEU A 95  ? 0.8045 0.4013 0.8434 0.0102  -0.0872 0.1246  93 LEU A C   
737 O  O   . LEU A 95  ? 0.8174 0.3727 0.8922 0.0359  -0.0875 0.1253  93 LEU A O   
738 C  CB  . LEU A 95  ? 0.6630 0.3341 0.7234 -0.0358 -0.0556 0.0560  93 LEU A CB  
739 C  CG  . LEU A 95  ? 0.6974 0.3662 0.8014 -0.0107 -0.0542 0.0287  93 LEU A CG  
740 C  CD1 . LEU A 95  ? 0.7361 0.3277 0.8504 -0.0146 -0.0384 0.0178  93 LEU A CD1 
741 C  CD2 . LEU A 95  ? 0.5981 0.3264 0.7119 -0.0171 -0.0476 -0.0078 93 LEU A CD2 
742 N  N   . ARG A 96  ? 0.8214 0.4604 0.8327 0.0183  -0.1125 0.1426  94 ARG A N   
743 C  CA  . ARG A 96  ? 0.8957 0.5442 0.9241 0.0569  -0.1503 0.1664  94 ARG A CA  
744 C  C   . ARG A 96  ? 0.9721 0.5373 0.9663 0.0758  -0.1617 0.2147  94 ARG A C   
745 O  O   . ARG A 96  ? 0.9573 0.5058 0.9959 0.1157  -0.1826 0.2304  94 ARG A O   
746 C  CB  . ARG A 96  ? 0.9133 0.6244 0.9125 0.0533  -0.1793 0.1690  94 ARG A CB  
747 C  CG  . ARG A 96  ? 1.0242 0.7703 1.0622 0.0895  -0.2266 0.1840  94 ARG A CG  
748 C  CD  . ARG A 96  ? 1.1281 0.9128 1.1104 0.0783  -0.2607 0.1907  94 ARG A CD  
749 N  NE  . ARG A 96  ? 1.2701 0.9938 1.1402 0.0609  -0.2561 0.2217  94 ARG A NE  
750 C  CZ  . ARG A 96  ? 1.3405 1.0727 1.1281 0.0482  -0.2783 0.2295  94 ARG A CZ  
751 N  NH1 . ARG A 96  ? 1.4534 1.1220 1.1329 0.0330  -0.2629 0.2586  94 ARG A NH1 
752 N  NH2 . ARG A 96  ? 1.2899 1.0895 1.1001 0.0482  -0.3125 0.2065  94 ARG A NH2 
753 N  N   . ASP A 97  ? 1.0577 0.5690 0.9759 0.0485  -0.1441 0.2403  95 ASP A N   
754 C  CA  . ASP A 97  ? 1.1840 0.6105 1.0564 0.0614  -0.1415 0.2872  95 ASP A CA  
755 C  C   . ASP A 97  ? 1.1449 0.5120 1.0682 0.0695  -0.1109 0.2765  95 ASP A C   
756 O  O   . ASP A 97  ? 1.1491 0.4669 1.0678 0.1008  -0.1114 0.3042  95 ASP A O   
757 C  CB  . ASP A 97  ? 1.3236 0.7145 1.1067 0.0252  -0.1133 0.3113  95 ASP A CB  
758 C  CG  . ASP A 97  ? 1.4106 0.8440 1.1187 0.0228  -0.1391 0.3233  95 ASP A CG  
759 O  OD1 . ASP A 97  ? 1.4429 0.9247 1.1636 0.0528  -0.1867 0.3228  95 ASP A OD1 
760 O  OD2 . ASP A 97  ? 1.4468 0.8703 1.0892 -0.0099 -0.1085 0.3285  95 ASP A OD2 
761 N  N   . GLU A 98  ? 1.0410 0.4113 1.0066 0.0415  -0.0841 0.2339  96 GLU A N   
762 C  CA  . GLU A 98  ? 1.0994 0.4142 1.1015 0.0438  -0.0549 0.2101  96 GLU A CA  
763 C  C   . GLU A 98  ? 1.0682 0.3932 1.1240 0.0933  -0.0693 0.1980  96 GLU A C   
764 O  O   . GLU A 98  ? 1.1235 0.3815 1.1814 0.1121  -0.0547 0.1992  96 GLU A O   
765 C  CB  . GLU A 98  ? 1.0618 0.3955 1.0909 0.0021  -0.0308 0.1593  96 GLU A CB  
766 C  CG  . GLU A 98  ? 1.1368 0.4352 1.1321 -0.0475 -0.0005 0.1628  96 GLU A CG  
767 C  CD  . GLU A 98  ? 1.0694 0.4224 1.0954 -0.0865 0.0088  0.1143  96 GLU A CD  
768 O  OE1 . GLU A 98  ? 1.1703 0.5311 1.1848 -0.1289 0.0239  0.1151  96 GLU A OE1 
769 O  OE2 . GLU A 98  ? 0.9146 0.3093 0.9771 -0.0727 -0.0017 0.0761  96 GLU A OE2 
770 N  N   . ARG A 99  ? 0.9864 0.3943 1.0862 0.1127  -0.0949 0.1838  97 ARG A N   
771 C  CA  . ARG A 99  ? 1.0035 0.4403 1.1662 0.1591  -0.1039 0.1732  97 ARG A CA  
772 C  C   . ARG A 99  ? 1.1075 0.5281 1.2586 0.1995  -0.1309 0.2203  97 ARG A C   
773 O  O   . ARG A 99  ? 1.1661 0.5738 1.3588 0.2391  -0.1287 0.2194  97 ARG A O   
774 C  CB  . ARG A 99  ? 0.8739 0.4095 1.0903 0.1641  -0.1193 0.1470  97 ARG A CB  
775 C  CG  . ARG A 99  ? 0.7974 0.3468 1.0290 0.1372  -0.0893 0.0969  97 ARG A CG  
776 C  CD  . ARG A 99  ? 0.7675 0.4151 1.0339 0.1385  -0.0974 0.0749  97 ARG A CD  
777 N  NE  . ARG A 99  ? 0.7013 0.3675 0.9565 0.1116  -0.0666 0.0297  97 ARG A NE  
778 C  CZ  . ARG A 99  ? 0.6630 0.3997 0.9400 0.1098  -0.0597 0.0058  97 ARG A CZ  
779 N  NH1 . ARG A 99  ? 0.6733 0.4741 0.9967 0.1285  -0.0799 0.0183  97 ARG A NH1 
780 N  NH2 . ARG A 99  ? 0.5931 0.3344 0.8451 0.0881  -0.0346 -0.0295 97 ARG A NH2 
781 N  N   . LYS A 100 ? 1.1818 0.6027 1.2695 0.1901  -0.1555 0.2604  98 LYS A N   
782 C  CA  . LYS A 100 ? 1.3637 0.7641 1.4200 0.2259  -0.1826 0.3087  98 LYS A CA  
783 C  C   . LYS A 100 ? 1.5365 0.8254 1.5629 0.2397  -0.1522 0.3309  98 LYS A C   
784 O  O   . LYS A 100 ? 1.6409 0.9025 1.6621 0.2833  -0.1688 0.3650  98 LYS A O   
785 C  CB  . LYS A 100 ? 1.4024 0.8175 1.3733 0.2059  -0.2073 0.3420  98 LYS A CB  
786 C  CG  . LYS A 100 ? 1.4026 0.9035 1.3844 0.2300  -0.2620 0.3509  98 LYS A CG  
787 C  CD  . LYS A 100 ? 1.2768 0.8562 1.2611 0.1980  -0.2779 0.3188  98 LYS A CD  
788 C  CE  . LYS A 100 ? 1.3156 0.8775 1.1850 0.1657  -0.2826 0.3383  98 LYS A CE  
789 N  NZ  . LYS A 100 ? 1.2458 0.8847 1.1103 0.1433  -0.3059 0.3090  98 LYS A NZ  
790 N  N   . ASN A 101 ? 1.6054 0.8297 1.6114 0.2011  -0.1096 0.3094  99 ASN A N   
791 C  CA  . ASN A 101 ? 1.7961 0.8994 1.7595 0.1995  -0.0785 0.3222  99 ASN A CA  
792 C  C   . ASN A 101 ? 1.9492 0.9967 1.8344 0.2015  -0.0737 0.3836  99 ASN A C   
793 O  O   . ASN A 101 ? 1.9790 0.9999 1.8275 0.1550  -0.0406 0.3911  99 ASN A O   
794 C  CB  . ASN A 101 ? 1.8768 0.9420 1.8856 0.2444  -0.0820 0.3069  99 ASN A CB  
795 C  CG  . ASN A 101 ? 1.8250 0.9062 1.8915 0.2271  -0.0602 0.2433  99 ASN A CG  
796 O  OD1 . ASN A 101 ? 1.8936 0.8999 1.9423 0.1976  -0.0379 0.2188  99 ASN A OD1 
797 N  ND2 . ASN A 101 ? 1.7106 0.8922 1.8450 0.2422  -0.0689 0.2154  99 ASN A ND2 
# 
